data_8UT6
#
_entry.id   8UT6
#
_cell.length_a   1.00
_cell.length_b   1.00
_cell.length_c   1.00
_cell.angle_alpha   90.00
_cell.angle_beta   90.00
_cell.angle_gamma   90.00
#
_symmetry.space_group_name_H-M   'P 1'
#
loop_
_entity.id
_entity.type
_entity.pdbx_description
1 polymer 'H3D15 pFab HC Fv_polyA'
2 polymer 'H3D15 pFab LC Fv_polyA'
3 polymer Hemagglutinin
4 branched 2-acetamido-2-deoxy-beta-D-glucopyranose-(1-4)-2-acetamido-2-deoxy-beta-D-glucopyranose
5 non-polymer 2-acetamido-2-deoxy-beta-D-glucopyranose
#
loop_
_entity_poly.entity_id
_entity_poly.type
_entity_poly.pdbx_seq_one_letter_code
_entity_poly.pdbx_strand_id
1 'polypeptide(L)'
;(UNK)(UNK)(UNK)(UNK)(UNK)(UNK)(UNK)(UNK)(UNK)(UNK)(UNK)(UNK)(UNK)(UNK)(UNK)(UNK)
(UNK)(UNK)(UNK)(UNK)(UNK)(UNK)(UNK)(UNK)(UNK)(UNK)(UNK)(UNK)(UNK)(UNK)(UNK)(UNK)
(UNK)(UNK)(UNK)(UNK)(UNK)(UNK)(UNK)(UNK)(UNK)(UNK)(UNK)(UNK)(UNK)(UNK)(UNK)(UNK)
(UNK)(UNK)(UNK)(UNK)(UNK)(UNK)(UNK)(UNK)(UNK)(UNK)(UNK)(UNK)(UNK)(UNK)(UNK)(UNK)
(UNK)(UNK)(UNK)(UNK)(UNK)(UNK)(UNK)(UNK)(UNK)(UNK)(UNK)(UNK)(UNK)(UNK)(UNK)(UNK)
(UNK)(UNK)(UNK)(UNK)(UNK)(UNK)(UNK)(UNK)(UNK)(UNK)(UNK)(UNK)(UNK)(UNK)(UNK)(UNK)
(UNK)(UNK)(UNK)(UNK)(UNK)(UNK)(UNK)(UNK)(UNK)(UNK)(UNK)(UNK)(UNK)(UNK)(UNK)(UNK)
(UNK)(UNK)(UNK)(UNK)(UNK)(UNK)(UNK)(UNK)(UNK)(UNK)(UNK)(UNK)(UNK)(UNK)
;
G
2 'polypeptide(L)'
;(UNK)(UNK)(UNK)(UNK)(UNK)(UNK)(UNK)(UNK)(UNK)(UNK)(UNK)(UNK)(UNK)(UNK)(UNK)(UNK)
(UNK)(UNK)(UNK)(UNK)(UNK)(UNK)(UNK)(UNK)(UNK)(UNK)(UNK)(UNK)(UNK)(UNK)(UNK)(UNK)
(UNK)(UNK)(UNK)(UNK)(UNK)(UNK)(UNK)(UNK)(UNK)(UNK)(UNK)(UNK)(UNK)(UNK)(UNK)(UNK)
(UNK)(UNK)(UNK)(UNK)(UNK)(UNK)(UNK)(UNK)(UNK)(UNK)(UNK)(UNK)(UNK)(UNK)(UNK)(UNK)
(UNK)(UNK)(UNK)(UNK)(UNK)(UNK)(UNK)(UNK)(UNK)(UNK)(UNK)(UNK)(UNK)(UNK)(UNK)(UNK)
(UNK)(UNK)(UNK)(UNK)(UNK)(UNK)(UNK)(UNK)(UNK)(UNK)(UNK)(UNK)(UNK)(UNK)(UNK)(UNK)
(UNK)(UNK)(UNK)(UNK)(UNK)(UNK)(UNK)(UNK)(UNK)(UNK)(UNK)
;
H
3 'polypeptide(L)'
;QKLPGNDNSTATLCLGHHAVPNGTIVKTITNDQIEVTNATELVQSSSTGEICDSPHQILDGKNCTLIDALLGDPQCDGFQ
NKKWDLFVERSKAYSNCFPYDVPDYASLRSLVASSGTLEFNNESFNWTGVTQNGTSSACIRRSKNSFFSRLNWLTHLNFK
YPALNVTMPNNEQFDKLYIWGVHHPGTDKDQIFLYAQASGRITVSTKRSQQTVSPNIGSRPRVRNIPSRISIYWTIVKPG
DILLINSTGNLIAPRGYFKIRSGKSSIMRSDAPIGKCNSECITPNGSIPNDKPFQNVNRITYGACPRYVKQNTLKLATGM
RNVPEKQTRGIFGAIAGFIENGWEGMVDGWYGFRHQNSEGRGQAADLKSTQAAIDQINGKLNRLIGKTNEKFHQIEKEFS
EVEGRIQDLEKYVEDTKIDLWSYNAELLVALENQHTIDLTDSEMNKLFEKTKKQLRENAEDMGNGCFKIYHKCDNACIGS
IRNGTYDHDVYRDEALNNRFQIKGGSGYIPEAPRDGQAYVRKDGEWVLLSTFLGSGLNDIFEAQKIEWHEGHHHHHH
;
A,C,E
#
# COMPACT_ATOMS: atom_id res chain seq x y z
N UNK A 1 -16.91 35.88 19.95
CA UNK A 1 -16.18 36.32 18.77
C UNK A 1 -17.15 36.95 17.79
N UNK A 2 -16.84 38.17 17.33
CA UNK A 2 -17.75 38.86 16.42
C UNK A 2 -16.98 39.84 15.54
N UNK A 3 -17.60 40.13 14.39
CA UNK A 3 -17.15 41.16 13.46
C UNK A 3 -18.29 42.15 13.26
N UNK A 4 -17.97 43.44 13.30
CA UNK A 4 -18.95 44.51 13.14
C UNK A 4 -18.55 45.32 11.91
N UNK A 5 -19.44 45.36 10.92
CA UNK A 5 -19.18 46.08 9.69
C UNK A 5 -19.78 47.47 9.74
N UNK A 6 -19.32 48.34 8.85
CA UNK A 6 -19.82 49.70 8.78
C UNK A 6 -21.25 49.71 8.23
N UNK A 7 -21.89 50.87 8.33
CA UNK A 7 -23.25 51.02 7.87
C UNK A 7 -23.35 51.14 6.37
N UNK A 8 -24.60 51.16 5.89
CA UNK A 8 -24.85 51.24 4.46
C UNK A 8 -24.41 52.59 3.90
N UNK A 9 -23.90 52.57 2.67
CA UNK A 9 -23.39 53.75 2.00
C UNK A 9 -23.90 53.79 0.57
N UNK A 10 -24.20 54.99 0.09
CA UNK A 10 -24.66 55.23 -1.27
C UNK A 10 -23.50 55.84 -2.03
N UNK A 11 -23.10 55.18 -3.12
CA UNK A 11 -21.98 55.61 -3.94
C UNK A 11 -22.47 55.90 -5.36
N UNK A 12 -21.70 56.74 -6.08
CA UNK A 12 -21.91 57.01 -7.49
C UNK A 12 -20.90 56.23 -8.33
N UNK A 13 -21.20 55.92 -9.60
CA UNK A 13 -20.19 55.25 -10.43
C UNK A 13 -18.93 56.08 -10.57
N UNK A 14 -17.78 55.40 -10.47
CA UNK A 14 -16.49 56.04 -10.54
C UNK A 14 -15.87 56.38 -9.20
N UNK A 15 -16.66 56.36 -8.12
CA UNK A 15 -16.16 56.68 -6.80
C UNK A 15 -15.49 55.46 -6.17
N UNK A 16 -14.83 55.69 -5.03
CA UNK A 16 -14.17 54.65 -4.25
C UNK A 16 -14.84 54.57 -2.88
N UNK A 17 -14.97 53.36 -2.35
CA UNK A 17 -15.62 53.12 -1.07
C UNK A 17 -14.65 52.38 -0.16
N UNK A 18 -14.54 52.81 1.09
CA UNK A 18 -13.68 52.18 2.10
C UNK A 18 -14.59 51.59 3.18
N UNK A 19 -14.61 50.26 3.26
CA UNK A 19 -15.49 49.50 4.15
C UNK A 19 -14.66 48.95 5.31
N UNK A 20 -15.08 49.27 6.54
CA UNK A 20 -14.39 48.81 7.74
C UNK A 20 -15.02 47.50 8.27
N UNK A 21 -14.22 46.78 9.06
CA UNK A 21 -14.66 45.55 9.74
C UNK A 21 -13.92 45.47 11.08
N UNK A 22 -14.60 45.79 12.17
CA UNK A 22 -14.00 45.78 13.51
C UNK A 22 -14.19 44.42 14.13
N UNK A 23 -13.11 43.86 14.68
CA UNK A 23 -13.11 42.52 15.25
C UNK A 23 -13.05 42.58 16.77
N UNK A 24 -13.72 41.63 17.42
CA UNK A 24 -13.61 41.50 18.86
C UNK A 24 -13.82 40.04 19.25
N UNK A 25 -13.31 39.70 20.43
CA UNK A 25 -13.39 38.35 20.97
C UNK A 25 -12.18 37.48 20.70
N UNK A 26 -11.15 38.00 20.03
CA UNK A 26 -9.93 37.25 19.80
C UNK A 26 -8.79 38.24 19.58
N UNK A 27 -7.56 37.72 19.65
CA UNK A 27 -6.39 38.58 19.69
C UNK A 27 -6.13 39.31 18.37
N UNK A 28 -6.73 38.84 17.27
CA UNK A 28 -6.76 39.51 15.98
C UNK A 28 -5.43 39.46 15.21
N UNK A 29 -4.34 39.05 15.85
CA UNK A 29 -3.06 38.86 15.18
C UNK A 29 -2.81 37.42 14.81
N UNK A 30 -3.66 36.50 15.27
CA UNK A 30 -3.55 35.08 14.95
C UNK A 30 -4.42 34.67 13.78
N UNK A 31 -5.20 35.59 13.20
CA UNK A 31 -6.11 35.27 12.11
C UNK A 31 -6.03 36.33 11.03
N UNK A 32 -6.32 35.92 9.77
CA UNK A 32 -6.53 36.86 8.69
C UNK A 32 -8.00 37.21 8.52
N UNK A 33 -8.25 38.22 7.69
CA UNK A 33 -9.60 38.69 7.36
C UNK A 33 -9.80 38.55 5.85
N UNK A 34 -10.90 37.91 5.47
CA UNK A 34 -11.27 37.70 4.08
C UNK A 34 -12.53 38.50 3.76
N UNK A 35 -12.59 39.05 2.54
CA UNK A 35 -13.77 39.76 2.08
C UNK A 35 -14.42 39.00 0.92
N UNK A 36 -15.75 38.87 1.01
CA UNK A 36 -16.62 38.17 0.06
C UNK A 36 -17.84 39.06 -0.23
N UNK A 37 -18.28 39.11 -1.49
CA UNK A 37 -19.48 39.89 -1.86
C UNK A 37 -20.53 39.03 -2.51
N UNK A 38 -21.79 39.45 -2.33
CA UNK A 38 -22.96 38.82 -2.92
C UNK A 38 -23.76 39.87 -3.68
N UNK A 39 -23.81 39.74 -4.99
CA UNK A 39 -24.77 40.52 -5.76
C UNK A 39 -26.18 40.05 -5.42
N UNK A 40 -27.20 40.91 -5.55
CA UNK A 40 -28.55 40.52 -5.11
C UNK A 40 -29.11 39.32 -5.86
N UNK A 41 -28.71 39.13 -7.12
CA UNK A 41 -29.14 38.00 -7.92
C UNK A 41 -28.12 36.90 -8.14
N UNK A 42 -27.00 36.91 -7.40
CA UNK A 42 -25.92 35.94 -7.58
C UNK A 42 -25.56 35.33 -6.23
N UNK A 43 -24.60 34.42 -6.25
CA UNK A 43 -24.09 33.79 -5.07
C UNK A 43 -22.88 34.52 -4.49
N UNK A 44 -22.13 33.80 -3.67
CA UNK A 44 -20.96 34.35 -2.99
C UNK A 44 -19.77 34.36 -3.94
N UNK A 45 -19.21 35.55 -4.16
CA UNK A 45 -17.99 35.73 -4.94
C UNK A 45 -16.87 36.15 -4.00
N UNK A 46 -15.81 35.35 -3.91
CA UNK A 46 -14.70 35.68 -3.05
C UNK A 46 -13.91 36.84 -3.64
N UNK A 47 -13.57 37.83 -2.82
CA UNK A 47 -12.86 39.02 -3.27
C UNK A 47 -11.40 39.06 -2.85
N UNK A 48 -11.08 38.68 -1.62
CA UNK A 48 -9.70 38.84 -1.21
C UNK A 48 -9.47 38.47 0.23
N UNK A 49 -8.18 38.51 0.62
CA UNK A 49 -7.77 38.16 1.96
C UNK A 49 -6.57 39.03 2.35
N UNK A 50 -6.55 39.46 3.61
CA UNK A 50 -5.46 40.22 4.22
C UNK A 50 -5.07 39.55 5.52
N UNK A 51 -3.77 39.43 5.75
CA UNK A 51 -3.25 38.88 6.99
C UNK A 51 -3.09 40.01 8.01
N UNK A 52 -3.80 39.90 9.13
CA UNK A 52 -3.53 40.80 10.24
C UNK A 52 -2.17 40.49 10.85
N UNK A 53 -1.73 39.23 10.76
CA UNK A 53 -0.41 38.84 11.24
C UNK A 53 0.70 39.44 10.40
N UNK A 54 0.56 39.38 9.07
CA UNK A 54 1.63 39.73 8.13
C UNK A 54 1.41 41.09 7.49
N UNK A 55 0.17 41.41 7.14
CA UNK A 55 -0.11 42.43 6.15
C UNK A 55 -0.05 41.93 4.72
N UNK A 56 0.19 40.63 4.51
CA UNK A 56 0.20 40.08 3.17
C UNK A 56 -1.21 40.07 2.59
N UNK A 57 -1.30 40.23 1.28
CA UNK A 57 -2.56 40.32 0.57
C UNK A 57 -2.69 39.21 -0.47
N UNK A 58 -3.94 38.93 -0.81
CA UNK A 58 -4.28 37.98 -1.88
C UNK A 58 -5.58 38.50 -2.47
N UNK A 59 -5.62 38.66 -3.79
CA UNK A 59 -6.80 39.21 -4.46
C UNK A 59 -7.29 38.25 -5.54
N UNK A 60 -8.60 38.22 -5.73
CA UNK A 60 -9.17 37.55 -6.89
C UNK A 60 -8.79 38.32 -8.15
N UNK A 61 -8.52 37.57 -9.23
CA UNK A 61 -8.02 38.20 -10.45
C UNK A 61 -9.05 39.15 -11.05
N UNK A 62 -10.34 38.90 -10.83
CA UNK A 62 -11.37 39.79 -11.36
C UNK A 62 -11.27 41.18 -10.77
N UNK A 63 -10.78 41.28 -9.52
CA UNK A 63 -10.73 42.53 -8.77
C UNK A 63 -9.30 43.05 -8.56
N UNK A 64 -8.31 42.47 -9.23
CA UNK A 64 -6.94 42.95 -9.07
C UNK A 64 -6.77 44.31 -9.73
N UNK A 65 -6.14 45.24 -9.02
CA UNK A 65 -5.94 46.59 -9.48
C UNK A 65 -6.98 47.58 -8.99
N UNK A 66 -8.11 47.10 -8.47
CA UNK A 66 -9.18 47.94 -7.93
C UNK A 66 -9.37 47.78 -6.43
N UNK A 67 -8.85 46.71 -5.83
CA UNK A 67 -9.05 46.39 -4.42
C UNK A 67 -7.72 46.50 -3.68
N UNK A 68 -7.74 47.23 -2.57
CA UNK A 68 -6.60 47.35 -1.68
C UNK A 68 -7.08 47.06 -0.27
N UNK A 69 -6.36 46.22 0.45
CA UNK A 69 -6.73 45.84 1.81
C UNK A 69 -5.68 46.35 2.79
N UNK A 70 -6.14 46.75 3.98
CA UNK A 70 -5.27 47.23 5.04
C UNK A 70 -5.81 46.77 6.38
N UNK A 71 -4.92 46.60 7.35
CA UNK A 71 -5.32 46.20 8.69
C UNK A 71 -4.71 47.15 9.71
N UNK A 72 -5.52 47.63 10.64
CA UNK A 72 -5.11 48.46 11.75
C UNK A 72 -5.25 47.59 13.00
N UNK A 73 -4.12 47.10 13.51
CA UNK A 73 -4.12 46.18 14.64
C UNK A 73 -4.29 46.88 15.98
N UNK A 74 -4.13 48.21 16.04
CA UNK A 74 -4.27 48.91 17.30
C UNK A 74 -5.72 48.98 17.77
N UNK A 75 -6.69 48.93 16.84
CA UNK A 75 -8.10 48.85 17.15
C UNK A 75 -8.73 47.56 16.61
N UNK A 76 -7.92 46.62 16.11
CA UNK A 76 -8.38 45.33 15.63
C UNK A 76 -9.43 45.47 14.53
N UNK A 77 -9.12 46.30 13.53
CA UNK A 77 -10.08 46.62 12.46
C UNK A 77 -9.41 46.53 11.10
N UNK A 78 -10.07 45.84 10.18
CA UNK A 78 -9.63 45.68 8.80
C UNK A 78 -10.39 46.64 7.89
N UNK A 79 -9.74 47.09 6.81
CA UNK A 79 -10.38 47.97 5.84
C UNK A 79 -10.18 47.42 4.43
N UNK A 80 -11.20 47.65 3.60
CA UNK A 80 -11.21 47.33 2.18
C UNK A 80 -11.51 48.59 1.38
N UNK A 81 -10.60 48.96 0.47
CA UNK A 81 -10.80 50.10 -0.42
C UNK A 81 -11.07 49.55 -1.80
N UNK A 82 -12.28 49.79 -2.31
CA UNK A 82 -12.72 49.35 -3.63
C UNK A 82 -12.84 50.60 -4.50
N UNK A 83 -12.00 50.68 -5.52
CA UNK A 83 -11.92 51.83 -6.41
C UNK A 83 -12.66 51.56 -7.72
N UNK A 84 -13.03 52.65 -8.40
CA UNK A 84 -13.69 52.61 -9.70
C UNK A 84 -14.99 51.79 -9.63
N UNK A 85 -15.89 52.25 -8.77
CA UNK A 85 -17.16 51.56 -8.57
C UNK A 85 -18.02 51.63 -9.83
N UNK A 86 -18.68 50.52 -10.15
CA UNK A 86 -19.58 50.40 -11.28
C UNK A 86 -20.93 49.90 -10.79
N UNK A 87 -21.90 49.84 -11.70
CA UNK A 87 -23.24 49.43 -11.29
C UNK A 87 -23.32 47.94 -10.94
N UNK A 88 -22.39 47.13 -11.45
CA UNK A 88 -22.36 45.71 -11.10
C UNK A 88 -21.76 45.48 -9.72
N UNK A 89 -21.24 46.52 -9.07
CA UNK A 89 -20.67 46.41 -7.74
C UNK A 89 -21.69 46.67 -6.64
N UNK A 90 -22.97 46.85 -7.00
CA UNK A 90 -24.03 46.87 -6.01
C UNK A 90 -24.16 45.46 -5.46
N UNK A 91 -23.86 45.29 -4.17
CA UNK A 91 -23.77 43.97 -3.57
C UNK A 91 -23.68 44.16 -2.06
N UNK A 92 -23.88 43.06 -1.33
CA UNK A 92 -23.67 43.03 0.10
C UNK A 92 -22.28 42.44 0.37
N UNK A 93 -21.41 43.27 0.94
CA UNK A 93 -20.03 42.92 1.23
C UNK A 93 -19.89 42.42 2.65
N UNK A 94 -19.30 41.24 2.83
CA UNK A 94 -19.09 40.64 4.13
C UNK A 94 -17.60 40.47 4.38
N UNK A 95 -17.22 40.62 5.64
CA UNK A 95 -15.89 40.28 6.13
C UNK A 95 -16.02 39.00 6.95
N UNK A 96 -14.96 38.20 6.97
CA UNK A 96 -14.95 37.00 7.78
C UNK A 96 -13.54 36.71 8.29
N UNK A 97 -13.47 36.02 9.43
CA UNK A 97 -12.18 35.63 9.97
C UNK A 97 -11.58 34.52 9.11
N UNK A 98 -10.29 34.64 8.78
CA UNK A 98 -9.65 33.78 7.80
C UNK A 98 -8.72 32.72 8.35
N UNK A 99 -7.54 32.63 7.77
CA UNK A 99 -6.56 31.59 8.09
C UNK A 99 -5.92 31.86 9.45
N UNK A 100 -5.55 30.78 10.14
CA UNK A 100 -4.70 30.90 11.32
C UNK A 100 -3.30 31.33 10.89
N UNK A 101 -2.73 32.30 11.59
CA UNK A 101 -1.44 32.89 11.24
C UNK A 101 -0.51 32.88 12.45
N UNK A 102 0.75 32.55 12.21
CA UNK A 102 1.74 32.50 13.26
C UNK A 102 1.76 31.20 14.03
N UNK A 103 0.83 30.28 13.77
CA UNK A 103 0.74 29.00 14.45
C UNK A 103 0.57 27.92 13.39
N UNK A 104 1.21 26.77 13.61
CA UNK A 104 1.10 25.66 12.66
C UNK A 104 -0.30 25.07 12.76
N UNK A 105 -0.92 24.87 11.60
CA UNK A 105 -2.31 24.41 11.52
C UNK A 105 -2.30 22.89 11.44
N UNK A 106 -3.02 22.25 12.37
CA UNK A 106 -3.22 20.81 12.38
C UNK A 106 -4.70 20.43 12.36
N UNK A 107 -5.57 21.36 11.94
CA UNK A 107 -7.00 21.13 11.98
C UNK A 107 -7.61 21.89 10.81
N UNK A 108 -8.56 21.24 10.13
CA UNK A 108 -9.21 21.86 8.96
C UNK A 108 -10.09 23.04 9.35
N UNK A 109 -10.45 23.18 10.62
CA UNK A 109 -11.22 24.32 11.08
C UNK A 109 -10.52 25.63 10.75
N UNK A 110 -9.20 25.65 10.74
CA UNK A 110 -8.45 26.86 10.54
C UNK A 110 -8.16 27.14 9.07
N UNK A 111 -8.78 26.39 8.14
CA UNK A 111 -8.67 26.65 6.71
C UNK A 111 -9.95 27.23 6.12
N UNK A 112 -10.97 27.49 6.92
CA UNK A 112 -12.25 28.02 6.48
C UNK A 112 -12.55 29.30 7.27
N UNK A 113 -13.66 29.96 6.91
CA UNK A 113 -14.10 31.17 7.59
C UNK A 113 -15.32 30.82 8.43
N UNK A 114 -15.18 30.96 9.76
CA UNK A 114 -16.23 30.64 10.71
C UNK A 114 -17.04 31.86 11.13
N UNK A 115 -16.38 32.96 11.44
CA UNK A 115 -17.01 34.16 11.97
C UNK A 115 -17.23 35.13 10.81
N UNK A 116 -18.48 35.44 10.49
CA UNK A 116 -18.72 36.40 9.40
C UNK A 116 -19.18 37.71 10.02
N UNK A 117 -19.71 38.61 9.22
CA UNK A 117 -20.09 39.94 9.69
C UNK A 117 -21.47 40.34 9.18
N UNK A 118 -22.17 41.28 9.82
CA UNK A 118 -23.42 41.82 9.24
C UNK A 118 -22.92 42.55 8.00
N UNK A 119 -23.51 42.36 6.81
CA UNK A 119 -22.88 42.93 5.61
C UNK A 119 -22.80 44.47 5.65
N UNK A 120 -21.85 45.09 4.93
CA UNK A 120 -21.84 46.56 4.74
C UNK A 120 -23.02 47.00 3.89
N UNK A 121 -23.38 46.25 2.84
CA UNK A 121 -24.49 46.61 1.90
C UNK A 121 -24.27 47.90 1.13
N UNK A 122 -23.25 47.94 0.26
CA UNK A 122 -23.00 49.14 -0.59
C UNK A 122 -23.87 49.10 -1.85
N UNK A 123 -24.59 50.19 -2.11
CA UNK A 123 -25.36 50.34 -3.35
C UNK A 123 -24.71 51.42 -4.20
N UNK A 124 -24.49 51.10 -5.48
CA UNK A 124 -23.90 52.02 -6.44
C UNK A 124 -24.91 52.22 -7.56
N UNK A 125 -25.37 53.46 -7.73
CA UNK A 125 -26.38 53.77 -8.73
C UNK A 125 -26.28 55.24 -9.08
N UNK A 126 -26.92 55.61 -10.18
CA UNK A 126 -26.96 57.00 -10.63
C UNK A 126 -28.32 57.31 -11.24
N UNK B 1 -9.46 26.79 -10.12
CA UNK B 1 -10.51 25.80 -9.94
C UNK B 1 -11.85 26.51 -9.88
N UNK B 2 -12.85 25.90 -10.49
CA UNK B 2 -14.23 26.39 -10.47
C UNK B 2 -15.10 25.29 -9.86
N UNK B 3 -16.03 25.68 -9.01
CA UNK B 3 -16.97 24.77 -8.37
C UNK B 3 -18.36 24.92 -8.98
N UNK B 4 -19.02 23.79 -9.21
CA UNK B 4 -20.38 23.76 -9.71
C UNK B 4 -21.21 22.80 -8.86
N UNK B 5 -22.40 23.24 -8.47
CA UNK B 5 -23.34 22.45 -7.68
C UNK B 5 -24.47 22.02 -8.62
N UNK B 6 -24.57 20.71 -8.86
CA UNK B 6 -25.48 20.18 -9.86
C UNK B 6 -26.95 20.47 -9.60
N UNK B 7 -27.53 20.20 -8.41
CA UNK B 7 -28.99 20.21 -8.30
C UNK B 7 -29.64 21.56 -8.52
N UNK B 8 -28.91 22.67 -8.38
CA UNK B 8 -29.53 23.96 -8.54
C UNK B 8 -30.50 24.26 -7.41
N UNK B 9 -31.79 24.27 -7.72
CA UNK B 9 -32.84 24.43 -6.71
C UNK B 9 -33.66 23.15 -6.62
N UNK B 10 -33.78 22.61 -5.40
CA UNK B 10 -34.54 21.39 -5.15
C UNK B 10 -35.47 21.66 -3.98
N UNK B 11 -36.75 21.35 -4.14
CA UNK B 11 -37.77 21.60 -3.13
C UNK B 11 -38.22 20.29 -2.51
N UNK B 12 -38.14 20.23 -1.17
CA UNK B 12 -38.59 19.04 -0.42
C UNK B 12 -39.19 19.51 0.91
N UNK B 13 -40.41 19.10 1.21
CA UNK B 13 -41.09 19.56 2.44
C UNK B 13 -40.40 18.91 3.64
N UNK B 14 -40.57 19.45 4.84
CA UNK B 14 -39.77 18.96 5.97
C UNK B 14 -39.97 17.45 6.14
N UNK B 15 -38.96 16.75 6.66
CA UNK B 15 -39.02 15.29 6.91
C UNK B 15 -38.36 14.53 5.75
N UNK B 16 -38.08 15.21 4.64
CA UNK B 16 -37.28 14.59 3.56
C UNK B 16 -35.78 14.67 3.90
N UNK B 17 -34.95 13.79 3.35
CA UNK B 17 -33.48 13.86 3.53
C UNK B 17 -32.92 14.51 2.26
N UNK B 18 -32.12 15.57 2.41
CA UNK B 18 -31.67 16.32 1.22
C UNK B 18 -30.26 15.91 0.82
N UNK B 19 -30.05 15.63 -0.47
CA UNK B 19 -28.68 15.40 -0.90
C UNK B 19 -28.24 16.55 -1.79
N UNK B 20 -27.14 17.19 -1.41
CA UNK B 20 -26.54 18.31 -2.13
C UNK B 20 -25.18 17.82 -2.61
N UNK B 21 -24.69 18.39 -3.71
CA UNK B 21 -23.43 17.94 -4.27
C UNK B 21 -22.62 19.13 -4.76
N UNK B 22 -21.33 18.87 -4.92
CA UNK B 22 -20.36 19.88 -5.32
C UNK B 22 -19.29 19.21 -6.18
N UNK B 23 -19.15 19.68 -7.42
CA UNK B 23 -18.16 19.17 -8.36
C UNK B 23 -16.99 20.15 -8.43
N UNK B 24 -15.79 19.63 -8.21
CA UNK B 24 -14.55 20.39 -8.41
C UNK B 24 -13.91 19.96 -9.73
N UNK B 25 -13.40 20.95 -10.46
CA UNK B 25 -12.77 20.67 -11.75
C UNK B 25 -11.46 19.89 -11.62
N UNK B 26 -10.82 19.92 -10.44
CA UNK B 26 -9.58 19.21 -10.20
C UNK B 26 -9.67 18.42 -8.90
N UNK B 27 -8.98 17.28 -8.88
CA UNK B 27 -8.96 16.44 -7.69
C UNK B 27 -8.08 17.09 -6.62
N UNK B 28 -8.68 17.35 -5.45
CA UNK B 28 -8.03 18.12 -4.40
C UNK B 28 -8.30 17.47 -3.04
N UNK B 29 -7.65 18.04 -2.02
CA UNK B 29 -7.79 17.53 -0.66
C UNK B 29 -9.19 17.77 -0.11
N UNK B 30 -9.71 16.77 0.60
CA UNK B 30 -11.00 16.91 1.29
C UNK B 30 -10.89 17.87 2.48
N UNK B 31 -9.70 18.01 3.05
CA UNK B 31 -9.46 18.87 4.19
C UNK B 31 -9.65 20.36 3.90
N UNK B 32 -9.75 20.74 2.64
CA UNK B 32 -9.93 22.14 2.22
C UNK B 32 -11.36 22.47 1.79
N UNK B 33 -12.31 21.57 1.99
CA UNK B 33 -13.69 21.82 1.60
C UNK B 33 -14.50 22.24 2.83
N UNK B 34 -15.40 23.20 2.63
CA UNK B 34 -16.33 23.61 3.67
C UNK B 34 -17.70 23.86 3.05
N UNK B 35 -18.74 23.68 3.86
CA UNK B 35 -20.11 23.99 3.47
C UNK B 35 -20.65 25.10 4.35
N UNK B 36 -21.41 26.02 3.74
CA UNK B 36 -22.05 27.13 4.43
C UNK B 36 -23.56 27.12 4.20
N UNK B 37 -24.30 27.52 5.24
CA UNK B 37 -25.75 27.69 5.19
C UNK B 37 -26.09 29.16 5.43
N UNK B 38 -26.61 29.85 4.40
CA UNK B 38 -26.98 31.27 4.51
C UNK B 38 -28.49 31.37 4.44
N UNK B 39 -29.10 31.79 5.54
CA UNK B 39 -30.52 32.08 5.56
C UNK B 39 -30.79 33.41 4.85
N UNK B 40 -31.99 33.63 4.32
CA UNK B 40 -32.28 34.92 3.70
C UNK B 40 -32.17 36.07 4.69
N UNK B 41 -31.50 37.15 4.26
CA UNK B 41 -31.34 38.33 5.08
C UNK B 41 -30.24 38.25 6.11
N UNK B 42 -29.46 37.17 6.15
CA UNK B 42 -28.41 36.99 7.13
C UNK B 42 -27.11 36.64 6.42
N UNK B 43 -26.00 36.85 7.13
CA UNK B 43 -24.70 36.47 6.60
C UNK B 43 -24.59 34.94 6.55
N UNK B 44 -23.71 34.40 5.69
CA UNK B 44 -23.47 32.95 5.73
C UNK B 44 -22.87 32.54 7.06
N UNK B 45 -23.16 31.30 7.45
CA UNK B 45 -22.59 30.70 8.65
C UNK B 45 -21.90 29.41 8.28
N UNK B 46 -20.77 29.12 8.93
CA UNK B 46 -20.04 27.89 8.67
C UNK B 46 -20.86 26.70 9.13
N UNK B 47 -21.01 25.71 8.25
CA UNK B 47 -21.76 24.50 8.55
C UNK B 47 -20.81 23.31 8.69
N UNK B 48 -19.99 23.05 7.68
CA UNK B 48 -19.10 21.89 7.65
C UNK B 48 -17.71 22.39 7.29
N UNK B 49 -16.69 21.80 7.89
CA UNK B 49 -15.30 22.08 7.54
C UNK B 49 -14.55 20.76 7.40
N UNK B 50 -13.58 20.74 6.49
CA UNK B 50 -12.86 19.52 6.20
C UNK B 50 -13.68 18.46 5.49
N UNK B 51 -14.84 18.83 4.95
CA UNK B 51 -15.73 17.95 4.20
C UNK B 51 -16.42 16.86 5.02
N UNK B 52 -16.10 16.75 6.32
CA UNK B 52 -16.78 15.78 7.19
C UNK B 52 -17.06 16.29 8.60
N UNK B 53 -16.42 17.35 9.07
CA UNK B 53 -16.53 17.77 10.47
C UNK B 53 -17.54 18.89 10.61
N UNK B 54 -18.40 18.76 11.62
CA UNK B 54 -19.43 19.75 11.89
C UNK B 54 -18.85 20.90 12.71
N UNK B 55 -19.28 22.12 12.40
CA UNK B 55 -18.84 23.29 13.15
C UNK B 55 -19.54 23.34 14.50
N UNK B 56 -19.07 24.27 15.33
CA UNK B 56 -19.64 24.43 16.67
C UNK B 56 -21.10 24.88 16.57
N UNK B 57 -21.96 24.17 17.29
CA UNK B 57 -23.38 24.50 17.34
C UNK B 57 -24.21 23.91 16.22
N UNK B 58 -23.61 23.12 15.33
CA UNK B 58 -24.32 22.58 14.17
C UNK B 58 -24.98 21.26 14.61
N UNK B 59 -26.27 21.04 14.35
CA UNK B 59 -26.87 19.76 14.75
C UNK B 59 -26.28 18.58 13.97
N UNK B 60 -26.42 17.39 14.57
CA UNK B 60 -25.84 16.18 13.99
C UNK B 60 -26.49 15.77 12.67
N UNK B 61 -27.63 16.38 12.29
CA UNK B 61 -28.31 16.01 11.06
C UNK B 61 -27.55 16.43 9.81
N UNK B 62 -26.58 17.33 9.92
CA UNK B 62 -25.79 17.79 8.79
C UNK B 62 -24.52 16.94 8.70
N UNK B 63 -24.37 16.29 7.54
CA UNK B 63 -23.27 15.32 7.36
C UNK B 63 -22.52 15.65 6.08
N UNK B 64 -21.29 16.13 6.20
CA UNK B 64 -20.48 16.35 5.00
C UNK B 64 -19.96 15.00 4.52
N UNK B 65 -19.47 14.87 3.29
CA UNK B 65 -19.08 13.54 2.75
C UNK B 65 -17.82 13.64 1.89
N UNK B 66 -17.29 12.53 1.38
CA UNK B 66 -15.96 12.47 0.72
C UNK B 66 -15.90 13.34 -0.52
N UNK B 67 -14.82 14.11 -0.70
CA UNK B 67 -14.73 15.08 -1.82
C UNK B 67 -13.40 15.05 -2.55
N UNK B 68 -13.03 13.96 -3.25
CA UNK B 68 -11.83 14.01 -4.11
C UNK B 68 -12.06 14.94 -5.31
N UNK B 69 -13.13 14.75 -6.05
CA UNK B 69 -13.58 15.67 -7.14
C UNK B 69 -15.08 15.87 -6.95
N UNK B 70 -15.72 15.06 -6.11
CA UNK B 70 -17.17 15.13 -5.86
C UNK B 70 -17.37 15.29 -4.36
N UNK B 71 -17.96 16.38 -3.92
CA UNK B 71 -18.11 16.67 -2.49
C UNK B 71 -19.59 16.80 -2.21
N UNK B 72 -20.12 16.05 -1.27
CA UNK B 72 -21.58 16.04 -1.04
C UNK B 72 -21.96 16.61 0.31
N UNK B 73 -23.26 16.72 0.57
CA UNK B 73 -23.79 17.12 1.87
C UNK B 73 -25.16 16.48 2.07
N UNK B 74 -25.34 15.78 3.18
CA UNK B 74 -26.59 15.12 3.53
C UNK B 74 -27.26 15.90 4.65
N UNK B 75 -28.54 16.24 4.44
CA UNK B 75 -29.35 16.96 5.42
C UNK B 75 -30.51 16.05 5.80
N UNK B 76 -30.58 15.66 7.08
CA UNK B 76 -31.64 14.81 7.59
C UNK B 76 -32.78 15.64 8.17
N UNK B 77 -34.02 15.19 7.90
CA UNK B 77 -35.27 15.63 8.52
C UNK B 77 -35.76 17.01 8.11
N UNK B 78 -34.92 17.82 7.45
CA UNK B 78 -35.30 19.09 6.82
C UNK B 78 -36.17 19.96 7.74
N UNK B 79 -35.56 20.43 8.82
CA UNK B 79 -36.27 21.27 9.77
C UNK B 79 -36.65 22.59 9.10
N UNK B 80 -37.65 23.30 9.65
CA UNK B 80 -38.03 24.60 9.04
C UNK B 80 -36.87 25.59 8.95
N UNK B 81 -35.93 25.55 9.89
CA UNK B 81 -34.80 26.47 9.88
C UNK B 81 -33.67 26.01 8.96
N UNK B 82 -33.79 24.82 8.36
CA UNK B 82 -32.77 24.29 7.47
C UNK B 82 -32.95 24.73 6.02
N UNK B 83 -34.06 25.37 5.69
CA UNK B 83 -34.33 25.78 4.31
C UNK B 83 -33.63 27.12 4.08
N UNK B 84 -32.54 27.08 3.34
CA UNK B 84 -31.63 28.20 3.19
C UNK B 84 -30.77 27.94 1.97
N UNK B 85 -29.99 28.94 1.56
CA UNK B 85 -29.13 28.77 0.40
C UNK B 85 -27.82 28.18 0.89
N UNK B 86 -27.39 27.08 0.27
CA UNK B 86 -26.18 26.39 0.68
C UNK B 86 -25.07 26.67 -0.32
N UNK B 87 -23.85 26.86 0.19
CA UNK B 87 -22.67 27.12 -0.62
C UNK B 87 -21.56 26.13 -0.31
N UNK B 88 -20.79 25.86 -1.36
CA UNK B 88 -19.58 25.07 -1.28
C UNK B 88 -18.40 26.03 -1.28
N UNK B 89 -17.37 25.69 -0.50
CA UNK B 89 -16.16 26.51 -0.40
C UNK B 89 -14.96 25.60 -0.52
N UNK B 90 -14.01 26.01 -1.36
CA UNK B 90 -12.75 25.31 -1.53
C UNK B 90 -11.60 26.23 -1.19
N UNK B 91 -10.72 25.78 -0.30
CA UNK B 91 -9.49 26.50 0.02
C UNK B 91 -8.39 26.05 -0.93
N UNK B 92 -7.68 27.01 -1.53
CA UNK B 92 -6.58 26.72 -2.42
C UNK B 92 -5.26 26.65 -1.68
N UNK B 93 -4.20 26.34 -2.43
CA UNK B 93 -2.87 26.30 -1.83
C UNK B 93 -2.44 27.68 -1.35
N UNK B 94 -2.61 28.69 -2.19
CA UNK B 94 -2.48 30.07 -1.76
C UNK B 94 -3.68 30.42 -0.90
N UNK B 95 -3.62 31.53 -0.13
CA UNK B 95 -4.80 31.91 0.66
C UNK B 95 -5.94 32.42 -0.22
N UNK B 96 -6.52 31.51 -0.99
CA UNK B 96 -7.63 31.78 -1.90
C UNK B 96 -8.78 30.86 -1.54
N UNK B 97 -9.98 31.41 -1.53
CA UNK B 97 -11.20 30.62 -1.40
C UNK B 97 -12.02 30.74 -2.68
N UNK B 98 -12.65 29.64 -3.07
CA UNK B 98 -13.53 29.57 -4.24
C UNK B 98 -14.90 29.13 -3.77
N UNK B 99 -15.93 29.93 -3.99
CA UNK B 99 -17.21 29.42 -3.50
C UNK B 99 -17.89 28.71 -4.68
N UNK B 100 -19.11 28.25 -4.51
CA UNK B 100 -19.79 27.51 -5.58
C UNK B 100 -21.15 28.13 -5.81
N UNK B 101 -21.79 27.81 -6.93
CA UNK B 101 -23.15 28.30 -7.18
C UNK B 101 -24.02 27.70 -6.08
N UNK B 102 -25.00 28.41 -5.59
CA UNK B 102 -25.74 27.94 -4.42
C UNK B 102 -26.69 26.79 -4.73
N UNK B 103 -27.09 26.04 -3.72
CA UNK B 103 -28.17 25.08 -3.93
C UNK B 103 -29.30 25.68 -3.10
N UNK B 104 -30.42 26.06 -3.71
CA UNK B 104 -31.45 26.77 -2.94
C UNK B 104 -32.44 25.73 -2.43
N UNK B 105 -32.40 25.44 -1.14
CA UNK B 105 -33.26 24.38 -0.57
C UNK B 105 -34.58 25.03 -0.20
N UNK B 106 -35.62 24.70 -0.95
CA UNK B 106 -36.94 25.30 -0.76
C UNK B 106 -37.86 24.39 0.03
N UNK B 107 -38.82 25.00 0.73
CA UNK B 107 -39.84 24.27 1.48
C UNK B 107 -40.60 23.35 0.53
N ASN C 8 56.00 36.94 -3.16
CA ASN C 8 55.08 37.90 -3.75
C ASN C 8 54.28 38.61 -2.66
N SER C 9 53.50 39.62 -3.05
CA SER C 9 52.67 40.36 -2.11
C SER C 9 51.32 39.71 -1.84
N THR C 10 50.97 38.66 -2.58
CA THR C 10 49.70 37.96 -2.42
C THR C 10 49.97 36.46 -2.27
N ALA C 11 48.90 35.72 -2.00
CA ALA C 11 48.98 34.28 -1.85
C ALA C 11 47.70 33.68 -2.41
N THR C 12 47.75 32.39 -2.74
CA THR C 12 46.57 31.67 -3.21
C THR C 12 46.28 30.52 -2.25
N LEU C 13 45.04 30.42 -1.80
CA LEU C 13 44.60 29.30 -0.97
C LEU C 13 43.45 28.59 -1.69
N CYS C 14 43.70 27.38 -2.15
CA CYS C 14 42.72 26.60 -2.89
C CYS C 14 42.12 25.55 -1.97
N LEU C 15 40.81 25.42 -2.03
CA LEU C 15 40.06 24.45 -1.26
C LEU C 15 39.61 23.32 -2.17
N GLY C 16 39.57 22.12 -1.63
CA GLY C 16 39.19 21.00 -2.46
C GLY C 16 38.98 19.74 -1.66
N HIS C 17 38.90 18.63 -2.39
CA HIS C 17 38.60 17.33 -1.82
C HIS C 17 39.44 16.25 -2.51
N HIS C 18 39.52 15.10 -1.84
CA HIS C 18 40.35 14.01 -2.32
C HIS C 18 39.74 13.33 -3.54
N ALA C 19 40.59 12.60 -4.28
CA ALA C 19 40.17 11.82 -5.42
C ALA C 19 40.98 10.53 -5.43
N VAL C 20 40.46 9.52 -6.12
CA VAL C 20 41.08 8.20 -6.19
C VAL C 20 41.35 7.86 -7.65
N PRO C 21 42.40 7.08 -7.97
CA PRO C 21 42.58 6.66 -9.37
C PRO C 21 41.43 5.84 -9.92
N ASN C 22 40.80 5.00 -9.09
CA ASN C 22 39.75 4.09 -9.53
C ASN C 22 38.59 4.18 -8.55
N GLY C 23 37.48 4.77 -9.00
CA GLY C 23 36.29 4.93 -8.18
C GLY C 23 35.29 3.81 -8.41
N THR C 24 34.07 4.07 -7.95
CA THR C 24 32.95 3.12 -8.03
C THR C 24 31.77 3.80 -8.69
N ILE C 25 31.05 3.07 -9.54
CA ILE C 25 29.89 3.63 -10.23
C ILE C 25 28.64 3.31 -9.42
N VAL C 26 27.89 4.37 -9.06
CA VAL C 26 26.67 4.26 -8.28
C VAL C 26 25.55 4.98 -9.04
N LYS C 27 24.32 4.73 -8.59
CA LYS C 27 23.12 5.34 -9.14
C LYS C 27 22.67 6.50 -8.26
N THR C 28 22.13 7.54 -8.90
CA THR C 28 21.57 8.68 -8.19
C THR C 28 20.22 9.04 -8.81
N ILE C 29 19.63 10.16 -8.39
CA ILE C 29 18.30 10.51 -8.86
C ILE C 29 18.34 10.94 -10.32
N THR C 30 19.32 11.77 -10.69
CA THR C 30 19.43 12.30 -12.05
C THR C 30 20.56 11.67 -12.86
N ASN C 31 21.34 10.77 -12.28
CA ASN C 31 22.50 10.19 -12.96
C ASN C 31 22.60 8.72 -12.59
N ASP C 32 22.51 7.86 -13.61
CA ASP C 32 22.56 6.42 -13.39
C ASP C 32 23.99 5.93 -13.14
N GLN C 33 24.99 6.60 -13.71
CA GLN C 33 26.36 6.11 -13.79
C GLN C 33 27.33 7.11 -13.19
N ILE C 34 27.06 7.57 -11.97
CA ILE C 34 27.87 8.61 -11.35
C ILE C 34 29.00 7.96 -10.54
N GLU C 35 30.23 8.40 -10.77
CA GLU C 35 31.39 7.84 -10.09
C GLU C 35 31.61 8.51 -8.74
N VAL C 36 31.88 7.69 -7.72
CA VAL C 36 32.16 8.13 -6.37
C VAL C 36 33.52 7.58 -5.95
N THR C 37 34.11 8.21 -4.94
CA THR C 37 35.42 7.79 -4.45
C THR C 37 35.36 6.43 -3.78
N ASN C 38 34.27 6.15 -3.05
CA ASN C 38 34.11 4.91 -2.31
C ASN C 38 32.64 4.57 -2.22
N ALA C 39 32.33 3.28 -2.26
CA ALA C 39 30.98 2.80 -2.06
C ALA C 39 31.03 1.38 -1.50
N THR C 40 29.97 1.02 -0.77
CA THR C 40 29.83 -0.30 -0.17
C THR C 40 28.66 -1.04 -0.80
N GLU C 41 28.82 -2.36 -0.92
CA GLU C 41 27.77 -3.20 -1.48
C GLU C 41 26.68 -3.43 -0.44
N LEU C 42 25.44 -3.14 -0.80
CA LEU C 42 24.29 -3.34 0.06
C LEU C 42 23.53 -4.63 -0.21
N VAL C 43 23.93 -5.40 -1.21
CA VAL C 43 23.26 -6.65 -1.58
C VAL C 43 24.23 -7.79 -1.29
N GLN C 44 23.83 -8.68 -0.38
CA GLN C 44 24.60 -9.89 -0.11
C GLN C 44 24.29 -10.88 -1.24
N SER C 45 25.22 -10.99 -2.18
CA SER C 45 25.04 -11.80 -3.38
C SER C 45 25.85 -13.09 -3.37
N SER C 46 26.46 -13.43 -2.24
CA SER C 46 27.24 -14.65 -2.12
C SER C 46 26.98 -15.28 -0.76
N SER C 47 27.27 -16.57 -0.67
CA SER C 47 27.08 -17.35 0.55
C SER C 47 28.33 -18.17 0.82
N THR C 48 28.41 -18.69 2.06
CA THR C 48 29.53 -19.55 2.43
C THR C 48 29.39 -20.96 1.88
N GLY C 49 28.20 -21.35 1.43
CA GLY C 49 27.97 -22.68 0.95
C GLY C 49 27.67 -23.70 2.03
N GLU C 50 27.71 -23.30 3.30
CA GLU C 50 27.41 -24.18 4.43
C GLU C 50 26.42 -23.47 5.34
N ILE C 51 25.63 -24.26 6.05
CA ILE C 51 24.68 -23.75 7.03
C ILE C 51 25.36 -23.73 8.39
N CYS C 52 25.37 -22.56 9.02
CA CYS C 52 26.02 -22.37 10.30
C CYS C 52 25.10 -22.83 11.41
N ASP C 53 25.60 -23.70 12.29
CA ASP C 53 24.77 -24.36 13.30
C ASP C 53 24.57 -23.53 14.56
N SER C 54 24.98 -22.25 14.57
CA SER C 54 24.84 -21.37 15.72
C SER C 54 24.44 -19.98 15.24
N PRO C 55 23.63 -19.24 16.01
CA PRO C 55 22.99 -19.55 17.30
C PRO C 55 21.71 -20.37 17.18
N HIS C 56 21.20 -20.56 15.96
CA HIS C 56 19.95 -21.30 15.79
C HIS C 56 20.19 -22.79 15.90
N GLN C 57 19.27 -23.48 16.59
CA GLN C 57 19.35 -24.93 16.73
C GLN C 57 18.81 -25.58 15.46
N ILE C 58 19.67 -26.28 14.73
CA ILE C 58 19.34 -26.81 13.40
C ILE C 58 19.35 -28.33 13.47
N LEU C 59 18.26 -28.94 13.02
CA LEU C 59 18.10 -30.38 12.99
C LEU C 59 18.31 -30.83 11.55
N ASP C 60 19.34 -31.65 11.31
CA ASP C 60 19.69 -32.08 9.97
C ASP C 60 18.78 -33.23 9.55
N GLY C 61 18.04 -33.04 8.46
CA GLY C 61 17.09 -34.04 8.01
C GLY C 61 17.72 -35.30 7.45
N LYS C 62 18.95 -35.21 6.95
CA LYS C 62 19.66 -36.35 6.37
C LYS C 62 18.83 -36.98 5.25
N ASN C 63 18.36 -38.22 5.42
CA ASN C 63 17.48 -38.87 4.45
C ASN C 63 16.01 -38.76 4.82
N CYS C 64 15.68 -37.97 5.84
CA CYS C 64 14.31 -37.82 6.31
C CYS C 64 13.73 -36.49 5.85
N THR C 65 12.44 -36.52 5.53
CA THR C 65 11.63 -35.32 5.50
C THR C 65 11.12 -35.04 6.91
N LEU C 66 10.60 -33.83 7.13
CA LEU C 66 10.02 -33.53 8.43
C LEU C 66 8.81 -34.40 8.69
N ILE C 67 8.00 -34.65 7.66
CA ILE C 67 6.83 -35.52 7.85
C ILE C 67 7.27 -36.95 8.14
N ASP C 68 8.31 -37.44 7.44
CA ASP C 68 8.81 -38.78 7.72
C ASP C 68 9.30 -38.86 9.16
N ALA C 69 9.95 -37.79 9.64
CA ALA C 69 10.41 -37.74 11.01
C ALA C 69 9.22 -37.70 11.96
N LEU C 70 8.14 -37.04 11.53
CA LEU C 70 6.95 -36.90 12.34
C LEU C 70 6.25 -38.24 12.56
N LEU C 71 6.06 -39.03 11.49
CA LEU C 71 5.39 -40.31 11.70
C LEU C 71 6.31 -41.32 12.36
N GLY C 72 7.63 -41.17 12.21
CA GLY C 72 8.56 -42.11 12.81
C GLY C 72 9.09 -43.12 11.81
N ASP C 73 9.53 -42.65 10.66
CA ASP C 73 10.07 -43.53 9.64
C ASP C 73 11.32 -44.24 10.17
N PRO C 74 11.61 -45.47 9.72
CA PRO C 74 12.82 -46.17 10.21
C PRO C 74 14.12 -45.42 10.01
N GLN C 75 14.20 -44.49 9.04
CA GLN C 75 15.43 -43.72 8.87
C GLN C 75 15.47 -42.53 9.80
N CYS C 76 14.43 -42.31 10.61
CA CYS C 76 14.29 -41.10 11.40
C CYS C 76 14.32 -41.39 12.90
N ASP C 77 14.97 -42.48 13.30
CA ASP C 77 15.01 -42.83 14.72
C ASP C 77 15.77 -41.77 15.50
N GLY C 78 16.71 -41.09 14.85
CA GLY C 78 17.47 -40.04 15.47
C GLY C 78 16.73 -38.74 15.64
N PHE C 79 15.49 -38.63 15.15
CA PHE C 79 14.69 -37.41 15.26
C PHE C 79 13.65 -37.45 16.38
N GLN C 80 13.50 -38.58 17.06
CA GLN C 80 12.40 -38.75 18.01
C GLN C 80 12.55 -37.83 19.21
N ASN C 81 11.48 -37.09 19.52
CA ASN C 81 11.41 -36.21 20.69
C ASN C 81 12.46 -35.12 20.67
N LYS C 82 12.91 -34.71 19.48
CA LYS C 82 13.90 -33.66 19.33
C LYS C 82 13.25 -32.32 19.05
N LYS C 83 14.04 -31.26 19.27
CA LYS C 83 13.65 -29.89 19.03
C LYS C 83 14.55 -29.29 17.96
N TRP C 84 14.05 -28.22 17.32
CA TRP C 84 14.84 -27.50 16.35
C TRP C 84 14.36 -26.06 16.30
N ASP C 85 15.27 -25.18 15.91
CA ASP C 85 14.89 -23.83 15.47
C ASP C 85 14.73 -23.78 13.96
N LEU C 86 15.46 -24.60 13.22
CA LEU C 86 15.24 -24.75 11.78
C LEU C 86 15.47 -26.19 11.38
N PHE C 87 14.49 -26.79 10.71
CA PHE C 87 14.62 -28.12 10.15
C PHE C 87 15.01 -27.94 8.70
N VAL C 88 16.12 -28.56 8.29
CA VAL C 88 16.62 -28.45 6.93
C VAL C 88 16.34 -29.77 6.21
N GLU C 89 15.40 -29.71 5.28
CA GLU C 89 14.93 -30.88 4.56
C GLU C 89 15.78 -31.04 3.30
N ARG C 90 16.22 -32.26 3.03
CA ARG C 90 17.17 -32.52 1.95
C ARG C 90 16.44 -33.01 0.71
N SER C 91 16.95 -32.58 -0.46
CA SER C 91 16.36 -32.98 -1.72
C SER C 91 16.62 -34.44 -2.04
N LYS C 92 17.64 -35.05 -1.43
CA LYS C 92 17.88 -36.49 -1.57
C LYS C 92 17.06 -37.30 -0.58
N ALA C 93 16.28 -36.66 0.28
CA ALA C 93 15.47 -37.37 1.25
C ALA C 93 14.36 -38.15 0.57
N TYR C 94 14.03 -39.30 1.14
CA TYR C 94 13.01 -40.19 0.59
C TYR C 94 12.44 -41.03 1.73
N SER C 95 11.25 -41.56 1.49
CA SER C 95 10.64 -42.52 2.39
C SER C 95 11.03 -43.95 1.98
N ASN C 96 11.20 -44.80 2.99
CA ASN C 96 11.50 -46.21 2.81
C ASN C 96 10.64 -47.01 3.79
N CYS C 97 9.36 -46.67 3.81
CA CYS C 97 8.38 -47.26 4.72
C CYS C 97 7.07 -47.32 3.95
N PHE C 98 5.96 -47.46 4.65
CA PHE C 98 4.67 -47.52 3.98
C PHE C 98 4.41 -46.20 3.25
N PRO C 99 4.12 -46.20 1.94
CA PRO C 99 3.87 -44.93 1.26
C PRO C 99 2.60 -44.27 1.79
N TYR C 100 2.63 -42.94 1.89
CA TYR C 100 1.54 -42.18 2.44
C TYR C 100 1.25 -40.95 1.59
N ASP C 101 0.03 -40.45 1.75
CA ASP C 101 -0.50 -39.29 1.04
C ASP C 101 -1.15 -38.39 2.08
N VAL C 102 -0.62 -37.19 2.28
CA VAL C 102 -1.19 -36.25 3.23
C VAL C 102 -2.07 -35.29 2.44
N PRO C 103 -3.42 -35.37 2.55
CA PRO C 103 -4.27 -34.60 1.63
C PRO C 103 -4.06 -33.10 1.67
N ASP C 104 -3.57 -32.56 2.79
CA ASP C 104 -3.06 -31.19 2.84
C ASP C 104 -1.67 -31.32 3.46
N TYR C 105 -0.70 -31.66 2.61
CA TYR C 105 0.66 -31.90 3.05
C TYR C 105 1.31 -30.61 3.53
N ALA C 106 1.15 -29.53 2.76
CA ALA C 106 1.79 -28.26 3.07
C ALA C 106 1.33 -27.71 4.41
N SER C 107 0.05 -27.88 4.75
CA SER C 107 -0.43 -27.35 6.03
C SER C 107 0.15 -28.13 7.21
N LEU C 108 0.24 -29.46 7.11
CA LEU C 108 0.80 -30.22 8.23
C LEU C 108 2.29 -29.94 8.36
N ARG C 109 3.00 -29.88 7.23
CA ARG C 109 4.42 -29.60 7.25
C ARG C 109 4.70 -28.23 7.87
N SER C 110 3.93 -27.23 7.47
CA SER C 110 4.07 -25.89 8.04
C SER C 110 3.69 -25.84 9.51
N LEU C 111 2.57 -26.49 9.87
CA LEU C 111 2.10 -26.49 11.25
C LEU C 111 3.14 -27.08 12.20
N VAL C 112 3.68 -28.25 11.86
CA VAL C 112 4.69 -28.87 12.70
C VAL C 112 5.99 -28.10 12.65
N ALA C 113 6.37 -27.60 11.48
CA ALA C 113 7.62 -26.83 11.37
C ALA C 113 7.56 -25.63 12.30
N SER C 114 6.40 -24.98 12.40
CA SER C 114 6.27 -23.85 13.31
C SER C 114 6.10 -24.31 14.75
N SER C 115 5.60 -25.53 14.97
CA SER C 115 5.51 -26.07 16.32
C SER C 115 6.90 -26.24 16.93
N GLY C 116 7.84 -26.80 16.16
CA GLY C 116 9.24 -26.79 16.54
C GLY C 116 9.75 -28.00 17.29
N THR C 117 8.94 -29.03 17.50
CA THR C 117 9.41 -30.19 18.24
C THR C 117 8.64 -31.44 17.82
N LEU C 118 9.27 -32.60 18.05
CA LEU C 118 8.65 -33.90 17.90
C LEU C 118 8.44 -34.59 19.24
N GLU C 119 8.27 -33.81 20.31
CA GLU C 119 8.00 -34.38 21.62
C GLU C 119 6.70 -35.17 21.59
N PHE C 120 6.76 -36.44 21.95
CA PHE C 120 5.66 -37.37 21.80
C PHE C 120 5.47 -38.12 23.11
N ASN C 121 4.27 -38.04 23.67
CA ASN C 121 3.91 -38.72 24.92
C ASN C 121 3.03 -39.91 24.59
N ASN C 122 3.48 -41.11 24.95
CA ASN C 122 2.79 -42.35 24.61
C ASN C 122 1.61 -42.54 25.55
N GLU C 123 0.47 -41.96 25.18
CA GLU C 123 -0.73 -42.13 25.99
C GLU C 123 -1.30 -43.53 25.81
N SER C 124 -1.87 -44.06 26.89
CA SER C 124 -2.41 -45.42 26.91
C SER C 124 -3.81 -45.41 26.31
N PHE C 125 -3.86 -45.41 24.98
CA PHE C 125 -5.13 -45.49 24.28
C PHE C 125 -5.81 -46.83 24.54
N ASN C 126 -7.11 -46.79 24.74
CA ASN C 126 -7.88 -47.98 25.11
C ASN C 126 -8.35 -48.71 23.84
N TRP C 127 -7.38 -49.35 23.18
CA TRP C 127 -7.68 -50.21 22.04
C TRP C 127 -7.98 -51.61 22.56
N THR C 128 -9.25 -52.02 22.45
CA THR C 128 -9.69 -53.34 22.88
C THR C 128 -10.41 -54.02 21.72
N GLY C 129 -10.24 -55.34 21.63
CA GLY C 129 -10.83 -56.10 20.57
C GLY C 129 -10.10 -56.03 19.25
N VAL C 130 -8.95 -55.37 19.20
CA VAL C 130 -8.17 -55.21 17.98
C VAL C 130 -6.73 -55.63 18.26
N THR C 131 -5.99 -55.90 17.19
CA THR C 131 -4.59 -56.29 17.27
C THR C 131 -3.72 -55.06 17.00
N GLN C 132 -2.85 -54.73 17.95
CA GLN C 132 -1.98 -53.57 17.84
C GLN C 132 -0.65 -53.95 17.20
N ASN C 133 0.10 -52.92 16.80
CA ASN C 133 1.45 -53.07 16.27
C ASN C 133 1.46 -53.92 14.99
N GLY C 134 0.62 -53.54 14.03
CA GLY C 134 0.73 -54.12 12.71
C GLY C 134 1.95 -53.61 11.98
N THR C 135 2.54 -54.49 11.16
CA THR C 135 3.79 -54.21 10.45
C THR C 135 3.58 -54.40 8.96
N SER C 136 4.58 -53.95 8.19
CA SER C 136 4.59 -54.10 6.74
C SER C 136 5.98 -54.46 6.27
N SER C 137 6.05 -55.25 5.20
CA SER C 137 7.32 -55.65 4.62
C SER C 137 8.07 -54.50 3.96
N ALA C 138 7.39 -53.37 3.69
CA ALA C 138 8.04 -52.21 3.09
C ALA C 138 8.70 -51.29 4.11
N CYS C 139 8.59 -51.58 5.40
CA CYS C 139 9.08 -50.70 6.46
C CYS C 139 9.82 -51.60 7.44
N ILE C 140 11.16 -51.60 7.35
CA ILE C 140 12.02 -52.54 8.07
C ILE C 140 12.85 -51.83 9.11
N ARG C 141 12.85 -52.35 10.34
CA ARG C 141 13.67 -51.88 11.44
C ARG C 141 14.49 -53.06 11.93
N ARG C 142 15.81 -53.00 11.76
CA ARG C 142 16.73 -54.03 12.25
C ARG C 142 16.38 -55.40 11.67
N SER C 143 16.14 -55.43 10.36
CA SER C 143 15.89 -56.64 9.57
C SER C 143 14.57 -57.32 9.91
N LYS C 144 13.69 -56.69 10.70
CA LYS C 144 12.36 -57.21 11.00
C LYS C 144 11.32 -56.27 10.42
N ASN C 145 10.16 -56.83 10.08
CA ASN C 145 9.06 -56.00 9.62
C ASN C 145 8.61 -55.08 10.75
N SER C 146 8.40 -53.81 10.43
CA SER C 146 7.95 -52.82 11.40
C SER C 146 6.94 -51.90 10.75
N PHE C 147 6.71 -50.76 11.39
CA PHE C 147 5.79 -49.73 10.93
C PHE C 147 6.30 -48.39 11.43
N PHE C 148 5.53 -47.33 11.21
CA PHE C 148 5.87 -46.03 11.77
C PHE C 148 5.84 -46.09 13.30
N SER C 149 6.82 -45.43 13.93
CA SER C 149 6.97 -45.53 15.37
C SER C 149 5.96 -44.69 16.14
N ARG C 150 5.34 -43.70 15.50
CA ARG C 150 4.33 -42.85 16.12
C ARG C 150 2.91 -43.23 15.73
N LEU C 151 2.73 -44.19 14.82
CA LEU C 151 1.44 -44.69 14.40
C LEU C 151 1.31 -46.15 14.82
N ASN C 152 0.07 -46.58 15.03
CA ASN C 152 -0.26 -47.93 15.47
C ASN C 152 -1.26 -48.51 14.50
N TRP C 153 -0.83 -49.46 13.68
CA TRP C 153 -1.70 -50.06 12.67
C TRP C 153 -2.58 -51.09 13.38
N LEU C 154 -3.87 -50.81 13.47
CA LEU C 154 -4.82 -51.69 14.13
C LEU C 154 -5.47 -52.60 13.10
N THR C 155 -5.55 -53.90 13.42
CA THR C 155 -6.19 -54.90 12.59
C THR C 155 -7.17 -55.70 13.44
N HIS C 156 -7.82 -56.68 12.85
CA HIS C 156 -8.80 -57.47 13.59
C HIS C 156 -8.11 -58.36 14.62
N LEU C 157 -8.88 -58.74 15.63
CA LEU C 157 -8.48 -59.75 16.61
C LEU C 157 -9.51 -60.87 16.56
N ASN C 158 -9.05 -62.08 16.26
CA ASN C 158 -9.93 -63.24 16.07
C ASN C 158 -10.97 -62.95 14.99
N PHE C 159 -10.51 -62.32 13.91
CA PHE C 159 -11.35 -62.03 12.74
C PHE C 159 -12.53 -61.13 13.07
N LYS C 160 -12.38 -60.28 14.08
CA LYS C 160 -13.37 -59.26 14.43
C LYS C 160 -12.69 -57.93 14.65
N TYR C 161 -13.36 -56.86 14.20
CA TYR C 161 -12.92 -55.48 14.41
C TYR C 161 -14.10 -54.75 15.02
N PRO C 162 -14.24 -54.75 16.35
CA PRO C 162 -15.37 -54.05 16.96
C PRO C 162 -15.24 -52.56 16.78
N ALA C 163 -16.39 -51.88 16.73
CA ALA C 163 -16.40 -50.44 16.58
C ALA C 163 -15.75 -49.80 17.80
N LEU C 164 -14.59 -49.17 17.58
CA LEU C 164 -13.85 -48.51 18.64
C LEU C 164 -14.46 -47.14 18.88
N ASN C 165 -14.53 -46.76 20.19
CA ASN C 165 -15.00 -45.45 20.68
C ASN C 165 -14.08 -45.04 21.84
N VAL C 166 -12.95 -44.41 21.52
CA VAL C 166 -11.88 -44.16 22.48
C VAL C 166 -11.78 -42.66 22.76
N THR C 167 -11.88 -42.31 24.04
CA THR C 167 -11.95 -40.94 24.53
C THR C 167 -10.71 -40.54 25.32
N MET C 168 -10.12 -39.41 24.96
CA MET C 168 -8.96 -38.83 25.64
C MET C 168 -9.13 -37.35 25.98
N PRO C 169 -9.52 -37.01 27.22
CA PRO C 169 -9.75 -35.59 27.52
C PRO C 169 -8.41 -34.87 27.58
N ASN C 170 -8.44 -33.56 27.30
CA ASN C 170 -7.24 -32.71 27.38
C ASN C 170 -7.27 -32.03 28.74
N ASN C 171 -6.55 -32.60 29.70
CA ASN C 171 -6.50 -32.10 31.07
C ASN C 171 -5.23 -31.31 31.35
N GLU C 172 -4.44 -30.96 30.32
CA GLU C 172 -3.23 -30.17 30.47
C GLU C 172 -3.50 -28.75 29.98
N GLN C 173 -2.49 -27.88 30.11
CA GLN C 173 -2.61 -26.48 29.79
C GLN C 173 -2.13 -26.14 28.37
N PHE C 174 -1.78 -27.14 27.56
CA PHE C 174 -1.28 -26.93 26.21
C PHE C 174 -2.11 -27.75 25.22
N ASP C 175 -2.08 -27.30 23.96
CA ASP C 175 -2.79 -28.00 22.90
C ASP C 175 -2.07 -29.30 22.56
N LYS C 176 -2.84 -30.32 22.18
CA LYS C 176 -2.30 -31.63 21.82
C LYS C 176 -2.57 -31.92 20.35
N LEU C 177 -1.51 -32.28 19.62
CA LEU C 177 -1.60 -32.63 18.22
C LEU C 177 -1.60 -34.15 18.09
N TYR C 178 -2.71 -34.71 17.59
CA TYR C 178 -2.85 -36.14 17.37
C TYR C 178 -2.81 -36.38 15.87
N ILE C 179 -1.90 -37.23 15.43
CA ILE C 179 -1.75 -37.58 14.02
C ILE C 179 -2.19 -39.03 13.85
N TRP C 180 -3.08 -39.25 12.89
CA TRP C 180 -3.70 -40.54 12.66
C TRP C 180 -3.92 -40.67 11.16
N GLY C 181 -4.42 -41.81 10.73
CA GLY C 181 -4.70 -41.92 9.31
C GLY C 181 -5.72 -42.99 8.99
N VAL C 182 -5.88 -43.17 7.68
CA VAL C 182 -6.81 -44.13 7.10
C VAL C 182 -6.02 -45.00 6.13
N HIS C 183 -6.17 -46.32 6.24
CA HIS C 183 -5.52 -47.24 5.32
C HIS C 183 -6.43 -47.45 4.11
N HIS C 184 -5.84 -47.38 2.91
CA HIS C 184 -6.52 -47.60 1.63
C HIS C 184 -5.87 -48.83 1.01
N PRO C 185 -6.39 -50.04 1.28
CA PRO C 185 -5.82 -51.24 0.67
C PRO C 185 -6.01 -51.27 -0.84
N GLY C 186 -5.18 -52.09 -1.49
CA GLY C 186 -5.22 -52.21 -2.93
C GLY C 186 -6.42 -52.95 -3.47
N THR C 187 -7.10 -53.74 -2.63
CA THR C 187 -8.22 -54.55 -3.10
C THR C 187 -9.13 -54.88 -1.92
N ASP C 188 -10.22 -55.60 -2.22
CA ASP C 188 -11.18 -56.02 -1.20
C ASP C 188 -10.67 -57.18 -0.38
N LYS C 189 -9.83 -58.04 -0.98
CA LYS C 189 -9.29 -59.18 -0.24
C LYS C 189 -8.42 -58.68 0.89
N ASP C 190 -7.69 -57.58 0.67
CA ASP C 190 -6.83 -57.06 1.71
C ASP C 190 -7.65 -56.50 2.85
N GLN C 191 -8.76 -55.82 2.54
CA GLN C 191 -9.60 -55.29 3.60
C GLN C 191 -10.25 -56.39 4.41
N ILE C 192 -10.71 -57.45 3.77
CA ILE C 192 -11.31 -58.55 4.56
C ILE C 192 -10.24 -59.26 5.38
N PHE C 193 -9.07 -59.52 4.79
CA PHE C 193 -7.97 -60.16 5.51
C PHE C 193 -7.54 -59.37 6.74
N LEU C 194 -7.36 -58.04 6.60
CA LEU C 194 -6.87 -57.23 7.73
C LEU C 194 -7.96 -56.81 8.71
N TYR C 195 -9.16 -56.46 8.23
CA TYR C 195 -10.21 -55.90 9.09
C TYR C 195 -11.45 -56.76 9.21
N ALA C 196 -11.67 -57.71 8.30
CA ALA C 196 -12.89 -58.53 8.29
C ALA C 196 -14.14 -57.67 8.17
N GLN C 197 -14.03 -56.52 7.52
CA GLN C 197 -15.14 -55.61 7.27
C GLN C 197 -15.13 -55.22 5.80
N ALA C 198 -16.31 -55.09 5.21
CA ALA C 198 -16.40 -54.74 3.80
C ALA C 198 -15.89 -53.33 3.54
N SER C 199 -16.19 -52.41 4.46
CA SER C 199 -15.80 -51.00 4.34
C SER C 199 -15.93 -50.38 5.72
N GLY C 200 -15.87 -49.06 5.79
CA GLY C 200 -16.05 -48.40 7.07
C GLY C 200 -16.03 -46.90 6.92
N ARG C 201 -16.16 -46.23 8.05
CA ARG C 201 -16.03 -44.78 8.17
C ARG C 201 -15.29 -44.48 9.46
N ILE C 202 -14.41 -43.49 9.43
CA ILE C 202 -13.61 -43.10 10.59
C ILE C 202 -13.94 -41.65 10.90
N THR C 203 -14.37 -41.40 12.14
CA THR C 203 -14.70 -40.06 12.59
C THR C 203 -13.85 -39.73 13.82
N VAL C 204 -13.12 -38.63 13.75
CA VAL C 204 -12.33 -38.14 14.88
C VAL C 204 -12.90 -36.77 15.21
N SER C 205 -13.45 -36.64 16.41
CA SER C 205 -14.21 -35.48 16.83
C SER C 205 -13.59 -34.81 18.04
N THR C 206 -13.85 -33.52 18.16
CA THR C 206 -13.62 -32.73 19.35
C THR C 206 -14.90 -32.00 19.69
N LYS C 207 -14.87 -31.19 20.75
CA LYS C 207 -16.01 -30.33 21.03
C LYS C 207 -16.15 -29.24 19.98
N ARG C 208 -15.03 -28.78 19.40
CA ARG C 208 -15.05 -27.67 18.45
C ARG C 208 -15.18 -28.10 17.00
N SER C 209 -14.71 -29.29 16.63
CA SER C 209 -14.68 -29.67 15.22
C SER C 209 -14.66 -31.20 15.10
N GLN C 210 -14.89 -31.67 13.88
CA GLN C 210 -14.89 -33.09 13.55
C GLN C 210 -14.30 -33.30 12.17
N GLN C 211 -13.66 -34.46 11.99
CA GLN C 211 -13.13 -34.90 10.71
C GLN C 211 -13.64 -36.31 10.44
N THR C 212 -14.32 -36.50 9.31
CA THR C 212 -14.80 -37.81 8.88
C THR C 212 -14.16 -38.18 7.55
N VAL C 213 -13.58 -39.38 7.50
CA VAL C 213 -12.90 -39.90 6.33
C VAL C 213 -13.44 -41.30 6.05
N SER C 214 -13.48 -41.67 4.77
CA SER C 214 -13.88 -43.00 4.32
C SER C 214 -12.73 -43.67 3.56
N PRO C 215 -12.47 -44.96 3.79
CA PRO C 215 -11.51 -45.66 2.93
C PRO C 215 -12.01 -45.83 1.51
N ASN C 216 -11.07 -45.97 0.58
CA ASN C 216 -11.34 -46.08 -0.85
C ASN C 216 -10.58 -47.30 -1.38
N ILE C 217 -11.27 -48.43 -1.52
CA ILE C 217 -10.64 -49.65 -2.00
C ILE C 217 -10.35 -49.50 -3.50
N GLY C 218 -9.10 -49.78 -3.88
CA GLY C 218 -8.74 -49.75 -5.28
C GLY C 218 -7.25 -49.80 -5.44
N SER C 219 -6.83 -50.11 -6.66
CA SER C 219 -5.41 -50.25 -6.96
C SER C 219 -4.75 -48.88 -7.08
N ARG C 220 -3.46 -48.84 -6.74
CA ARG C 220 -2.60 -47.69 -6.91
C ARG C 220 -1.30 -48.17 -7.54
N PRO C 221 -0.56 -47.29 -8.23
CA PRO C 221 0.78 -47.69 -8.70
C PRO C 221 1.65 -48.08 -7.52
N ARG C 222 2.42 -49.15 -7.70
CA ARG C 222 3.20 -49.70 -6.60
C ARG C 222 4.40 -48.79 -6.34
N VAL C 223 4.49 -48.31 -5.10
CA VAL C 223 5.65 -47.56 -4.62
C VAL C 223 6.31 -48.42 -3.55
N ARG C 224 7.53 -48.85 -3.81
CA ARG C 224 8.21 -49.86 -2.99
C ARG C 224 7.35 -51.11 -2.87
N ASN C 225 6.77 -51.53 -4.00
CA ASN C 225 5.98 -52.75 -4.15
C ASN C 225 4.67 -52.74 -3.36
N ILE C 226 4.24 -51.59 -2.86
CA ILE C 226 3.02 -51.47 -2.06
C ILE C 226 1.93 -50.84 -2.93
N PRO C 227 0.85 -51.54 -3.26
CA PRO C 227 -0.24 -50.92 -4.02
C PRO C 227 -1.31 -50.21 -3.19
N SER C 228 -1.03 -49.95 -1.91
CA SER C 228 -1.98 -49.37 -0.96
C SER C 228 -1.37 -48.10 -0.40
N ARG C 229 -2.22 -47.28 0.22
CA ARG C 229 -1.79 -45.96 0.70
C ARG C 229 -2.29 -45.71 2.11
N ILE C 230 -1.57 -44.87 2.86
CA ILE C 230 -2.04 -44.34 4.14
C ILE C 230 -2.33 -42.85 3.96
N SER C 231 -3.55 -42.44 4.29
CA SER C 231 -3.94 -41.03 4.29
C SER C 231 -3.72 -40.48 5.69
N ILE C 232 -2.87 -39.46 5.82
CA ILE C 232 -2.50 -38.87 7.11
C ILE C 232 -3.32 -37.62 7.39
N TYR C 233 -3.98 -37.63 8.56
CA TYR C 233 -4.84 -36.57 9.05
C TYR C 233 -4.33 -36.20 10.45
N TRP C 234 -4.66 -34.98 10.88
CA TRP C 234 -4.32 -34.54 12.23
C TRP C 234 -5.46 -33.77 12.86
N THR C 235 -5.51 -33.86 14.19
CA THR C 235 -6.49 -33.18 15.02
C THR C 235 -5.75 -32.38 16.09
N ILE C 236 -6.19 -31.15 16.31
CA ILE C 236 -5.65 -30.28 17.36
C ILE C 236 -6.70 -30.21 18.44
N VAL C 237 -6.30 -30.56 19.67
CA VAL C 237 -7.19 -30.62 20.82
C VAL C 237 -6.78 -29.48 21.76
N LYS C 238 -7.70 -28.55 22.00
CA LYS C 238 -7.45 -27.43 22.89
C LYS C 238 -7.50 -27.87 24.35
N PRO C 239 -6.93 -27.09 25.27
CA PRO C 239 -7.05 -27.43 26.69
C PRO C 239 -8.50 -27.43 27.15
N GLY C 240 -8.88 -28.50 27.83
CA GLY C 240 -10.27 -28.71 28.22
C GLY C 240 -11.10 -29.41 27.18
N ASP C 241 -10.61 -29.54 25.96
CA ASP C 241 -11.29 -30.25 24.90
C ASP C 241 -11.00 -31.75 25.01
N ILE C 242 -11.72 -32.54 24.22
CA ILE C 242 -11.70 -33.99 24.32
C ILE C 242 -11.49 -34.57 22.92
N LEU C 243 -10.61 -35.56 22.82
CA LEU C 243 -10.40 -36.29 21.57
C LEU C 243 -11.27 -37.54 21.60
N LEU C 244 -12.17 -37.68 20.64
CA LEU C 244 -13.02 -38.86 20.53
C LEU C 244 -12.73 -39.49 19.17
N ILE C 245 -12.33 -40.75 19.17
CA ILE C 245 -12.04 -41.49 17.95
C ILE C 245 -13.08 -42.60 17.83
N ASN C 246 -13.78 -42.63 16.69
CA ASN C 246 -14.76 -43.64 16.36
C ASN C 246 -14.33 -44.29 15.05
N SER C 247 -14.14 -45.61 15.08
CA SER C 247 -13.73 -46.29 13.87
C SER C 247 -14.28 -47.71 13.83
N THR C 248 -14.67 -48.13 12.63
CA THR C 248 -15.10 -49.50 12.35
C THR C 248 -14.08 -50.26 11.52
N GLY C 249 -12.97 -49.64 11.15
CA GLY C 249 -11.94 -50.29 10.36
C GLY C 249 -11.04 -49.26 9.71
N ASN C 250 -9.96 -49.76 9.13
CA ASN C 250 -9.03 -48.94 8.36
C ASN C 250 -8.42 -47.80 9.17
N LEU C 251 -8.27 -47.97 10.47
CA LEU C 251 -7.72 -46.92 11.33
C LEU C 251 -6.23 -47.16 11.51
N ILE C 252 -5.43 -46.17 11.12
CA ILE C 252 -4.03 -46.07 11.52
C ILE C 252 -4.06 -45.17 12.75
N ALA C 253 -4.06 -45.77 13.92
CA ALA C 253 -4.33 -45.11 15.17
C ALA C 253 -3.14 -44.29 15.67
N PRO C 254 -3.38 -43.21 16.43
CA PRO C 254 -2.26 -42.54 17.09
C PRO C 254 -1.74 -43.36 18.26
N ARG C 255 -0.47 -43.17 18.57
CA ARG C 255 0.13 -43.69 19.79
C ARG C 255 0.23 -42.64 20.89
N GLY C 256 -0.31 -41.45 20.67
CA GLY C 256 -0.13 -40.35 21.57
C GLY C 256 -0.28 -39.03 20.83
N TYR C 257 0.25 -37.97 21.43
CA TYR C 257 0.13 -36.63 20.88
C TYR C 257 1.50 -35.99 20.72
N PHE C 258 1.58 -35.07 19.77
CA PHE C 258 2.69 -34.16 19.64
C PHE C 258 2.31 -32.82 20.24
N LYS C 259 3.29 -32.12 20.79
CA LYS C 259 3.04 -30.82 21.39
C LYS C 259 2.95 -29.75 20.30
N ILE C 260 2.05 -28.79 20.52
CA ILE C 260 1.94 -27.59 19.68
C ILE C 260 2.47 -26.44 20.51
N ARG C 261 3.45 -25.72 19.96
CA ARG C 261 4.03 -24.56 20.62
C ARG C 261 4.02 -23.37 19.67
N SER C 262 3.79 -22.19 20.24
CA SER C 262 4.09 -20.96 19.53
C SER C 262 5.57 -20.68 19.68
N GLY C 263 6.22 -20.38 18.57
CA GLY C 263 7.66 -20.24 18.61
C GLY C 263 8.22 -19.74 17.30
N LYS C 264 9.55 -19.85 17.18
CA LYS C 264 10.30 -19.27 16.08
C LYS C 264 10.86 -20.33 15.14
N SER C 265 10.25 -21.51 15.09
CA SER C 265 10.77 -22.62 14.29
C SER C 265 10.15 -22.62 12.90
N SER C 266 10.84 -23.28 11.97
CA SER C 266 10.36 -23.38 10.60
C SER C 266 11.10 -24.53 9.91
N ILE C 267 10.72 -24.77 8.65
CA ILE C 267 11.30 -25.80 7.80
C ILE C 267 11.86 -25.16 6.53
N MET C 268 13.03 -25.65 6.10
CA MET C 268 13.71 -25.17 4.91
C MET C 268 14.17 -26.36 4.07
N ARG C 269 14.11 -26.19 2.75
CA ARG C 269 14.61 -27.19 1.81
C ARG C 269 16.00 -26.75 1.34
N SER C 270 17.00 -27.58 1.59
CA SER C 270 18.36 -27.24 1.18
C SER C 270 19.20 -28.50 1.15
N ASP C 271 20.29 -28.44 0.37
CA ASP C 271 21.27 -29.51 0.29
C ASP C 271 22.63 -29.11 0.85
N ALA C 272 22.72 -27.95 1.52
CA ALA C 272 24.01 -27.48 1.98
C ALA C 272 24.47 -28.28 3.21
N PRO C 273 25.77 -28.51 3.38
CA PRO C 273 26.24 -29.16 4.61
C PRO C 273 26.16 -28.23 5.82
N ILE C 274 26.11 -28.86 6.99
CA ILE C 274 26.07 -28.17 8.28
C ILE C 274 27.42 -28.36 8.97
N GLY C 275 28.00 -27.27 9.45
CA GLY C 275 29.28 -27.32 10.13
C GLY C 275 29.41 -26.20 11.14
N LYS C 276 30.56 -26.18 11.80
CA LYS C 276 30.78 -25.29 12.94
C LYS C 276 31.01 -23.87 12.43
N CYS C 277 30.08 -22.96 12.76
CA CYS C 277 30.12 -21.59 12.29
C CYS C 277 29.15 -20.77 13.14
N ASN C 278 29.05 -19.48 12.82
CA ASN C 278 28.16 -18.58 13.55
C ASN C 278 27.59 -17.58 12.55
N SER C 279 26.28 -17.69 12.28
CA SER C 279 25.61 -16.78 11.37
C SER C 279 24.14 -16.67 11.77
N GLU C 280 23.64 -15.43 11.83
CA GLU C 280 22.27 -15.21 12.24
C GLU C 280 21.29 -15.64 11.15
N CYS C 281 21.60 -15.37 9.89
CA CYS C 281 20.69 -15.59 8.78
C CYS C 281 21.07 -16.86 8.05
N ILE C 282 20.09 -17.75 7.86
CA ILE C 282 20.25 -19.01 7.15
C ILE C 282 19.52 -18.88 5.83
N THR C 283 20.17 -19.32 4.75
CA THR C 283 19.64 -19.32 3.40
C THR C 283 19.85 -20.72 2.82
N PRO C 284 18.98 -21.20 1.91
CA PRO C 284 19.17 -22.56 1.39
C PRO C 284 20.48 -22.79 0.66
N ASN C 285 21.14 -21.73 0.18
CA ASN C 285 22.45 -21.85 -0.42
C ASN C 285 23.58 -21.84 0.61
N GLY C 286 23.24 -21.89 1.90
CA GLY C 286 24.18 -21.72 2.98
C GLY C 286 23.99 -20.38 3.68
N SER C 287 24.45 -20.32 4.93
CA SER C 287 24.25 -19.13 5.73
C SER C 287 25.03 -17.95 5.16
N ILE C 288 24.50 -16.76 5.36
CA ILE C 288 25.03 -15.53 4.75
C ILE C 288 25.30 -14.50 5.84
N PRO C 289 26.25 -13.57 5.65
CA PRO C 289 26.32 -12.43 6.57
C PRO C 289 25.05 -11.59 6.47
N ASN C 290 24.66 -11.03 7.62
CA ASN C 290 23.46 -10.21 7.72
C ASN C 290 23.78 -8.73 7.96
N ASP C 291 25.00 -8.30 7.61
CA ASP C 291 25.37 -6.91 7.79
C ASP C 291 24.73 -6.03 6.72
N LYS C 292 24.63 -6.52 5.49
CA LYS C 292 24.07 -5.73 4.40
C LYS C 292 22.55 -5.65 4.51
N PRO C 293 21.93 -4.52 4.12
CA PRO C 293 20.46 -4.43 4.25
C PRO C 293 19.69 -5.30 3.27
N PHE C 294 20.31 -5.75 2.18
CA PHE C 294 19.62 -6.50 1.14
C PHE C 294 20.42 -7.75 0.78
N GLN C 295 19.76 -8.67 0.07
CA GLN C 295 20.37 -9.90 -0.39
C GLN C 295 19.83 -10.25 -1.78
N ASN C 296 20.59 -11.06 -2.51
CA ASN C 296 20.16 -11.63 -3.77
C ASN C 296 20.59 -13.10 -3.87
N VAL C 297 20.45 -13.85 -2.78
CA VAL C 297 20.91 -15.24 -2.73
C VAL C 297 19.73 -16.16 -2.97
N ASN C 298 18.71 -16.08 -2.13
CA ASN C 298 17.54 -16.95 -2.24
C ASN C 298 16.32 -16.24 -1.69
N ARG C 299 15.16 -16.66 -2.18
CA ARG C 299 13.92 -16.03 -1.74
C ARG C 299 13.56 -16.44 -0.32
N ILE C 300 13.91 -17.68 0.05
CA ILE C 300 13.61 -18.24 1.37
C ILE C 300 14.73 -17.88 2.33
N THR C 301 14.36 -17.35 3.49
CA THR C 301 15.29 -16.98 4.55
C THR C 301 14.79 -17.50 5.89
N TYR C 302 15.69 -17.51 6.88
CA TYR C 302 15.33 -17.84 8.25
C TYR C 302 16.18 -17.02 9.22
N GLY C 303 15.55 -16.48 10.25
CA GLY C 303 16.24 -15.74 11.28
C GLY C 303 16.33 -14.26 10.97
N ALA C 304 17.32 -13.63 11.59
CA ALA C 304 17.54 -12.19 11.46
C ALA C 304 18.26 -11.99 10.13
N CYS C 305 17.50 -11.65 9.09
CA CYS C 305 18.00 -11.60 7.72
C CYS C 305 17.84 -10.25 7.05
N PRO C 306 18.59 -10.00 5.98
CA PRO C 306 18.26 -8.93 5.05
C PRO C 306 17.04 -9.28 4.21
N ARG C 307 16.48 -8.26 3.57
CA ARG C 307 15.31 -8.42 2.71
C ARG C 307 15.73 -8.73 1.28
N TYR C 308 14.99 -9.64 0.64
CA TYR C 308 15.35 -10.10 -0.70
C TYR C 308 14.89 -9.11 -1.76
N VAL C 309 15.79 -8.82 -2.71
CA VAL C 309 15.51 -7.95 -3.84
C VAL C 309 15.98 -8.64 -5.11
N LYS C 310 15.46 -8.16 -6.24
CA LYS C 310 15.87 -8.69 -7.54
C LYS C 310 17.19 -8.10 -8.03
N GLN C 311 17.70 -7.05 -7.39
CA GLN C 311 18.94 -6.43 -7.84
C GLN C 311 20.12 -7.34 -7.57
N ASN C 312 20.99 -7.49 -8.57
CA ASN C 312 22.23 -8.21 -8.37
C ASN C 312 23.22 -7.40 -7.55
N THR C 313 23.23 -6.08 -7.74
CA THR C 313 24.12 -5.20 -7.02
C THR C 313 23.43 -3.87 -6.76
N LEU C 314 23.63 -3.33 -5.57
CA LEU C 314 23.21 -1.98 -5.22
C LEU C 314 24.29 -1.41 -4.32
N LYS C 315 24.98 -0.38 -4.80
CA LYS C 315 26.15 0.16 -4.10
C LYS C 315 25.81 1.53 -3.54
N LEU C 316 26.07 1.70 -2.26
CA LEU C 316 25.80 2.92 -1.52
C LEU C 316 27.09 3.72 -1.42
N ALA C 317 27.06 4.94 -1.94
CA ALA C 317 28.24 5.79 -1.90
C ALA C 317 28.61 6.08 -0.46
N THR C 318 29.87 5.82 -0.11
CA THR C 318 30.44 6.16 1.19
C THR C 318 31.52 7.21 1.02
N GLY C 319 31.33 8.08 0.02
CA GLY C 319 32.27 9.14 -0.28
C GLY C 319 31.65 10.06 -1.29
N MET C 320 32.39 11.10 -1.65
CA MET C 320 31.91 12.11 -2.57
C MET C 320 32.10 11.66 -4.02
N ARG C 321 31.61 12.49 -4.93
CA ARG C 321 31.85 12.28 -6.35
C ARG C 321 33.35 12.30 -6.64
N ASN C 322 33.79 11.35 -7.46
CA ASN C 322 35.20 11.26 -7.87
C ASN C 322 35.36 12.01 -9.19
N VAL C 323 36.17 13.07 -9.16
CA VAL C 323 36.43 13.91 -10.35
C VAL C 323 37.94 13.99 -10.54
N PRO C 324 38.60 12.96 -11.07
CA PRO C 324 40.06 12.99 -11.16
C PRO C 324 40.57 13.97 -12.22
N GLU C 325 41.77 14.48 -11.96
CA GLU C 325 42.56 15.20 -12.96
C GLU C 325 43.95 15.46 -12.40
N ALA C 334 49.82 25.58 -11.79
CA ALA C 334 48.71 26.23 -11.11
C ALA C 334 47.99 25.25 -10.19
N ILE C 335 47.14 25.78 -9.31
CA ILE C 335 46.39 24.99 -8.35
C ILE C 335 44.91 25.20 -8.64
N ALA C 336 44.15 24.11 -8.59
CA ALA C 336 42.71 24.12 -8.83
C ALA C 336 42.02 23.36 -7.71
N GLY C 337 40.78 23.75 -7.42
CA GLY C 337 40.03 23.24 -6.31
C GLY C 337 38.84 22.38 -6.72
N PHE C 338 37.89 22.25 -5.80
CA PHE C 338 36.71 21.41 -5.99
C PHE C 338 35.87 21.83 -7.19
N ILE C 339 35.97 23.08 -7.65
CA ILE C 339 35.18 23.52 -8.79
C ILE C 339 35.62 22.77 -10.05
N GLU C 340 36.93 22.56 -10.22
CA GLU C 340 37.48 21.98 -11.43
C GLU C 340 37.74 20.49 -11.33
N ASN C 341 38.33 20.02 -10.23
CA ASN C 341 38.73 18.61 -10.14
C ASN C 341 38.92 18.24 -8.68
N GLY C 342 39.16 16.94 -8.45
CA GLY C 342 39.56 16.43 -7.17
C GLY C 342 41.07 16.22 -7.12
N TRP C 343 41.58 16.04 -5.90
CA TRP C 343 43.01 15.98 -5.63
C TRP C 343 43.40 14.53 -5.35
N GLU C 344 44.27 13.97 -6.21
CA GLU C 344 44.80 12.64 -5.96
C GLU C 344 45.84 12.64 -4.84
N GLY C 345 46.51 13.77 -4.60
CA GLY C 345 47.53 13.84 -3.59
C GLY C 345 47.04 14.07 -2.18
N MET C 346 45.73 14.12 -1.98
CA MET C 346 45.13 14.26 -0.65
C MET C 346 44.84 12.87 -0.12
N VAL C 347 45.67 12.42 0.83
CA VAL C 347 45.56 11.09 1.42
C VAL C 347 45.33 11.14 2.92
N ASP C 348 45.47 12.30 3.56
CA ASP C 348 45.26 12.42 5.01
C ASP C 348 43.80 12.60 5.38
N GLY C 349 42.99 13.12 4.47
CA GLY C 349 41.58 13.35 4.76
C GLY C 349 40.78 13.45 3.49
N TRP C 350 39.50 13.81 3.66
CA TRP C 350 38.56 13.93 2.55
C TRP C 350 38.49 15.32 1.97
N TYR C 351 38.62 16.34 2.80
CA TYR C 351 38.52 17.73 2.41
C TYR C 351 39.81 18.40 2.84
N GLY C 352 40.22 19.46 2.15
CA GLY C 352 41.42 20.13 2.59
C GLY C 352 41.78 21.34 1.76
N PHE C 353 43.02 21.77 1.99
CA PHE C 353 43.59 22.98 1.43
C PHE C 353 44.90 22.68 0.72
N ARG C 354 45.17 23.49 -0.30
CA ARG C 354 46.44 23.57 -0.98
C ARG C 354 46.74 25.05 -1.06
N HIS C 355 48.01 25.43 -0.95
CA HIS C 355 48.32 26.85 -0.98
C HIS C 355 49.60 27.11 -1.76
N GLN C 356 49.68 28.35 -2.23
CA GLN C 356 50.86 28.93 -2.87
C GLN C 356 51.19 30.22 -2.12
N ASN C 357 52.42 30.31 -1.62
CA ASN C 357 52.92 31.54 -1.02
C ASN C 357 54.38 31.71 -1.43
N SER C 358 55.08 32.66 -0.81
CA SER C 358 56.46 32.93 -1.14
C SER C 358 57.42 31.87 -0.60
N GLU C 359 57.00 31.09 0.40
CA GLU C 359 57.84 30.01 0.89
C GLU C 359 57.79 28.79 -0.03
N GLY C 360 56.66 28.56 -0.66
CA GLY C 360 56.49 27.44 -1.57
C GLY C 360 55.05 26.99 -1.57
N ARG C 361 54.81 25.87 -2.25
CA ARG C 361 53.49 25.28 -2.29
C ARG C 361 53.33 24.26 -1.17
N GLY C 362 52.08 23.96 -0.83
CA GLY C 362 51.85 22.94 0.17
C GLY C 362 50.41 22.49 0.21
N GLN C 363 50.15 21.53 1.09
CA GLN C 363 48.83 20.90 1.21
C GLN C 363 48.61 20.44 2.65
N ALA C 364 47.37 20.54 3.11
CA ALA C 364 46.98 20.01 4.41
C ALA C 364 45.52 19.61 4.39
N ALA C 365 45.19 18.53 5.11
CA ALA C 365 43.80 18.09 5.22
C ALA C 365 43.06 18.87 6.30
N ASP C 366 41.77 19.10 6.05
CA ASP C 366 40.86 19.70 7.01
C ASP C 366 40.08 18.55 7.65
N LEU C 367 40.47 18.20 8.88
CA LEU C 367 39.94 17.01 9.52
C LEU C 367 38.55 17.21 10.13
N LYS C 368 38.17 18.44 10.48
CA LYS C 368 36.84 18.63 11.06
C LYS C 368 35.74 18.47 10.01
N SER C 369 35.95 18.97 8.79
CA SER C 369 34.96 18.77 7.74
C SER C 369 34.93 17.32 7.31
N THR C 370 36.11 16.70 7.27
CA THR C 370 36.20 15.28 6.92
C THR C 370 35.44 14.44 7.93
N GLN C 371 35.63 14.73 9.21
CA GLN C 371 34.95 13.96 10.25
C GLN C 371 33.46 14.24 10.22
N ALA C 372 33.03 15.48 9.94
CA ALA C 372 31.61 15.75 9.87
C ALA C 372 30.95 14.94 8.75
N ALA C 373 31.59 14.88 7.59
CA ALA C 373 31.04 14.09 6.49
C ALA C 373 31.06 12.61 6.82
N ILE C 374 32.13 12.14 7.46
CA ILE C 374 32.25 10.74 7.83
C ILE C 374 31.20 10.39 8.87
N ASP C 375 30.98 11.26 9.86
CA ASP C 375 29.97 11.01 10.87
C ASP C 375 28.58 10.92 10.26
N GLN C 376 28.28 11.79 9.29
CA GLN C 376 26.96 11.72 8.66
C GLN C 376 26.81 10.43 7.87
N ILE C 377 27.87 10.02 7.17
CA ILE C 377 27.81 8.76 6.43
C ILE C 377 27.72 7.58 7.39
N ASN C 378 28.46 7.60 8.50
CA ASN C 378 28.39 6.51 9.47
C ASN C 378 27.01 6.44 10.10
N GLY C 379 26.35 7.58 10.31
CA GLY C 379 24.98 7.56 10.78
C GLY C 379 24.08 6.88 9.79
N LYS C 380 24.23 7.24 8.52
CA LYS C 380 23.46 6.62 7.45
C LYS C 380 23.71 5.12 7.40
N LEU C 381 24.96 4.70 7.58
CA LEU C 381 25.27 3.28 7.57
C LEU C 381 24.64 2.59 8.77
N ASN C 382 24.62 3.25 9.92
CA ASN C 382 23.98 2.65 11.08
C ASN C 382 22.50 2.48 10.84
N ARG C 383 21.89 3.40 10.07
CA ARG C 383 20.49 3.23 9.71
C ARG C 383 20.30 2.04 8.77
N LEU C 384 21.21 1.84 7.82
CA LEU C 384 21.06 0.77 6.83
C LEU C 384 21.76 -0.53 7.20
N ILE C 385 23.01 -0.47 7.68
CA ILE C 385 23.84 -1.65 7.90
C ILE C 385 23.68 -2.10 9.34
N GLY C 386 23.44 -3.40 9.54
CA GLY C 386 23.28 -3.98 10.84
C GLY C 386 21.85 -4.04 11.34
N LYS C 387 20.91 -3.41 10.64
CA LYS C 387 19.49 -3.46 10.98
C LYS C 387 18.82 -4.48 10.09
N THR C 388 18.43 -5.60 10.68
CA THR C 388 17.87 -6.75 9.98
C THR C 388 16.44 -6.97 10.44
N ASN C 389 15.76 -7.90 9.77
CA ASN C 389 14.39 -8.26 10.09
C ASN C 389 14.35 -9.73 10.44
N GLU C 390 13.79 -10.06 11.61
CA GLU C 390 13.71 -11.47 12.00
C GLU C 390 12.46 -12.06 11.37
N LYS C 391 12.66 -13.04 10.49
CA LYS C 391 11.59 -13.75 9.81
C LYS C 391 11.81 -15.22 10.08
N PHE C 392 10.84 -15.89 10.70
CA PHE C 392 11.03 -17.27 11.12
C PHE C 392 10.19 -18.24 10.30
N HIS C 393 8.87 -18.12 10.33
CA HIS C 393 7.98 -18.99 9.58
C HIS C 393 7.22 -18.16 8.56
N GLN C 394 7.29 -18.58 7.30
CA GLN C 394 6.71 -17.85 6.17
C GLN C 394 6.01 -18.86 5.28
N ILE C 395 5.47 -18.37 4.17
CA ILE C 395 4.81 -19.23 3.19
C ILE C 395 5.85 -19.99 2.39
N GLU C 396 5.42 -21.02 1.66
CA GLU C 396 6.31 -21.70 0.74
C GLU C 396 6.55 -20.81 -0.47
N LYS C 397 7.81 -20.72 -0.88
CA LYS C 397 8.24 -19.80 -1.92
C LYS C 397 8.84 -20.48 -3.14
N GLU C 398 8.96 -21.80 -3.13
CA GLU C 398 9.33 -22.58 -4.30
C GLU C 398 8.42 -23.79 -4.32
N PHE C 399 7.94 -24.16 -5.52
CA PHE C 399 6.98 -25.22 -5.69
C PHE C 399 7.44 -26.18 -6.77
N SER C 400 7.26 -27.48 -6.51
CA SER C 400 7.58 -28.53 -7.46
C SER C 400 6.36 -29.09 -8.16
N GLU C 401 5.18 -28.96 -7.57
CA GLU C 401 3.94 -29.48 -8.11
C GLU C 401 3.03 -28.32 -8.49
N VAL C 402 2.28 -28.47 -9.58
CA VAL C 402 1.35 -27.45 -10.04
C VAL C 402 0.03 -27.63 -9.29
N GLU C 403 -0.30 -26.67 -8.44
CA GLU C 403 -1.48 -26.76 -7.57
C GLU C 403 -2.67 -25.93 -8.04
N GLY C 404 -2.42 -24.75 -8.61
CA GLY C 404 -3.49 -23.87 -9.06
C GLY C 404 -3.64 -22.59 -8.27
N ARG C 405 -4.88 -22.33 -7.80
CA ARG C 405 -5.25 -21.02 -7.30
C ARG C 405 -4.44 -20.61 -6.06
N ILE C 406 -4.25 -21.54 -5.12
CA ILE C 406 -3.54 -21.19 -3.90
C ILE C 406 -2.07 -20.95 -4.18
N GLN C 407 -1.45 -21.80 -5.00
CA GLN C 407 -0.05 -21.60 -5.36
C GLN C 407 0.12 -20.31 -6.13
N ASP C 408 -0.83 -19.99 -7.02
CA ASP C 408 -0.78 -18.74 -7.76
C ASP C 408 -0.87 -17.56 -6.82
N LEU C 409 -1.71 -17.66 -5.79
CA LEU C 409 -1.81 -16.55 -4.84
C LEU C 409 -0.53 -16.42 -4.03
N GLU C 410 0.07 -17.53 -3.62
CA GLU C 410 1.33 -17.46 -2.88
C GLU C 410 2.45 -16.88 -3.74
N LYS C 411 2.51 -17.26 -5.01
CA LYS C 411 3.51 -16.69 -5.91
C LYS C 411 3.26 -15.22 -6.15
N TYR C 412 1.99 -14.84 -6.28
CA TYR C 412 1.64 -13.44 -6.50
C TYR C 412 2.05 -12.61 -5.29
N VAL C 413 1.75 -13.10 -4.09
CA VAL C 413 2.10 -12.38 -2.86
C VAL C 413 3.60 -12.23 -2.73
N GLU C 414 4.37 -13.29 -3.00
CA GLU C 414 5.82 -13.16 -2.86
C GLU C 414 6.41 -12.27 -3.95
N ASP C 415 5.93 -12.38 -5.18
CA ASP C 415 6.48 -11.51 -6.22
C ASP C 415 6.09 -10.06 -5.98
N THR C 416 4.88 -9.83 -5.45
CA THR C 416 4.47 -8.48 -5.10
C THR C 416 5.36 -7.90 -4.02
N LYS C 417 5.64 -8.71 -2.98
CA LYS C 417 6.53 -8.28 -1.92
C LYS C 417 7.92 -7.96 -2.46
N ILE C 418 8.46 -8.82 -3.32
CA ILE C 418 9.79 -8.60 -3.85
C ILE C 418 9.81 -7.37 -4.77
N ASP C 419 8.80 -7.21 -5.61
CA ASP C 419 8.74 -6.04 -6.48
C ASP C 419 8.67 -4.76 -5.67
N LEU C 420 7.89 -4.76 -4.59
CA LEU C 420 7.80 -3.59 -3.73
C LEU C 420 9.10 -3.34 -2.96
N TRP C 421 9.75 -4.40 -2.48
CA TRP C 421 11.02 -4.20 -1.78
C TRP C 421 12.14 -3.86 -2.74
N SER C 422 12.07 -4.32 -3.98
CA SER C 422 13.07 -3.95 -4.97
C SER C 422 12.91 -2.49 -5.34
N TYR C 423 11.66 -2.02 -5.45
CA TYR C 423 11.41 -0.62 -5.67
C TYR C 423 11.93 0.19 -4.48
N ASN C 424 11.64 -0.28 -3.27
CA ASN C 424 12.09 0.41 -2.07
C ASN C 424 13.62 0.47 -2.03
N ALA C 425 14.28 -0.63 -2.41
CA ALA C 425 15.74 -0.65 -2.42
C ALA C 425 16.30 0.30 -3.47
N GLU C 426 15.67 0.36 -4.65
CA GLU C 426 16.20 1.22 -5.70
C GLU C 426 15.98 2.68 -5.34
N LEU C 427 14.81 3.00 -4.80
CA LEU C 427 14.53 4.37 -4.41
C LEU C 427 15.39 4.76 -3.23
N LEU C 428 15.57 3.86 -2.27
CA LEU C 428 16.39 4.15 -1.10
C LEU C 428 17.83 4.39 -1.50
N VAL C 429 18.38 3.55 -2.37
CA VAL C 429 19.77 3.72 -2.78
C VAL C 429 19.93 5.00 -3.61
N ALA C 430 19.00 5.28 -4.52
CA ALA C 430 19.12 6.51 -5.30
C ALA C 430 18.98 7.74 -4.41
N LEU C 431 18.08 7.71 -3.43
CA LEU C 431 17.94 8.84 -2.51
C LEU C 431 19.14 8.97 -1.58
N GLU C 432 19.66 7.85 -1.09
CA GLU C 432 20.80 7.91 -0.19
C GLU C 432 22.07 8.32 -0.92
N ASN C 433 22.22 7.93 -2.18
CA ASN C 433 23.40 8.34 -2.93
C ASN C 433 23.29 9.79 -3.35
N GLN C 434 22.08 10.25 -3.71
CA GLN C 434 21.91 11.65 -4.05
C GLN C 434 22.16 12.50 -2.81
N HIS C 435 21.67 12.03 -1.66
CA HIS C 435 21.92 12.72 -0.41
C HIS C 435 23.40 12.71 -0.05
N THR C 436 24.08 11.58 -0.26
CA THR C 436 25.51 11.52 0.03
C THR C 436 26.28 12.52 -0.82
N ILE C 437 25.94 12.62 -2.11
CA ILE C 437 26.62 13.60 -2.96
C ILE C 437 26.27 15.01 -2.50
N ASP C 438 25.00 15.27 -2.22
CA ASP C 438 24.60 16.59 -1.76
C ASP C 438 25.25 16.95 -0.43
N LEU C 439 25.36 15.99 0.49
CA LEU C 439 25.97 16.26 1.79
C LEU C 439 27.46 16.52 1.65
N THR C 440 28.17 15.76 0.80
CA THR C 440 29.61 15.99 0.71
C THR C 440 29.91 17.25 -0.08
N ASP C 441 29.03 17.61 -1.02
CA ASP C 441 29.19 18.87 -1.72
C ASP C 441 28.83 20.01 -0.79
N SER C 442 27.86 19.76 0.10
CA SER C 442 27.48 20.75 1.09
C SER C 442 28.61 20.98 2.08
N GLU C 443 29.30 19.92 2.51
CA GLU C 443 30.41 20.11 3.43
C GLU C 443 31.56 20.84 2.75
N MET C 444 31.79 20.56 1.46
CA MET C 444 32.81 21.33 0.75
C MET C 444 32.40 22.79 0.63
N ASN C 445 31.12 23.04 0.35
CA ASN C 445 30.64 24.41 0.23
C ASN C 445 30.62 25.10 1.59
N LYS C 446 30.34 24.38 2.67
CA LYS C 446 30.40 24.98 3.99
C LYS C 446 31.81 25.36 4.36
N LEU C 447 32.79 24.53 4.00
CA LEU C 447 34.17 24.88 4.26
C LEU C 447 34.56 26.10 3.43
N PHE C 448 34.07 26.17 2.20
CA PHE C 448 34.36 27.32 1.33
C PHE C 448 33.75 28.60 1.90
N GLU C 449 32.49 28.54 2.31
CA GLU C 449 31.84 29.72 2.89
C GLU C 449 32.49 30.10 4.21
N LYS C 450 32.88 29.12 5.01
CA LYS C 450 33.56 29.41 6.27
C LYS C 450 34.87 30.14 6.00
N THR C 451 35.63 29.67 5.01
CA THR C 451 36.90 30.32 4.67
C THR C 451 36.63 31.74 4.19
N LYS C 452 35.58 31.91 3.37
CA LYS C 452 35.21 33.22 2.86
C LYS C 452 34.87 34.16 4.01
N LYS C 453 34.12 33.65 4.99
CA LYS C 453 33.73 34.44 6.15
C LYS C 453 34.93 34.81 7.02
N GLN C 454 35.88 33.90 7.20
CA GLN C 454 37.08 34.25 7.97
C GLN C 454 37.92 35.29 7.24
N LEU C 455 38.00 35.18 5.92
CA LEU C 455 38.82 36.12 5.15
C LEU C 455 38.18 37.50 5.05
N ARG C 456 36.85 37.57 5.13
CA ARG C 456 36.09 38.83 5.09
C ARG C 456 36.45 39.55 3.79
N GLU C 457 37.06 40.73 3.82
CA GLU C 457 37.43 41.49 2.64
C GLU C 457 38.88 41.24 2.21
N ASN C 458 39.56 40.27 2.82
CA ASN C 458 40.97 40.04 2.55
C ASN C 458 41.19 39.06 1.40
N ALA C 459 40.14 38.58 0.75
CA ALA C 459 40.32 37.63 -0.33
C ALA C 459 39.14 37.72 -1.29
N GLU C 460 39.38 37.24 -2.51
CA GLU C 460 38.37 37.13 -3.55
C GLU C 460 38.30 35.71 -4.07
N ASP C 461 37.09 35.30 -4.46
CA ASP C 461 36.87 33.98 -5.03
C ASP C 461 37.37 33.99 -6.48
N MET C 462 38.27 33.06 -6.79
CA MET C 462 38.88 32.98 -8.11
C MET C 462 38.04 32.21 -9.13
N GLY C 463 36.92 31.61 -8.71
CA GLY C 463 36.07 30.89 -9.63
C GLY C 463 36.51 29.50 -9.97
N ASN C 464 37.63 29.03 -9.40
CA ASN C 464 38.11 27.66 -9.58
C ASN C 464 38.21 26.94 -8.23
N GLY C 465 37.39 27.33 -7.26
CA GLY C 465 37.47 26.78 -5.93
C GLY C 465 38.55 27.39 -5.07
N CYS C 466 39.26 28.40 -5.56
CA CYS C 466 40.39 28.99 -4.86
C CYS C 466 40.07 30.42 -4.46
N PHE C 467 40.69 30.86 -3.36
CA PHE C 467 40.65 32.25 -2.93
C PHE C 467 42.01 32.86 -3.20
N LYS C 468 41.98 34.06 -3.78
CA LYS C 468 43.19 34.86 -3.90
C LYS C 468 43.20 35.76 -2.68
N ILE C 469 44.24 35.64 -1.86
CA ILE C 469 44.40 36.39 -0.63
C ILE C 469 45.38 37.52 -0.93
N TYR C 470 44.94 38.76 -0.71
CA TYR C 470 45.62 39.92 -1.24
C TYR C 470 46.59 40.55 -0.24
N HIS C 471 46.97 39.84 0.81
CA HIS C 471 48.04 40.24 1.70
C HIS C 471 49.13 39.17 1.69
N LYS C 472 50.34 39.59 2.05
CA LYS C 472 51.45 38.65 2.16
C LYS C 472 51.14 37.63 3.25
N CYS C 473 51.15 36.35 2.87
CA CYS C 473 50.58 35.29 3.69
C CYS C 473 51.48 34.07 3.57
N ASP C 474 52.24 33.77 4.62
CA ASP C 474 53.29 32.74 4.58
C ASP C 474 53.22 31.83 5.80
N ASN C 475 52.47 30.74 5.69
CA ASN C 475 52.57 29.56 6.55
C ASN C 475 52.16 29.76 8.01
N ALA C 476 51.84 30.98 8.43
CA ALA C 476 51.27 31.27 9.74
C ALA C 476 49.83 31.72 9.66
N CYS C 477 49.53 32.58 8.68
CA CYS C 477 48.15 32.92 8.37
C CYS C 477 47.40 31.75 7.76
N ILE C 478 48.10 30.93 6.98
CA ILE C 478 47.46 29.75 6.39
C ILE C 478 47.11 28.78 7.50
N GLY C 479 48.01 28.61 8.46
CA GLY C 479 47.72 27.78 9.62
C GLY C 479 46.47 28.22 10.35
N SER C 480 46.39 29.52 10.67
CA SER C 480 45.23 30.04 11.37
C SER C 480 43.95 29.84 10.56
N ILE C 481 44.04 30.02 9.24
CA ILE C 481 42.87 29.81 8.40
C ILE C 481 42.43 28.35 8.47
N ARG C 482 43.38 27.41 8.41
CA ARG C 482 43.03 26.01 8.50
C ARG C 482 42.44 25.67 9.86
N ASN C 483 42.98 26.26 10.93
CA ASN C 483 42.46 26.00 12.27
C ASN C 483 41.13 26.68 12.48
N GLY C 484 41.01 27.92 12.02
CA GLY C 484 39.93 28.82 12.39
C GLY C 484 40.43 29.93 13.29
N THR C 485 39.53 30.86 13.58
CA THR C 485 39.85 32.06 14.36
C THR C 485 40.97 32.84 13.69
N TYR C 486 40.81 33.10 12.39
CA TYR C 486 41.75 33.89 11.64
C TYR C 486 41.43 35.37 11.81
N ASP C 487 42.43 36.16 12.20
CA ASP C 487 42.24 37.57 12.51
C ASP C 487 42.38 38.37 11.22
N HIS C 488 41.24 38.75 10.64
CA HIS C 488 41.25 39.52 9.40
C HIS C 488 41.63 40.98 9.61
N ASP C 489 41.47 41.50 10.83
CA ASP C 489 41.66 42.94 11.05
C ASP C 489 43.12 43.34 10.90
N VAL C 490 44.04 42.48 11.33
CA VAL C 490 45.46 42.84 11.27
C VAL C 490 45.93 42.95 9.81
N TYR C 491 45.41 42.09 8.93
CA TYR C 491 45.78 42.10 7.52
C TYR C 491 44.81 42.90 6.66
N ARG C 492 43.85 43.60 7.26
CA ARG C 492 42.75 44.17 6.47
C ARG C 492 43.22 45.33 5.60
N ASP C 493 44.12 46.17 6.13
CA ASP C 493 44.52 47.34 5.36
C ASP C 493 45.41 46.95 4.19
N GLU C 494 46.28 45.96 4.37
CA GLU C 494 47.16 45.52 3.28
C GLU C 494 46.34 44.90 2.16
N ALA C 495 45.41 44.02 2.52
CA ALA C 495 44.59 43.36 1.51
C ALA C 495 43.70 44.36 0.79
N LEU C 496 43.13 45.34 1.51
CA LEU C 496 42.31 46.32 0.82
C LEU C 496 43.14 47.23 -0.07
N ASN C 497 44.37 47.54 0.33
CA ASN C 497 45.23 48.35 -0.52
C ASN C 497 45.61 47.60 -1.78
N ASN C 498 45.75 46.28 -1.69
CA ASN C 498 46.07 45.50 -2.87
C ASN C 498 44.85 45.22 -3.74
N ARG C 499 43.64 45.17 -3.16
CA ARG C 499 42.44 44.91 -3.94
C ARG C 499 41.82 46.14 -4.59
N PHE C 500 41.73 47.27 -3.88
CA PHE C 500 40.97 48.43 -4.34
C PHE C 500 41.83 49.66 -4.67
N GLN C 501 43.12 49.48 -4.91
CA GLN C 501 43.96 50.56 -5.43
C GLN C 501 44.19 50.37 -6.92
N ILE C 502 44.27 51.48 -7.64
CA ILE C 502 44.43 51.48 -9.08
C ILE C 502 45.91 51.41 -9.42
N ASN D 8 27.78 54.51 18.39
CA ASN D 8 28.97 55.13 17.80
C ASN D 8 28.66 55.48 16.33
N SER D 9 29.45 55.00 15.37
CA SER D 9 29.20 55.23 13.95
C SER D 9 28.74 53.97 13.23
N THR D 10 28.67 52.83 13.92
CA THR D 10 28.26 51.56 13.34
C THR D 10 27.13 50.97 14.18
N ALA D 11 26.55 49.89 13.66
CA ALA D 11 25.48 49.17 14.34
C ALA D 11 25.62 47.71 14.01
N THR D 12 25.10 46.84 14.87
CA THR D 12 25.12 45.41 14.62
C THR D 12 23.68 44.94 14.43
N LEU D 13 23.42 44.29 13.30
CA LEU D 13 22.10 43.72 13.02
C LEU D 13 22.26 42.21 12.90
N CYS D 14 21.76 41.48 13.88
CA CYS D 14 21.87 40.04 13.94
C CYS D 14 20.55 39.44 13.51
N LEU D 15 20.62 38.40 12.69
CA LEU D 15 19.45 37.69 12.23
C LEU D 15 19.44 36.37 12.95
N GLY D 16 18.26 35.90 13.32
CA GLY D 16 18.23 34.66 14.05
C GLY D 16 16.83 34.12 14.16
N HIS D 17 16.71 33.12 15.01
CA HIS D 17 15.47 32.39 15.16
C HIS D 17 15.20 32.05 16.61
N HIS D 18 13.93 31.74 16.87
CA HIS D 18 13.49 31.41 18.22
C HIS D 18 13.98 30.03 18.63
N ALA D 19 13.95 29.78 19.94
CA ALA D 19 14.25 28.48 20.49
C ALA D 19 13.36 28.26 21.71
N VAL D 20 13.20 27.00 22.08
CA VAL D 20 12.33 26.62 23.20
C VAL D 20 13.21 26.07 24.33
N PRO D 21 12.83 26.23 25.60
CA PRO D 21 13.62 25.60 26.67
C PRO D 21 13.68 24.09 26.57
N ASN D 22 12.60 23.44 26.09
CA ASN D 22 12.50 21.98 26.05
C ASN D 22 12.02 21.59 24.66
N GLY D 23 12.93 21.01 23.87
CA GLY D 23 12.61 20.57 22.53
C GLY D 23 12.12 19.14 22.49
N THR D 24 11.99 18.62 21.27
CA THR D 24 11.52 17.27 21.00
C THR D 24 12.55 16.57 20.12
N ILE D 25 12.77 15.29 20.36
CA ILE D 25 13.75 14.53 19.59
C ILE D 25 13.06 13.82 18.43
N VAL D 26 13.56 14.05 17.21
CA VAL D 26 13.02 13.46 15.99
C VAL D 26 14.16 12.80 15.22
N LYS D 27 13.77 11.94 14.28
CA LYS D 27 14.68 11.22 13.39
C LYS D 27 14.77 11.91 12.03
N THR D 28 15.92 11.78 11.39
CA THR D 28 16.17 12.34 10.06
C THR D 28 17.00 11.35 9.26
N ILE D 29 17.44 11.77 8.07
CA ILE D 29 18.34 10.95 7.26
C ILE D 29 19.74 10.97 7.86
N THR D 30 20.22 12.15 8.26
CA THR D 30 21.58 12.28 8.77
C THR D 30 21.71 11.79 10.21
N ASN D 31 20.65 11.93 11.00
CA ASN D 31 20.72 11.67 12.43
C ASN D 31 19.44 10.97 12.88
N ASP D 32 19.57 10.21 13.97
CA ASP D 32 18.44 9.56 14.61
C ASP D 32 17.85 10.37 15.75
N GLN D 33 18.65 11.23 16.39
CA GLN D 33 18.25 12.01 17.55
C GLN D 33 18.65 13.48 17.30
N ILE D 34 17.78 14.23 16.63
CA ILE D 34 17.97 15.66 16.43
C ILE D 34 16.85 16.40 17.15
N GLU D 35 17.22 17.39 17.95
CA GLU D 35 16.25 18.17 18.73
C GLU D 35 15.64 19.26 17.88
N VAL D 36 14.31 19.38 17.92
CA VAL D 36 13.56 20.40 17.21
C VAL D 36 12.71 21.17 18.21
N THR D 37 12.27 22.36 17.78
CA THR D 37 11.45 23.20 18.67
C THR D 37 10.08 22.58 18.93
N ASN D 38 9.49 21.94 17.92
CA ASN D 38 8.15 21.41 18.04
C ASN D 38 8.01 20.19 17.13
N ALA D 39 7.10 19.29 17.51
CA ALA D 39 6.82 18.10 16.72
C ALA D 39 5.43 17.62 17.05
N THR D 40 4.82 16.91 16.10
CA THR D 40 3.50 16.32 16.25
C THR D 40 3.58 14.81 16.14
N GLU D 41 2.77 14.13 16.93
CA GLU D 41 2.70 12.67 16.89
C GLU D 41 1.87 12.24 15.69
N LEU D 42 2.46 11.39 14.84
CA LEU D 42 1.77 10.84 13.67
C LEU D 42 1.24 9.43 13.89
N VAL D 43 1.53 8.80 15.03
CA VAL D 43 1.06 7.46 15.32
C VAL D 43 0.08 7.55 16.49
N GLN D 44 -1.17 7.21 16.22
CA GLN D 44 -2.17 7.13 17.27
C GLN D 44 -1.91 5.88 18.11
N SER D 45 -1.50 6.07 19.36
CA SER D 45 -1.09 4.98 20.24
C SER D 45 -2.05 4.81 21.41
N SER D 46 -3.26 5.35 21.31
CA SER D 46 -4.25 5.23 22.37
C SER D 46 -5.64 5.26 21.74
N SER D 47 -6.61 4.78 22.51
CA SER D 47 -8.01 4.77 22.12
C SER D 47 -8.85 5.36 23.24
N THR D 48 -10.11 5.66 22.92
CA THR D 48 -11.04 6.11 23.94
C THR D 48 -11.50 4.98 24.85
N GLY D 49 -11.27 3.72 24.45
CA GLY D 49 -11.75 2.59 25.20
C GLY D 49 -13.17 2.18 24.89
N GLU D 50 -13.87 2.92 24.03
CA GLU D 50 -15.26 2.65 23.69
C GLU D 50 -15.43 2.74 22.17
N ILE D 51 -16.34 1.92 21.66
CA ILE D 51 -16.72 1.94 20.25
C ILE D 51 -17.80 3.00 20.04
N CYS D 52 -17.61 3.83 19.03
CA CYS D 52 -18.52 4.92 18.72
C CYS D 52 -19.58 4.48 17.73
N ASP D 53 -20.83 4.83 18.03
CA ASP D 53 -21.99 4.37 17.31
C ASP D 53 -22.42 5.29 16.17
N SER D 54 -21.57 6.25 15.80
CA SER D 54 -21.89 7.19 14.74
C SER D 54 -20.59 7.51 14.00
N PRO D 55 -20.61 7.67 12.66
CA PRO D 55 -21.75 7.62 11.74
C PRO D 55 -22.15 6.19 11.37
N HIS D 56 -21.37 5.20 11.78
CA HIS D 56 -21.61 3.81 11.39
C HIS D 56 -22.64 3.18 12.31
N GLN D 57 -23.53 2.39 11.72
CA GLN D 57 -24.52 1.64 12.48
C GLN D 57 -23.82 0.44 13.11
N ILE D 58 -23.78 0.41 14.45
CA ILE D 58 -23.06 -0.62 15.18
C ILE D 58 -24.10 -1.51 15.85
N LEU D 59 -24.01 -2.81 15.57
CA LEU D 59 -24.92 -3.81 16.14
C LEU D 59 -24.13 -4.59 17.18
N ASP D 60 -24.51 -4.45 18.45
CA ASP D 60 -23.80 -5.07 19.54
C ASP D 60 -24.20 -6.54 19.61
N GLY D 61 -23.23 -7.44 19.45
CA GLY D 61 -23.52 -8.85 19.46
C GLY D 61 -23.96 -9.38 20.81
N LYS D 62 -23.61 -8.68 21.89
CA LYS D 62 -23.97 -9.10 23.24
C LYS D 62 -23.44 -10.52 23.51
N ASN D 63 -24.32 -11.51 23.67
CA ASN D 63 -23.92 -12.89 23.88
C ASN D 63 -23.87 -13.69 22.57
N CYS D 64 -24.06 -13.03 21.43
CA CYS D 64 -24.20 -13.69 20.15
C CYS D 64 -22.97 -13.48 19.27
N THR D 65 -22.64 -14.51 18.50
CA THR D 65 -21.80 -14.38 17.34
C THR D 65 -22.68 -14.07 16.12
N LEU D 66 -22.04 -13.69 15.02
CA LEU D 66 -22.81 -13.37 13.82
C LEU D 66 -23.50 -14.59 13.27
N ILE D 67 -22.85 -15.76 13.32
CA ILE D 67 -23.47 -16.98 12.80
C ILE D 67 -24.67 -17.37 13.66
N ASP D 68 -24.55 -17.24 14.99
CA ASP D 68 -25.69 -17.52 15.86
C ASP D 68 -26.86 -16.60 15.53
N ALA D 69 -26.58 -15.33 15.25
CA ALA D 69 -27.63 -14.40 14.87
C ALA D 69 -28.22 -14.78 13.51
N LEU D 70 -27.37 -15.28 12.62
CA LEU D 70 -27.84 -15.73 11.31
C LEU D 70 -28.80 -16.90 11.45
N LEU D 71 -28.46 -17.86 12.31
CA LEU D 71 -29.31 -19.04 12.46
C LEU D 71 -30.53 -18.74 13.32
N GLY D 72 -30.39 -17.85 14.30
CA GLY D 72 -31.51 -17.43 15.11
C GLY D 72 -31.76 -18.29 16.32
N ASP D 73 -30.69 -18.63 17.04
CA ASP D 73 -30.82 -19.29 18.33
C ASP D 73 -31.46 -18.33 19.33
N PRO D 74 -32.06 -18.86 20.41
CA PRO D 74 -32.93 -18.01 21.26
C PRO D 74 -32.31 -16.74 21.81
N GLN D 75 -31.02 -16.79 22.19
CA GLN D 75 -30.40 -15.60 22.76
C GLN D 75 -30.23 -14.50 21.72
N CYS D 76 -30.40 -14.81 20.45
CA CYS D 76 -30.21 -13.87 19.35
C CYS D 76 -31.55 -13.44 18.76
N ASP D 77 -32.66 -13.66 19.50
CA ASP D 77 -33.97 -13.28 18.97
C ASP D 77 -34.04 -11.79 18.67
N GLY D 78 -33.30 -10.98 19.40
CA GLY D 78 -33.30 -9.55 19.19
C GLY D 78 -32.51 -9.10 17.98
N PHE D 79 -31.87 -10.02 17.26
CA PHE D 79 -31.08 -9.69 16.08
C PHE D 79 -31.81 -10.00 14.77
N GLN D 80 -33.11 -10.29 14.83
CA GLN D 80 -33.84 -10.63 13.62
C GLN D 80 -34.04 -9.41 12.72
N ASN D 81 -33.73 -9.58 11.44
CA ASN D 81 -33.97 -8.57 10.41
C ASN D 81 -33.26 -7.25 10.70
N LYS D 82 -32.10 -7.32 11.37
CA LYS D 82 -31.32 -6.13 11.67
C LYS D 82 -30.26 -5.89 10.61
N LYS D 83 -29.83 -4.63 10.52
CA LYS D 83 -28.77 -4.19 9.63
C LYS D 83 -27.66 -3.56 10.45
N TRP D 84 -26.47 -3.51 9.88
CA TRP D 84 -25.33 -2.92 10.57
C TRP D 84 -24.34 -2.40 9.54
N ASP D 85 -23.50 -1.48 10.01
CA ASP D 85 -22.26 -1.14 9.32
C ASP D 85 -21.09 -1.94 9.89
N LEU D 86 -21.10 -2.21 11.19
CA LEU D 86 -20.09 -3.05 11.80
C LEU D 86 -20.74 -3.88 12.89
N PHE D 87 -20.59 -5.20 12.80
CA PHE D 87 -21.07 -6.13 13.81
C PHE D 87 -19.94 -6.35 14.79
N VAL D 88 -20.21 -6.16 16.08
CA VAL D 88 -19.20 -6.31 17.12
C VAL D 88 -19.47 -7.62 17.85
N GLU D 89 -18.54 -8.56 17.71
CA GLU D 89 -18.64 -9.89 18.29
C GLU D 89 -17.83 -9.90 19.59
N ARG D 90 -18.46 -10.33 20.68
CA ARG D 90 -17.81 -10.35 21.97
C ARG D 90 -17.17 -11.71 22.22
N SER D 91 -16.03 -11.69 22.94
CA SER D 91 -15.37 -12.95 23.30
C SER D 91 -16.13 -13.68 24.40
N LYS D 92 -17.03 -13.00 25.11
CA LYS D 92 -17.93 -13.66 26.04
C LYS D 92 -19.10 -14.34 25.33
N ALA D 93 -19.25 -14.14 24.02
CA ALA D 93 -20.34 -14.76 23.29
C ALA D 93 -20.18 -16.28 23.29
N TYR D 94 -21.30 -16.97 23.37
CA TYR D 94 -21.30 -18.43 23.44
C TYR D 94 -22.57 -18.95 22.77
N SER D 95 -22.49 -20.15 22.23
CA SER D 95 -23.66 -20.82 21.71
C SER D 95 -24.45 -21.45 22.86
N ASN D 96 -25.75 -21.27 22.84
CA ASN D 96 -26.67 -21.78 23.86
C ASN D 96 -27.85 -22.47 23.19
N CYS D 97 -27.54 -23.32 22.23
CA CYS D 97 -28.53 -23.96 21.38
C CYS D 97 -27.97 -25.31 20.96
N PHE D 98 -28.53 -25.87 19.89
CA PHE D 98 -28.04 -27.13 19.37
C PHE D 98 -26.57 -27.00 18.99
N PRO D 99 -25.71 -27.97 19.34
CA PRO D 99 -24.31 -27.89 18.88
C PRO D 99 -24.23 -27.91 17.36
N TYR D 100 -23.36 -27.09 16.81
CA TYR D 100 -23.23 -26.98 15.36
C TYR D 100 -21.80 -26.59 15.01
N ASP D 101 -21.46 -26.85 13.75
CA ASP D 101 -20.22 -26.37 13.16
C ASP D 101 -20.52 -25.91 11.74
N VAL D 102 -19.62 -25.12 11.18
CA VAL D 102 -19.76 -24.60 9.83
C VAL D 102 -18.52 -25.02 9.04
N PRO D 103 -18.61 -25.97 8.11
CA PRO D 103 -17.48 -26.19 7.19
C PRO D 103 -17.18 -24.92 6.42
N ASP D 104 -15.93 -24.48 6.52
CA ASP D 104 -15.53 -23.14 6.06
C ASP D 104 -16.34 -22.07 6.80
N TYR D 105 -16.17 -22.06 8.13
CA TYR D 105 -16.82 -21.08 8.98
C TYR D 105 -16.46 -19.66 8.58
N ALA D 106 -15.18 -19.42 8.34
CA ALA D 106 -14.70 -18.08 8.02
C ALA D 106 -15.36 -17.52 6.77
N SER D 107 -15.60 -18.38 5.77
CA SER D 107 -16.22 -17.89 4.54
C SER D 107 -17.67 -17.48 4.77
N LEU D 108 -18.43 -18.23 5.55
CA LEU D 108 -19.81 -17.83 5.82
C LEU D 108 -19.85 -16.57 6.68
N ARG D 109 -18.98 -16.49 7.67
CA ARG D 109 -18.94 -15.31 8.52
C ARG D 109 -18.58 -14.06 7.72
N SER D 110 -17.60 -14.19 6.81
CA SER D 110 -17.25 -13.06 5.95
C SER D 110 -18.38 -12.71 4.99
N LEU D 111 -19.06 -13.72 4.45
CA LEU D 111 -20.16 -13.48 3.51
C LEU D 111 -21.29 -12.70 4.19
N VAL D 112 -21.65 -13.10 5.40
CA VAL D 112 -22.74 -12.41 6.11
C VAL D 112 -22.27 -11.04 6.57
N ALA D 113 -21.05 -10.93 7.08
CA ALA D 113 -20.53 -9.65 7.53
C ALA D 113 -20.50 -8.64 6.39
N SER D 114 -20.14 -9.09 5.18
CA SER D 114 -20.10 -8.20 4.03
C SER D 114 -21.49 -7.98 3.44
N SER D 115 -22.44 -8.87 3.72
CA SER D 115 -23.81 -8.63 3.26
C SER D 115 -24.44 -7.48 4.03
N GLY D 116 -24.15 -7.38 5.33
CA GLY D 116 -24.53 -6.23 6.12
C GLY D 116 -25.93 -6.24 6.65
N THR D 117 -26.68 -7.33 6.50
CA THR D 117 -28.05 -7.38 6.96
C THR D 117 -28.44 -8.81 7.30
N LEU D 118 -29.36 -8.94 8.26
CA LEU D 118 -30.08 -10.18 8.53
C LEU D 118 -31.52 -10.10 8.06
N GLU D 119 -31.83 -9.20 7.13
CA GLU D 119 -33.16 -9.12 6.57
C GLU D 119 -33.52 -10.45 5.92
N PHE D 120 -34.56 -11.09 6.44
CA PHE D 120 -34.93 -12.44 6.06
C PHE D 120 -36.39 -12.45 5.64
N ASN D 121 -36.65 -13.02 4.46
CA ASN D 121 -38.00 -13.19 3.96
C ASN D 121 -38.36 -14.67 3.98
N ASN D 122 -39.46 -15.01 4.65
CA ASN D 122 -39.93 -16.38 4.68
C ASN D 122 -40.53 -16.74 3.34
N GLU D 123 -40.38 -18.02 2.97
CA GLU D 123 -40.89 -18.53 1.70
C GLU D 123 -41.76 -19.75 1.95
N SER D 124 -42.77 -19.91 1.09
CA SER D 124 -43.70 -21.03 1.18
C SER D 124 -43.08 -22.25 0.49
N PHE D 125 -42.06 -22.81 1.15
CA PHE D 125 -41.46 -24.05 0.67
C PHE D 125 -42.46 -25.19 0.80
N ASN D 126 -42.46 -26.07 -0.20
CA ASN D 126 -43.41 -27.19 -0.22
C ASN D 126 -42.81 -28.38 0.52
N TRP D 127 -42.77 -28.25 1.85
CA TRP D 127 -42.33 -29.33 2.72
C TRP D 127 -43.52 -30.24 3.04
N THR D 128 -43.94 -30.97 2.01
CA THR D 128 -45.08 -31.87 2.11
C THR D 128 -44.57 -33.28 2.41
N GLY D 129 -45.22 -33.95 3.37
CA GLY D 129 -44.86 -35.29 3.76
C GLY D 129 -43.88 -35.38 4.91
N VAL D 130 -43.44 -34.25 5.46
CA VAL D 130 -42.52 -34.21 6.59
C VAL D 130 -43.11 -33.34 7.68
N THR D 131 -42.61 -33.53 8.90
CA THR D 131 -43.03 -32.74 10.05
C THR D 131 -42.08 -31.56 10.23
N GLN D 132 -42.63 -30.35 10.25
CA GLN D 132 -41.83 -29.15 10.38
C GLN D 132 -41.71 -28.74 11.85
N ASN D 133 -40.81 -27.78 12.10
CA ASN D 133 -40.65 -27.17 13.41
C ASN D 133 -40.24 -28.19 14.48
N GLY D 134 -39.19 -28.94 14.18
CA GLY D 134 -38.58 -29.77 15.20
C GLY D 134 -37.88 -28.95 16.26
N THR D 135 -37.85 -29.48 17.47
CA THR D 135 -37.35 -28.78 18.65
C THR D 135 -36.23 -29.58 19.31
N SER D 136 -35.50 -28.89 20.20
CA SER D 136 -34.42 -29.50 20.96
C SER D 136 -34.39 -28.93 22.36
N SER D 137 -33.97 -29.77 23.31
CA SER D 137 -33.84 -29.31 24.70
C SER D 137 -32.66 -28.37 24.89
N ALA D 138 -31.72 -28.34 23.95
CA ALA D 138 -30.57 -27.44 24.06
C ALA D 138 -30.92 -25.99 23.73
N CYS D 139 -32.03 -25.76 23.02
CA CYS D 139 -32.47 -24.43 22.61
C CYS D 139 -33.78 -24.13 23.32
N ILE D 140 -33.71 -23.32 24.38
CA ILE D 140 -34.88 -22.93 25.17
C ILE D 140 -35.23 -21.50 24.79
N ARG D 141 -36.42 -21.31 24.23
CA ARG D 141 -36.83 -20.00 23.71
C ARG D 141 -37.51 -19.15 24.78
N ARG D 142 -38.69 -19.59 25.23
CA ARG D 142 -39.37 -18.98 26.38
C ARG D 142 -39.84 -20.13 27.26
N SER D 143 -38.93 -20.67 28.06
CA SER D 143 -39.21 -21.81 28.93
C SER D 143 -39.77 -23.02 28.19
N LYS D 144 -39.52 -23.16 26.89
CA LYS D 144 -39.93 -24.36 26.16
C LYS D 144 -38.88 -24.72 25.12
N ASN D 145 -38.84 -26.00 24.78
CA ASN D 145 -37.90 -26.51 23.78
C ASN D 145 -38.15 -25.84 22.44
N SER D 146 -37.07 -25.47 21.76
CA SER D 146 -37.18 -24.77 20.48
C SER D 146 -35.98 -25.15 19.62
N PHE D 147 -35.70 -24.34 18.60
CA PHE D 147 -34.65 -24.60 17.64
C PHE D 147 -34.24 -23.24 17.05
N PHE D 148 -33.26 -23.26 16.15
CA PHE D 148 -32.88 -22.04 15.44
C PHE D 148 -34.09 -21.46 14.71
N SER D 149 -34.30 -20.15 14.87
CA SER D 149 -35.49 -19.51 14.36
C SER D 149 -35.50 -19.38 12.84
N ARG D 150 -34.32 -19.35 12.22
CA ARG D 150 -34.19 -19.23 10.76
C ARG D 150 -34.01 -20.57 10.07
N LEU D 151 -34.07 -21.68 10.82
CA LEU D 151 -33.96 -23.03 10.28
C LEU D 151 -35.21 -23.82 10.64
N ASN D 152 -35.56 -24.76 9.78
CA ASN D 152 -36.70 -25.65 9.96
C ASN D 152 -36.20 -27.08 10.04
N TRP D 153 -36.24 -27.66 11.23
CA TRP D 153 -35.75 -29.02 11.42
C TRP D 153 -36.87 -29.96 10.97
N LEU D 154 -36.68 -30.58 9.80
CA LEU D 154 -37.68 -31.48 9.25
C LEU D 154 -37.43 -32.89 9.77
N THR D 155 -38.51 -33.55 10.21
CA THR D 155 -38.48 -34.92 10.69
C THR D 155 -39.57 -35.70 9.96
N HIS D 156 -39.66 -36.99 10.27
CA HIS D 156 -40.65 -37.84 9.62
C HIS D 156 -42.07 -37.43 10.01
N LEU D 157 -43.01 -37.70 9.12
CA LEU D 157 -44.43 -37.50 9.37
C LEU D 157 -45.12 -38.84 9.26
N ASN D 158 -45.75 -39.28 10.34
CA ASN D 158 -46.38 -40.60 10.42
C ASN D 158 -45.38 -41.70 10.08
N PHE D 159 -44.19 -41.59 10.66
CA PHE D 159 -43.10 -42.56 10.50
C PHE D 159 -42.65 -42.68 9.04
N LYS D 160 -42.90 -41.66 8.22
CA LYS D 160 -42.46 -41.61 6.83
C LYS D 160 -41.74 -40.29 6.58
N TYR D 161 -40.64 -40.39 5.85
CA TYR D 161 -39.88 -39.24 5.35
C TYR D 161 -39.67 -39.47 3.86
N PRO D 162 -40.61 -39.06 3.01
CA PRO D 162 -40.39 -39.23 1.58
C PRO D 162 -39.30 -38.37 0.96
N ALA D 163 -38.73 -38.88 -0.12
CA ALA D 163 -37.62 -38.19 -0.77
C ALA D 163 -38.10 -36.85 -1.29
N LEU D 164 -37.55 -35.78 -0.73
CA LEU D 164 -37.96 -34.44 -1.06
C LEU D 164 -37.20 -33.98 -2.29
N ASN D 165 -37.93 -33.33 -3.19
CA ASN D 165 -37.42 -32.67 -4.39
C ASN D 165 -38.19 -31.36 -4.47
N VAL D 166 -37.69 -30.34 -3.77
CA VAL D 166 -38.43 -29.09 -3.57
C VAL D 166 -37.65 -27.99 -4.27
N THR D 167 -38.33 -27.25 -5.14
CA THR D 167 -37.73 -26.17 -5.90
C THR D 167 -38.37 -24.82 -5.61
N MET D 168 -37.58 -23.77 -5.81
CA MET D 168 -38.06 -22.40 -5.68
C MET D 168 -37.34 -21.45 -6.65
N PRO D 169 -38.00 -20.95 -7.70
CA PRO D 169 -37.33 -20.02 -8.61
C PRO D 169 -36.95 -18.73 -7.89
N ASN D 170 -35.88 -18.10 -8.36
CA ASN D 170 -35.52 -16.75 -7.95
C ASN D 170 -36.08 -15.80 -9.01
N ASN D 171 -37.26 -15.24 -8.72
CA ASN D 171 -37.96 -14.34 -9.64
C ASN D 171 -37.74 -12.86 -9.30
N GLU D 172 -36.80 -12.56 -8.40
CA GLU D 172 -36.50 -11.20 -8.01
C GLU D 172 -35.21 -10.75 -8.72
N GLN D 173 -34.80 -9.51 -8.45
CA GLN D 173 -33.65 -8.89 -9.09
C GLN D 173 -32.38 -8.98 -8.25
N PHE D 174 -32.41 -9.71 -7.13
CA PHE D 174 -31.28 -9.81 -6.21
C PHE D 174 -30.94 -11.26 -5.95
N ASP D 175 -29.73 -11.48 -5.46
CA ASP D 175 -29.30 -12.82 -5.04
C ASP D 175 -30.01 -13.20 -3.75
N LYS D 176 -30.34 -14.49 -3.63
CA LYS D 176 -30.93 -15.04 -2.41
C LYS D 176 -29.93 -15.97 -1.74
N LEU D 177 -29.67 -15.73 -0.45
CA LEU D 177 -28.76 -16.55 0.34
C LEU D 177 -29.59 -17.52 1.19
N TYR D 178 -29.41 -18.81 0.95
CA TYR D 178 -30.11 -19.86 1.68
C TYR D 178 -29.12 -20.54 2.61
N ILE D 179 -29.46 -20.57 3.89
CA ILE D 179 -28.68 -21.21 4.93
C ILE D 179 -29.41 -22.50 5.30
N TRP D 180 -28.69 -23.61 5.29
CA TRP D 180 -29.28 -24.92 5.52
C TRP D 180 -28.19 -25.76 6.19
N GLY D 181 -28.57 -26.94 6.68
CA GLY D 181 -27.56 -27.79 7.25
C GLY D 181 -27.91 -29.25 7.24
N VAL D 182 -27.01 -30.03 7.83
CA VAL D 182 -27.09 -31.48 7.90
C VAL D 182 -27.00 -31.87 9.36
N HIS D 183 -27.94 -32.68 9.82
CA HIS D 183 -27.91 -33.19 11.18
C HIS D 183 -27.14 -34.51 11.18
N HIS D 184 -26.16 -34.60 12.07
CA HIS D 184 -25.30 -35.76 12.25
C HIS D 184 -25.66 -36.33 13.62
N PRO D 185 -26.56 -37.32 13.70
CA PRO D 185 -26.97 -37.83 15.02
C PRO D 185 -25.86 -38.59 15.72
N GLY D 186 -26.03 -38.71 17.04
CA GLY D 186 -25.06 -39.45 17.84
C GLY D 186 -25.04 -40.93 17.53
N THR D 187 -26.22 -41.53 17.28
CA THR D 187 -26.32 -42.97 17.07
C THR D 187 -27.39 -43.27 16.02
N ASP D 188 -27.46 -44.55 15.64
CA ASP D 188 -28.47 -45.00 14.69
C ASP D 188 -29.88 -44.87 15.24
N LYS D 189 -30.04 -44.99 16.57
CA LYS D 189 -31.37 -44.86 17.15
C LYS D 189 -31.93 -43.47 16.93
N ASP D 190 -31.09 -42.45 16.85
CA ASP D 190 -31.60 -41.11 16.64
C ASP D 190 -31.93 -40.89 15.17
N GLN D 191 -31.16 -41.51 14.28
CA GLN D 191 -31.44 -41.42 12.86
C GLN D 191 -32.78 -42.06 12.54
N ILE D 192 -33.07 -43.20 13.16
CA ILE D 192 -34.36 -43.86 12.90
C ILE D 192 -35.48 -43.11 13.61
N PHE D 193 -35.27 -42.72 14.87
CA PHE D 193 -36.28 -41.98 15.63
C PHE D 193 -36.72 -40.71 14.91
N LEU D 194 -35.77 -39.93 14.38
CA LEU D 194 -36.10 -38.67 13.73
C LEU D 194 -36.48 -38.78 12.26
N TYR D 195 -35.83 -39.67 11.49
CA TYR D 195 -36.05 -39.74 10.05
C TYR D 195 -36.64 -41.04 9.55
N ALA D 196 -36.81 -42.05 10.41
CA ALA D 196 -37.46 -43.32 10.09
C ALA D 196 -36.71 -44.14 9.03
N GLN D 197 -35.48 -43.77 8.67
CA GLN D 197 -34.71 -44.54 7.72
C GLN D 197 -33.26 -44.12 7.79
N ALA D 198 -32.37 -45.03 7.38
CA ALA D 198 -30.98 -44.67 7.18
C ALA D 198 -30.86 -43.70 6.01
N SER D 199 -29.88 -42.80 6.10
CA SER D 199 -29.76 -41.68 5.19
C SER D 199 -28.61 -41.88 4.21
N GLY D 200 -28.77 -41.27 3.04
CA GLY D 200 -27.76 -41.27 2.00
C GLY D 200 -27.03 -39.95 1.95
N ARG D 201 -27.45 -39.08 1.02
CA ARG D 201 -26.84 -37.77 0.84
C ARG D 201 -27.93 -36.72 0.69
N ILE D 202 -27.55 -35.48 0.94
CA ILE D 202 -28.38 -34.29 0.72
C ILE D 202 -27.69 -33.47 -0.36
N THR D 203 -28.42 -33.15 -1.42
CA THR D 203 -27.89 -32.33 -2.51
C THR D 203 -28.72 -31.07 -2.66
N VAL D 204 -28.07 -29.92 -2.61
CA VAL D 204 -28.70 -28.62 -2.85
C VAL D 204 -28.01 -28.06 -4.07
N SER D 205 -28.79 -27.72 -5.09
CA SER D 205 -28.21 -27.28 -6.35
C SER D 205 -28.99 -26.14 -6.97
N THR D 206 -28.31 -25.45 -7.88
CA THR D 206 -28.87 -24.46 -8.76
C THR D 206 -28.44 -24.82 -10.18
N LYS D 207 -28.77 -23.96 -11.14
CA LYS D 207 -28.26 -24.19 -12.48
C LYS D 207 -26.75 -24.02 -12.53
N ARG D 208 -26.22 -23.07 -11.77
CA ARG D 208 -24.79 -22.75 -11.82
C ARG D 208 -23.94 -23.80 -11.11
N SER D 209 -24.37 -24.25 -9.93
CA SER D 209 -23.51 -25.06 -9.08
C SER D 209 -24.35 -26.05 -8.27
N GLN D 210 -23.64 -26.97 -7.62
CA GLN D 210 -24.26 -27.98 -6.76
C GLN D 210 -23.38 -28.23 -5.54
N GLN D 211 -24.02 -28.58 -4.43
CA GLN D 211 -23.35 -29.00 -3.21
C GLN D 211 -23.98 -30.30 -2.75
N THR D 212 -23.17 -31.36 -2.65
CA THR D 212 -23.62 -32.65 -2.15
C THR D 212 -22.87 -32.95 -0.86
N VAL D 213 -23.63 -33.25 0.19
CA VAL D 213 -23.11 -33.52 1.52
C VAL D 213 -23.72 -34.84 2.00
N SER D 214 -23.08 -35.45 2.99
CA SER D 214 -23.55 -36.71 3.56
C SER D 214 -23.65 -36.64 5.08
N PRO D 215 -24.71 -37.19 5.68
CA PRO D 215 -24.69 -37.38 7.14
C PRO D 215 -23.65 -38.41 7.55
N ASN D 216 -23.12 -38.21 8.76
CA ASN D 216 -22.10 -39.07 9.35
C ASN D 216 -22.58 -39.42 10.75
N ILE D 217 -23.23 -40.57 10.89
CA ILE D 217 -23.80 -40.97 12.16
C ILE D 217 -22.68 -41.48 13.07
N GLY D 218 -22.62 -40.94 14.28
CA GLY D 218 -21.60 -41.32 15.24
C GLY D 218 -21.52 -40.38 16.41
N SER D 219 -20.99 -40.86 17.53
CA SER D 219 -20.93 -40.04 18.73
C SER D 219 -19.88 -38.95 18.58
N ARG D 220 -20.15 -37.82 19.22
CA ARG D 220 -19.22 -36.72 19.38
C ARG D 220 -19.15 -36.39 20.86
N PRO D 221 -18.08 -35.73 21.32
CA PRO D 221 -18.08 -35.25 22.71
C PRO D 221 -19.23 -34.28 22.94
N ARG D 222 -19.94 -34.48 24.05
CA ARG D 222 -21.17 -33.74 24.29
C ARG D 222 -20.88 -32.27 24.58
N VAL D 223 -21.58 -31.39 23.89
CA VAL D 223 -21.63 -29.97 24.21
C VAL D 223 -23.07 -29.65 24.58
N ARG D 224 -23.28 -29.15 25.80
CA ARG D 224 -24.62 -28.92 26.33
C ARG D 224 -25.44 -30.22 26.30
N ASN D 225 -24.78 -31.34 26.60
CA ASN D 225 -25.42 -32.63 26.78
C ASN D 225 -26.07 -33.18 25.51
N ILE D 226 -25.58 -32.78 24.34
CA ILE D 226 -26.06 -33.27 23.05
C ILE D 226 -24.88 -33.91 22.33
N PRO D 227 -24.91 -35.21 22.00
CA PRO D 227 -23.77 -35.81 21.31
C PRO D 227 -23.78 -35.67 19.79
N SER D 228 -24.78 -35.00 19.23
CA SER D 228 -24.94 -34.84 17.79
C SER D 228 -24.50 -33.44 17.35
N ARG D 229 -24.38 -33.26 16.04
CA ARG D 229 -23.92 -31.99 15.47
C ARG D 229 -24.77 -31.59 14.27
N ILE D 230 -24.87 -30.28 14.04
CA ILE D 230 -25.43 -29.75 12.79
C ILE D 230 -24.32 -29.05 12.02
N SER D 231 -24.13 -29.45 10.76
CA SER D 231 -23.17 -28.83 9.87
C SER D 231 -23.91 -27.79 9.04
N ILE D 232 -23.42 -26.55 9.04
CA ILE D 232 -24.06 -25.45 8.32
C ILE D 232 -23.43 -25.26 6.95
N TYR D 233 -24.28 -25.25 5.93
CA TYR D 233 -23.91 -25.06 4.53
C TYR D 233 -24.77 -23.91 4.01
N TRP D 234 -24.33 -23.28 2.92
CA TRP D 234 -25.08 -22.19 2.33
C TRP D 234 -24.97 -22.23 0.81
N THR D 235 -25.96 -21.62 0.15
CA THR D 235 -25.96 -21.46 -1.30
C THR D 235 -26.53 -20.09 -1.66
N ILE D 236 -26.04 -19.55 -2.78
CA ILE D 236 -26.48 -18.27 -3.30
C ILE D 236 -27.16 -18.53 -4.64
N VAL D 237 -28.39 -18.06 -4.77
CA VAL D 237 -29.21 -18.24 -5.97
C VAL D 237 -29.27 -16.90 -6.68
N LYS D 238 -28.84 -16.88 -7.95
CA LYS D 238 -28.84 -15.67 -8.74
C LYS D 238 -30.24 -15.39 -9.31
N PRO D 239 -30.51 -14.15 -9.73
CA PRO D 239 -31.77 -13.88 -10.43
C PRO D 239 -31.93 -14.73 -11.67
N GLY D 240 -33.13 -15.28 -11.85
CA GLY D 240 -33.40 -16.20 -12.92
C GLY D 240 -33.06 -17.65 -12.62
N ASP D 241 -32.33 -17.89 -11.54
CA ASP D 241 -31.90 -19.22 -11.14
C ASP D 241 -32.92 -19.82 -10.17
N ILE D 242 -32.83 -21.13 -9.98
CA ILE D 242 -33.82 -21.90 -9.22
C ILE D 242 -33.09 -22.74 -8.18
N LEU D 243 -33.54 -22.65 -6.92
CA LEU D 243 -32.98 -23.49 -5.88
C LEU D 243 -33.69 -24.84 -5.95
N LEU D 244 -32.93 -25.93 -5.88
CA LEU D 244 -33.48 -27.28 -5.82
C LEU D 244 -32.85 -28.00 -4.63
N ILE D 245 -33.68 -28.46 -3.70
CA ILE D 245 -33.24 -29.21 -2.53
C ILE D 245 -33.72 -30.65 -2.71
N ASN D 246 -32.77 -31.57 -2.80
CA ASN D 246 -32.97 -33.00 -3.01
C ASN D 246 -32.49 -33.71 -1.76
N SER D 247 -33.40 -34.18 -0.92
CA SER D 247 -33.00 -34.74 0.37
C SER D 247 -33.93 -35.86 0.81
N THR D 248 -33.32 -36.94 1.32
CA THR D 248 -34.05 -38.08 1.88
C THR D 248 -34.06 -38.09 3.40
N GLY D 249 -33.49 -37.09 4.05
CA GLY D 249 -33.40 -37.06 5.50
C GLY D 249 -32.23 -36.20 5.93
N ASN D 250 -32.18 -35.94 7.23
CA ASN D 250 -31.11 -35.17 7.87
C ASN D 250 -31.01 -33.75 7.34
N LEU D 251 -32.10 -33.21 6.78
CA LEU D 251 -32.08 -31.86 6.22
C LEU D 251 -32.55 -30.88 7.28
N ILE D 252 -31.71 -29.89 7.57
CA ILE D 252 -32.11 -28.72 8.32
C ILE D 252 -32.43 -27.66 7.26
N ALA D 253 -33.72 -27.50 6.98
CA ALA D 253 -34.18 -26.75 5.83
C ALA D 253 -34.17 -25.25 6.09
N PRO D 254 -34.01 -24.42 5.05
CA PRO D 254 -34.23 -22.99 5.23
C PRO D 254 -35.71 -22.69 5.37
N ARG D 255 -36.02 -21.65 6.14
CA ARG D 255 -37.37 -21.12 6.24
C ARG D 255 -37.63 -20.01 5.23
N GLY D 256 -36.66 -19.71 4.38
CA GLY D 256 -36.72 -18.55 3.52
C GLY D 256 -35.32 -18.17 3.11
N TYR D 257 -35.15 -16.90 2.73
CA TYR D 257 -33.86 -16.44 2.25
C TYR D 257 -33.42 -15.15 2.94
N PHE D 258 -32.10 -14.98 2.99
CA PHE D 258 -31.44 -13.76 3.45
C PHE D 258 -31.07 -12.92 2.24
N LYS D 259 -31.03 -11.61 2.43
CA LYS D 259 -30.63 -10.72 1.35
C LYS D 259 -29.10 -10.63 1.26
N ILE D 260 -28.60 -10.76 0.03
CA ILE D 260 -27.19 -10.51 -0.28
C ILE D 260 -27.08 -9.09 -0.79
N ARG D 261 -26.22 -8.30 -0.16
CA ARG D 261 -26.00 -6.92 -0.53
C ARG D 261 -24.51 -6.64 -0.62
N SER D 262 -24.15 -5.74 -1.54
CA SER D 262 -22.83 -5.14 -1.57
C SER D 262 -22.88 -3.85 -0.79
N GLY D 263 -21.82 -3.58 -0.03
CA GLY D 263 -21.84 -2.41 0.81
C GLY D 263 -20.57 -2.28 1.62
N LYS D 264 -20.66 -1.44 2.64
CA LYS D 264 -19.53 -1.05 3.48
C LYS D 264 -19.54 -1.75 4.84
N SER D 265 -20.03 -2.99 4.89
CA SER D 265 -20.24 -3.68 6.15
C SER D 265 -19.14 -4.72 6.41
N SER D 266 -18.93 -5.01 7.69
CA SER D 266 -17.96 -6.01 8.10
C SER D 266 -18.27 -6.45 9.53
N ILE D 267 -17.36 -7.21 10.12
CA ILE D 267 -17.47 -7.73 11.48
C ILE D 267 -16.16 -7.53 12.21
N MET D 268 -16.23 -7.19 13.49
CA MET D 268 -15.06 -7.02 14.33
C MET D 268 -15.26 -7.72 15.67
N ARG D 269 -14.17 -8.27 16.20
CA ARG D 269 -14.15 -8.89 17.52
C ARG D 269 -13.61 -7.88 18.52
N SER D 270 -14.42 -7.51 19.51
CA SER D 270 -14.03 -6.47 20.45
C SER D 270 -14.82 -6.63 21.75
N ASP D 271 -14.16 -6.33 22.87
CA ASP D 271 -14.78 -6.30 24.18
C ASP D 271 -15.08 -4.88 24.66
N ALA D 272 -14.85 -3.87 23.82
CA ALA D 272 -15.05 -2.50 24.26
C ALA D 272 -16.53 -2.18 24.37
N PRO D 273 -16.95 -1.36 25.35
CA PRO D 273 -18.34 -0.91 25.37
C PRO D 273 -18.62 0.06 24.24
N ILE D 274 -19.90 0.18 23.89
CA ILE D 274 -20.36 1.09 22.85
C ILE D 274 -20.97 2.32 23.52
N GLY D 275 -20.43 3.50 23.18
CA GLY D 275 -20.85 4.75 23.76
C GLY D 275 -21.56 5.68 22.79
N LYS D 276 -21.73 6.93 23.24
CA LYS D 276 -22.38 7.98 22.47
C LYS D 276 -21.31 8.97 22.02
N CYS D 277 -21.20 9.14 20.70
CA CYS D 277 -19.95 9.57 20.09
C CYS D 277 -20.21 10.06 18.66
N ASN D 278 -19.12 10.42 17.98
CA ASN D 278 -19.08 10.51 16.51
C ASN D 278 -17.62 10.28 16.12
N SER D 279 -17.31 9.07 15.65
CA SER D 279 -15.94 8.73 15.29
C SER D 279 -15.98 7.74 14.14
N GLU D 280 -15.23 8.01 13.08
CA GLU D 280 -15.27 7.17 11.89
C GLU D 280 -14.53 5.86 12.11
N CYS D 281 -13.38 5.89 12.78
CA CYS D 281 -12.47 4.75 12.84
C CYS D 281 -12.70 3.93 14.11
N ILE D 282 -13.00 2.65 13.92
CA ILE D 282 -13.23 1.68 14.98
C ILE D 282 -12.11 0.65 14.95
N THR D 283 -11.53 0.37 16.12
CA THR D 283 -10.53 -0.66 16.30
C THR D 283 -11.03 -1.60 17.40
N PRO D 284 -10.44 -2.79 17.55
CA PRO D 284 -10.87 -3.67 18.65
C PRO D 284 -10.68 -3.08 20.03
N ASN D 285 -9.80 -2.08 20.19
CA ASN D 285 -9.62 -1.39 21.45
C ASN D 285 -10.62 -0.25 21.64
N GLY D 286 -11.54 -0.05 20.70
CA GLY D 286 -12.45 1.08 20.69
C GLY D 286 -12.16 2.00 19.51
N SER D 287 -12.99 3.02 19.38
CA SER D 287 -12.78 3.98 18.31
C SER D 287 -11.54 4.81 18.58
N ILE D 288 -10.90 5.26 17.50
CA ILE D 288 -9.72 6.12 17.59
C ILE D 288 -9.91 7.35 16.70
N PRO D 289 -9.30 8.49 17.02
CA PRO D 289 -9.27 9.58 16.04
C PRO D 289 -8.45 9.19 14.82
N ASN D 290 -8.83 9.76 13.67
CA ASN D 290 -8.14 9.52 12.41
C ASN D 290 -7.44 10.79 11.91
N ASP D 291 -7.11 11.70 12.82
CA ASP D 291 -6.35 12.87 12.42
C ASP D 291 -4.92 12.48 12.04
N LYS D 292 -4.30 11.61 12.82
CA LYS D 292 -2.95 11.19 12.55
C LYS D 292 -2.92 10.25 11.34
N PRO D 293 -1.85 10.26 10.52
CA PRO D 293 -1.82 9.38 9.35
C PRO D 293 -1.56 7.92 9.68
N PHE D 294 -1.02 7.61 10.87
CA PHE D 294 -0.66 6.26 11.25
C PHE D 294 -1.21 5.96 12.64
N GLN D 295 -1.25 4.66 12.97
CA GLN D 295 -1.72 4.23 14.28
C GLN D 295 -0.92 3.01 14.71
N ASN D 296 -0.88 2.79 16.03
CA ASN D 296 -0.29 1.60 16.64
C ASN D 296 -1.23 1.07 17.72
N VAL D 297 -2.54 1.12 17.46
CA VAL D 297 -3.53 0.60 18.39
C VAL D 297 -3.80 -0.86 18.05
N ASN D 298 -4.20 -1.11 16.82
CA ASN D 298 -4.49 -2.47 16.38
C ASN D 298 -4.32 -2.52 14.86
N ARG D 299 -4.29 -3.75 14.33
CA ARG D 299 -4.20 -3.99 12.90
C ARG D 299 -5.55 -4.26 12.25
N ILE D 300 -6.58 -4.60 13.03
CA ILE D 300 -7.94 -4.73 12.53
C ILE D 300 -8.58 -3.35 12.64
N THR D 301 -9.10 -2.86 11.52
CA THR D 301 -9.67 -1.52 11.45
C THR D 301 -11.00 -1.57 10.70
N TYR D 302 -11.82 -0.55 10.94
CA TYR D 302 -13.05 -0.36 10.19
C TYR D 302 -13.30 1.13 10.04
N GLY D 303 -13.64 1.55 8.82
CA GLY D 303 -13.93 2.93 8.54
C GLY D 303 -12.71 3.69 8.07
N ALA D 304 -12.79 5.01 8.24
CA ALA D 304 -11.75 5.94 7.79
C ALA D 304 -10.63 5.95 8.82
N CYS D 305 -9.74 4.95 8.72
CA CYS D 305 -8.72 4.71 9.74
C CYS D 305 -7.31 5.06 9.25
N PRO D 306 -6.39 5.35 10.18
CA PRO D 306 -4.97 5.43 9.81
C PRO D 306 -4.39 4.06 9.50
N ARG D 307 -3.23 4.09 8.84
CA ARG D 307 -2.50 2.86 8.56
C ARG D 307 -1.83 2.34 9.82
N TYR D 308 -1.83 1.03 9.99
CA TYR D 308 -1.19 0.42 11.16
C TYR D 308 0.31 0.27 10.91
N VAL D 309 1.10 0.71 11.90
CA VAL D 309 2.55 0.59 11.88
C VAL D 309 3.00 0.02 13.21
N LYS D 310 4.19 -0.56 13.24
CA LYS D 310 4.74 -1.11 14.47
C LYS D 310 5.47 -0.08 15.32
N GLN D 311 5.71 1.12 14.80
CA GLN D 311 6.41 2.13 15.58
C GLN D 311 5.52 2.62 16.71
N ASN D 312 6.06 2.61 17.92
CA ASN D 312 5.29 3.14 19.06
C ASN D 312 5.12 4.65 18.94
N THR D 313 6.06 5.32 18.27
CA THR D 313 5.96 6.76 18.04
C THR D 313 6.70 7.13 16.77
N LEU D 314 6.14 8.07 16.03
CA LEU D 314 6.79 8.71 14.90
C LEU D 314 6.44 10.18 14.97
N LYS D 315 7.42 11.03 15.27
CA LYS D 315 7.19 12.44 15.52
C LYS D 315 7.60 13.23 14.28
N LEU D 316 6.66 13.99 13.73
CA LEU D 316 6.90 14.81 12.54
C LEU D 316 7.25 16.20 13.00
N ALA D 317 8.40 16.69 12.56
CA ALA D 317 8.82 18.03 12.92
C ALA D 317 7.86 19.06 12.33
N THR D 318 7.03 19.66 13.18
CA THR D 318 6.28 20.86 12.84
C THR D 318 7.04 22.12 13.24
N GLY D 319 8.36 22.00 13.33
CA GLY D 319 9.24 23.07 13.74
C GLY D 319 10.65 22.67 13.35
N MET D 320 11.58 23.57 13.63
CA MET D 320 12.96 23.45 13.23
C MET D 320 13.87 23.06 14.40
N ARG D 321 15.14 22.80 14.05
CA ARG D 321 16.13 22.40 15.05
C ARG D 321 16.24 23.44 16.15
N ASN D 322 16.33 22.97 17.39
CA ASN D 322 16.22 23.87 18.53
C ASN D 322 17.45 24.75 18.68
N VAL D 323 18.64 24.13 18.71
CA VAL D 323 19.89 24.84 18.95
C VAL D 323 19.77 25.66 20.23
N PRO D 324 19.77 25.03 21.41
CA PRO D 324 19.42 25.76 22.64
C PRO D 324 20.47 26.81 23.01
N GLU D 325 20.04 27.76 23.81
CA GLU D 325 20.88 28.85 24.30
C GLU D 325 21.42 29.68 23.15
N ALA D 334 27.42 41.01 24.09
CA ALA D 334 27.38 40.86 22.64
C ALA D 334 26.17 40.04 22.22
N ILE D 335 25.88 40.06 20.92
CA ILE D 335 24.75 39.33 20.34
C ILE D 335 25.26 38.48 19.19
N ALA D 336 24.51 37.41 18.90
CA ALA D 336 24.89 36.45 17.88
C ALA D 336 23.64 36.00 17.13
N GLY D 337 23.86 35.52 15.90
CA GLY D 337 22.80 35.14 15.01
C GLY D 337 22.56 33.64 14.95
N PHE D 338 21.94 33.20 13.85
CA PHE D 338 21.53 31.81 13.72
C PHE D 338 22.70 30.85 13.57
N ILE D 339 23.88 31.33 13.16
CA ILE D 339 25.01 30.43 12.96
C ILE D 339 25.47 29.87 14.30
N GLU D 340 25.46 30.69 15.36
CA GLU D 340 26.00 30.27 16.65
C GLU D 340 24.93 29.67 17.56
N ASN D 341 23.74 30.26 17.61
CA ASN D 341 22.73 29.85 18.58
C ASN D 341 21.34 30.28 18.14
N GLY D 342 20.34 29.53 18.62
CA GLY D 342 18.97 30.00 18.57
C GLY D 342 18.63 30.87 19.76
N TRP D 343 17.57 31.66 19.62
CA TRP D 343 17.20 32.67 20.60
C TRP D 343 16.06 32.14 21.47
N GLU D 344 16.33 31.97 22.76
CA GLU D 344 15.29 31.52 23.69
C GLU D 344 14.38 32.64 24.14
N GLY D 345 14.75 33.90 23.92
CA GLY D 345 13.95 35.04 24.31
C GLY D 345 12.99 35.55 23.27
N MET D 346 12.85 34.85 22.15
CA MET D 346 11.97 35.26 21.05
C MET D 346 10.70 34.43 21.09
N VAL D 347 9.56 35.10 21.30
CA VAL D 347 8.26 34.45 21.39
C VAL D 347 7.24 35.02 20.40
N ASP D 348 7.59 36.09 19.67
CA ASP D 348 6.63 36.69 18.75
C ASP D 348 6.60 35.97 17.41
N GLY D 349 7.69 35.32 17.01
CA GLY D 349 7.72 34.61 15.75
C GLY D 349 8.83 33.58 15.74
N TRP D 350 9.00 32.95 14.57
CA TRP D 350 10.02 31.93 14.39
C TRP D 350 11.34 32.51 13.93
N TYR D 351 11.31 33.53 13.09
CA TYR D 351 12.48 34.18 12.54
C TYR D 351 12.42 35.65 12.89
N GLY D 352 13.57 36.29 13.02
CA GLY D 352 13.54 37.71 13.27
C GLY D 352 14.92 38.31 13.34
N PHE D 353 14.91 39.56 13.81
CA PHE D 353 16.07 40.41 13.89
C PHE D 353 16.27 40.82 15.35
N ARG D 354 17.53 40.98 15.71
CA ARG D 354 17.96 41.50 16.98
C ARG D 354 19.04 42.50 16.62
N HIS D 355 19.12 43.62 17.32
CA HIS D 355 20.14 44.60 16.96
C HIS D 355 20.71 45.28 18.18
N GLN D 356 21.95 45.76 18.01
CA GLN D 356 22.67 46.56 18.98
C GLN D 356 22.96 47.88 18.29
N ASN D 357 22.38 48.97 18.82
CA ASN D 357 22.46 50.29 18.24
C ASN D 357 22.94 51.28 19.28
N SER D 358 23.27 52.48 18.82
CA SER D 358 23.62 53.56 19.75
C SER D 358 22.42 53.99 20.57
N GLU D 359 21.20 53.65 20.15
CA GLU D 359 20.00 53.87 20.93
C GLU D 359 19.64 52.69 21.81
N GLY D 360 20.45 51.63 21.85
CA GLY D 360 20.18 50.49 22.69
C GLY D 360 20.00 49.20 21.91
N ARG D 361 19.83 48.13 22.67
CA ARG D 361 19.62 46.80 22.10
C ARG D 361 18.12 46.58 21.92
N GLY D 362 17.76 45.79 20.92
CA GLY D 362 16.35 45.50 20.69
C GLY D 362 16.15 44.23 19.89
N GLN D 363 14.88 43.88 19.71
CA GLN D 363 14.46 42.65 19.06
C GLN D 363 13.12 42.86 18.38
N ALA D 364 12.96 42.24 17.21
CA ALA D 364 11.69 42.24 16.50
C ALA D 364 11.59 40.95 15.70
N ALA D 365 10.38 40.44 15.54
CA ALA D 365 10.16 39.23 14.75
C ALA D 365 9.97 39.57 13.29
N ASP D 366 10.42 38.67 12.42
CA ASP D 366 10.12 38.71 10.99
C ASP D 366 8.96 37.77 10.76
N LEU D 367 7.77 38.33 10.59
CA LEU D 367 6.57 37.52 10.52
C LEU D 367 6.35 36.89 9.15
N LYS D 368 6.85 37.52 8.08
CA LYS D 368 6.63 36.94 6.75
C LYS D 368 7.44 35.67 6.53
N SER D 369 8.69 35.62 7.01
CA SER D 369 9.45 34.39 6.87
C SER D 369 8.88 33.31 7.77
N THR D 370 8.39 33.70 8.94
CA THR D 370 7.76 32.76 9.86
C THR D 370 6.53 32.15 9.21
N GLN D 371 5.69 33.00 8.61
CA GLN D 371 4.48 32.49 7.99
C GLN D 371 4.81 31.65 6.75
N ALA D 372 5.85 32.01 6.00
CA ALA D 372 6.21 31.19 4.84
C ALA D 372 6.61 29.79 5.28
N ALA D 373 7.41 29.69 6.35
CA ALA D 373 7.79 28.37 6.87
C ALA D 373 6.58 27.63 7.42
N ILE D 374 5.69 28.36 8.10
CA ILE D 374 4.49 27.74 8.66
C ILE D 374 3.58 27.26 7.54
N ASP D 375 3.42 28.06 6.48
CA ASP D 375 2.60 27.66 5.35
C ASP D 375 3.13 26.41 4.69
N GLN D 376 4.45 26.29 4.57
CA GLN D 376 5.00 25.07 3.97
C GLN D 376 4.77 23.86 4.88
N ILE D 377 4.92 24.07 6.19
CA ILE D 377 4.65 22.99 7.14
C ILE D 377 3.17 22.62 7.10
N ASN D 378 2.29 23.62 7.03
CA ASN D 378 0.86 23.37 6.92
C ASN D 378 0.54 22.59 5.67
N GLY D 379 1.23 22.89 4.56
CA GLY D 379 1.07 22.11 3.35
C GLY D 379 1.41 20.66 3.59
N LYS D 380 2.56 20.43 4.23
CA LYS D 380 2.99 19.07 4.55
C LYS D 380 1.96 18.35 5.43
N LEU D 381 1.44 19.06 6.43
CA LEU D 381 0.44 18.47 7.32
C LEU D 381 -0.84 18.19 6.56
N ASN D 382 -1.19 19.05 5.60
CA ASN D 382 -2.40 18.82 4.83
C ASN D 382 -2.22 17.61 3.93
N ARG D 383 -0.99 17.34 3.52
CA ARG D 383 -0.75 16.15 2.72
C ARG D 383 -0.79 14.89 3.57
N LEU D 384 -0.39 14.99 4.84
CA LEU D 384 -0.37 13.83 5.74
C LEU D 384 -1.58 13.73 6.66
N ILE D 385 -2.02 14.83 7.26
CA ILE D 385 -3.08 14.82 8.26
C ILE D 385 -4.41 15.04 7.55
N GLY D 386 -5.41 14.24 7.92
CA GLY D 386 -6.74 14.34 7.34
C GLY D 386 -6.98 13.41 6.16
N LYS D 387 -5.93 12.87 5.56
CA LYS D 387 -6.06 11.88 4.50
C LYS D 387 -6.06 10.50 5.16
N THR D 388 -7.18 9.80 5.06
CA THR D 388 -7.42 8.57 5.80
C THR D 388 -7.65 7.41 4.83
N ASN D 389 -7.42 6.20 5.35
CA ASN D 389 -7.63 4.96 4.59
C ASN D 389 -9.00 4.43 4.98
N GLU D 390 -9.98 4.62 4.10
CA GLU D 390 -11.36 4.20 4.38
C GLU D 390 -11.58 2.77 3.90
N LYS D 391 -11.59 1.82 4.83
CA LYS D 391 -11.72 0.42 4.46
C LYS D 391 -12.66 -0.27 5.42
N PHE D 392 -13.48 -1.19 4.91
CA PHE D 392 -14.56 -1.78 5.68
C PHE D 392 -14.36 -3.28 5.92
N HIS D 393 -14.26 -4.08 4.88
CA HIS D 393 -14.11 -5.53 4.99
C HIS D 393 -12.70 -5.92 4.56
N GLN D 394 -12.00 -6.65 5.43
CA GLN D 394 -10.64 -7.09 5.19
C GLN D 394 -10.53 -8.54 5.67
N ILE D 395 -9.32 -9.09 5.57
CA ILE D 395 -9.10 -10.46 6.04
C ILE D 395 -9.00 -10.48 7.56
N GLU D 396 -9.19 -11.67 8.12
CA GLU D 396 -8.98 -11.87 9.55
C GLU D 396 -7.49 -11.82 9.87
N LYS D 397 -7.15 -11.14 10.97
CA LYS D 397 -5.76 -10.86 11.32
C LYS D 397 -5.31 -11.50 12.62
N GLU D 398 -6.22 -11.90 13.49
CA GLU D 398 -5.91 -12.75 14.64
C GLU D 398 -6.73 -14.02 14.56
N PHE D 399 -6.11 -15.14 14.92
CA PHE D 399 -6.70 -16.46 14.79
C PHE D 399 -6.61 -17.18 16.12
N SER D 400 -7.67 -17.94 16.43
CA SER D 400 -7.76 -18.71 17.66
C SER D 400 -7.49 -20.20 17.44
N GLU D 401 -7.37 -20.65 16.19
CA GLU D 401 -7.11 -22.05 15.87
C GLU D 401 -5.98 -22.11 14.85
N VAL D 402 -5.28 -23.24 14.83
CA VAL D 402 -4.19 -23.48 13.90
C VAL D 402 -4.70 -24.40 12.81
N GLU D 403 -4.78 -23.89 11.58
CA GLU D 403 -5.25 -24.64 10.42
C GLU D 403 -4.15 -24.91 9.40
N GLY D 404 -3.18 -24.01 9.25
CA GLY D 404 -2.04 -24.24 8.38
C GLY D 404 -1.83 -23.25 7.25
N ARG D 405 -1.87 -23.77 6.02
CA ARG D 405 -1.36 -23.03 4.86
C ARG D 405 -2.13 -21.73 4.62
N ILE D 406 -3.45 -21.76 4.74
CA ILE D 406 -4.24 -20.56 4.47
C ILE D 406 -4.01 -19.51 5.56
N GLN D 407 -3.98 -19.95 6.81
CA GLN D 407 -3.70 -19.01 7.90
C GLN D 407 -2.29 -18.45 7.78
N ASP D 408 -1.33 -19.31 7.39
CA ASP D 408 0.03 -18.85 7.20
C ASP D 408 0.10 -17.81 6.09
N LEU D 409 -0.68 -18.00 5.03
CA LEU D 409 -0.69 -17.03 3.94
C LEU D 409 -1.33 -15.72 4.37
N GLU D 410 -2.43 -15.79 5.13
CA GLU D 410 -3.06 -14.56 5.60
C GLU D 410 -2.14 -13.80 6.54
N LYS D 411 -1.41 -14.53 7.41
CA LYS D 411 -0.46 -13.87 8.31
C LYS D 411 0.70 -13.29 7.52
N TYR D 412 1.17 -14.00 6.50
CA TYR D 412 2.27 -13.51 5.68
C TYR D 412 1.87 -12.24 4.95
N VAL D 413 0.67 -12.22 4.37
CA VAL D 413 0.19 -11.04 3.67
C VAL D 413 0.06 -9.86 4.63
N GLU D 414 -0.51 -10.10 5.82
CA GLU D 414 -0.65 -8.99 6.77
C GLU D 414 0.70 -8.52 7.27
N ASP D 415 1.64 -9.44 7.52
CA ASP D 415 2.96 -9.04 8.00
C ASP D 415 3.71 -8.28 6.92
N THR D 416 3.56 -8.70 5.66
CA THR D 416 4.19 -7.99 4.55
C THR D 416 3.64 -6.59 4.43
N LYS D 417 2.31 -6.46 4.51
CA LYS D 417 1.68 -5.13 4.46
C LYS D 417 2.17 -4.25 5.59
N ILE D 418 2.25 -4.82 6.80
CA ILE D 418 2.69 -4.03 7.96
C ILE D 418 4.16 -3.64 7.79
N ASP D 419 5.01 -4.55 7.34
CA ASP D 419 6.43 -4.21 7.16
C ASP D 419 6.60 -3.15 6.09
N LEU D 420 5.82 -3.23 5.01
CA LEU D 420 5.90 -2.22 3.95
C LEU D 420 5.37 -0.87 4.40
N TRP D 421 4.26 -0.84 5.15
CA TRP D 421 3.75 0.44 5.63
C TRP D 421 4.62 0.99 6.74
N SER D 422 5.26 0.14 7.54
CA SER D 422 6.16 0.64 8.58
C SER D 422 7.41 1.22 7.93
N TYR D 423 7.90 0.56 6.87
CA TYR D 423 9.02 1.12 6.13
C TYR D 423 8.64 2.46 5.52
N ASN D 424 7.46 2.51 4.89
CA ASN D 424 6.99 3.75 4.28
C ASN D 424 6.84 4.85 5.31
N ALA D 425 6.32 4.53 6.49
CA ALA D 425 6.16 5.52 7.54
C ALA D 425 7.51 5.99 8.07
N GLU D 426 8.47 5.08 8.21
CA GLU D 426 9.78 5.48 8.72
C GLU D 426 10.53 6.32 7.71
N LEU D 427 10.47 5.93 6.44
CA LEU D 427 11.15 6.69 5.39
C LEU D 427 10.47 8.03 5.19
N LEU D 428 9.14 8.05 5.24
CA LEU D 428 8.39 9.28 5.08
C LEU D 428 8.71 10.25 6.20
N VAL D 429 8.70 9.77 7.44
CA VAL D 429 8.95 10.65 8.57
C VAL D 429 10.39 11.16 8.54
N ALA D 430 11.36 10.28 8.26
CA ALA D 430 12.75 10.73 8.18
C ALA D 430 12.99 11.71 7.03
N LEU D 431 12.40 11.46 5.87
CA LEU D 431 12.56 12.37 4.73
C LEU D 431 11.85 13.68 4.99
N GLU D 432 10.66 13.64 5.57
CA GLU D 432 9.92 14.87 5.81
C GLU D 432 10.58 15.68 6.91
N ASN D 433 11.16 15.03 7.92
CA ASN D 433 11.85 15.78 8.96
C ASN D 433 13.13 16.39 8.41
N GLN D 434 13.83 15.66 7.53
CA GLN D 434 15.02 16.25 6.91
C GLN D 434 14.62 17.42 6.06
N HIS D 435 13.47 17.30 5.39
CA HIS D 435 12.95 18.39 4.58
C HIS D 435 12.58 19.57 5.47
N THR D 436 11.94 19.32 6.61
CA THR D 436 11.56 20.43 7.52
C THR D 436 12.78 21.18 8.02
N ILE D 437 13.83 20.46 8.44
CA ILE D 437 15.03 21.18 8.88
C ILE D 437 15.67 21.92 7.72
N ASP D 438 15.76 21.30 6.54
CA ASP D 438 16.35 22.00 5.41
C ASP D 438 15.49 23.19 5.00
N LEU D 439 14.17 23.03 5.11
CA LEU D 439 13.21 24.07 4.78
C LEU D 439 13.38 25.28 5.69
N THR D 440 13.48 25.05 6.99
CA THR D 440 13.56 26.16 7.92
C THR D 440 14.96 26.77 7.95
N ASP D 441 15.99 25.98 7.67
CA ASP D 441 17.32 26.56 7.55
C ASP D 441 17.38 27.35 6.25
N SER D 442 16.67 26.87 5.22
CA SER D 442 16.60 27.58 3.96
C SER D 442 15.89 28.90 4.14
N GLU D 443 14.77 28.93 4.88
CA GLU D 443 14.05 30.19 5.11
C GLU D 443 14.89 31.17 5.91
N MET D 444 15.67 30.66 6.86
CA MET D 444 16.59 31.53 7.59
C MET D 444 17.62 32.10 6.62
N ASN D 445 18.08 31.26 5.69
CA ASN D 445 19.04 31.71 4.71
C ASN D 445 18.41 32.67 3.69
N LYS D 446 17.13 32.49 3.33
CA LYS D 446 16.53 33.46 2.41
C LYS D 446 16.42 34.81 3.08
N LEU D 447 16.10 34.83 4.37
CA LEU D 447 16.03 36.12 5.04
C LEU D 447 17.43 36.73 5.14
N PHE D 448 18.45 35.88 5.37
CA PHE D 448 19.82 36.39 5.46
C PHE D 448 20.32 36.94 4.11
N GLU D 449 20.10 36.21 3.01
CA GLU D 449 20.53 36.74 1.71
C GLU D 449 19.68 37.94 1.31
N LYS D 450 18.40 37.95 1.65
CA LYS D 450 17.58 39.12 1.35
C LYS D 450 18.13 40.34 2.07
N THR D 451 18.51 40.19 3.34
CA THR D 451 19.09 41.30 4.09
C THR D 451 20.42 41.72 3.47
N LYS D 452 21.24 40.74 3.07
CA LYS D 452 22.52 41.04 2.45
C LYS D 452 22.36 41.81 1.14
N LYS D 453 21.40 41.38 0.32
CA LYS D 453 21.13 42.04 -0.95
C LYS D 453 20.55 43.43 -0.75
N GLN D 454 19.71 43.59 0.28
CA GLN D 454 19.12 44.89 0.58
C GLN D 454 20.18 45.86 1.09
N LEU D 455 21.11 45.38 1.92
CA LEU D 455 22.17 46.23 2.45
C LEU D 455 23.25 46.55 1.44
N ARG D 456 23.41 45.71 0.40
CA ARG D 456 24.39 45.92 -0.69
C ARG D 456 25.77 46.02 -0.06
N GLU D 457 26.51 47.12 -0.25
CA GLU D 457 27.85 47.29 0.27
C GLU D 457 27.89 48.01 1.61
N ASN D 458 26.73 48.27 2.21
CA ASN D 458 26.67 49.05 3.44
C ASN D 458 26.85 48.19 4.69
N ALA D 459 27.03 46.88 4.54
CA ALA D 459 27.23 46.01 5.68
C ALA D 459 28.07 44.82 5.27
N GLU D 460 28.76 44.24 6.25
CA GLU D 460 29.58 43.05 6.03
C GLU D 460 29.06 41.90 6.88
N ASP D 461 29.16 40.68 6.33
CA ASP D 461 28.79 39.49 7.06
C ASP D 461 29.91 39.16 8.05
N MET D 462 29.59 39.18 9.35
CA MET D 462 30.59 38.92 10.38
C MET D 462 30.82 37.44 10.63
N GLY D 463 30.06 36.55 10.00
CA GLY D 463 30.29 35.13 10.12
C GLY D 463 29.66 34.46 11.31
N ASN D 464 28.92 35.19 12.15
CA ASN D 464 28.22 34.63 13.30
C ASN D 464 26.71 34.76 13.15
N GLY D 465 26.21 34.89 11.91
CA GLY D 465 24.81 35.12 11.67
C GLY D 465 24.39 36.57 11.75
N CYS D 466 25.34 37.50 11.84
CA CYS D 466 25.06 38.93 11.99
C CYS D 466 25.74 39.71 10.88
N PHE D 467 25.17 40.88 10.59
CA PHE D 467 25.75 41.87 9.70
C PHE D 467 26.26 43.03 10.55
N LYS D 468 27.46 43.50 10.21
CA LYS D 468 27.99 44.72 10.79
C LYS D 468 27.64 45.83 9.81
N ILE D 469 26.82 46.78 10.26
CA ILE D 469 26.36 47.90 9.45
C ILE D 469 27.29 49.06 9.74
N TYR D 470 27.90 49.60 8.70
CA TYR D 470 28.99 50.55 8.84
C TYR D 470 28.54 52.00 8.77
N HIS D 471 27.24 52.26 8.81
CA HIS D 471 26.70 53.61 8.91
C HIS D 471 25.84 53.72 10.16
N LYS D 472 25.52 54.96 10.52
CA LYS D 472 24.61 55.23 11.63
C LYS D 472 23.20 54.82 11.22
N CYS D 473 22.72 53.70 11.74
CA CYS D 473 21.43 53.11 11.37
C CYS D 473 20.56 53.10 12.63
N ASP D 474 19.67 54.08 12.73
CA ASP D 474 18.86 54.26 13.94
C ASP D 474 17.71 53.26 13.93
N ASN D 475 16.76 53.41 14.86
CA ASN D 475 15.64 52.47 14.95
C ASN D 475 14.77 52.55 13.70
N ALA D 476 14.61 53.74 13.13
CA ALA D 476 13.84 53.87 11.89
C ALA D 476 14.56 53.17 10.74
N CYS D 477 15.89 53.29 10.69
CA CYS D 477 16.68 52.58 9.69
C CYS D 477 16.52 51.07 9.83
N ILE D 478 16.65 50.56 11.05
CA ILE D 478 16.51 49.13 11.27
C ILE D 478 15.11 48.67 10.89
N GLY D 479 14.09 49.46 11.26
CA GLY D 479 12.73 49.12 10.88
C GLY D 479 12.53 49.08 9.38
N SER D 480 13.17 50.00 8.66
CA SER D 480 13.09 50.00 7.21
C SER D 480 13.75 48.76 6.64
N ILE D 481 14.84 48.31 7.27
CA ILE D 481 15.51 47.09 6.83
C ILE D 481 14.61 45.89 7.05
N ARG D 482 14.00 45.80 8.24
CA ARG D 482 13.18 44.64 8.60
C ARG D 482 11.99 44.46 7.65
N ASN D 483 11.32 45.54 7.26
CA ASN D 483 10.12 45.44 6.43
C ASN D 483 10.40 45.62 4.94
N GLY D 484 11.67 45.67 4.53
CA GLY D 484 12.00 45.68 3.11
C GLY D 484 11.91 47.01 2.42
N THR D 485 12.02 48.12 3.14
CA THR D 485 11.98 49.46 2.56
C THR D 485 13.28 50.23 2.79
N TYR D 486 14.38 49.53 3.07
CA TYR D 486 15.66 50.18 3.28
C TYR D 486 16.25 50.62 1.95
N ASP D 487 16.70 51.88 1.89
CA ASP D 487 17.29 52.45 0.70
C ASP D 487 18.81 52.52 0.91
N HIS D 488 19.54 51.68 0.17
CA HIS D 488 20.99 51.59 0.37
C HIS D 488 21.75 52.77 -0.21
N ASP D 489 21.11 53.57 -1.09
CA ASP D 489 21.81 54.70 -1.69
C ASP D 489 21.98 55.86 -0.73
N VAL D 490 21.05 56.01 0.23
CA VAL D 490 21.12 57.13 1.16
C VAL D 490 22.37 57.03 2.03
N TYR D 491 22.68 55.82 2.52
CA TYR D 491 23.78 55.58 3.44
C TYR D 491 25.03 55.04 2.77
N ARG D 492 25.10 55.09 1.43
CA ARG D 492 26.19 54.40 0.74
C ARG D 492 27.54 55.06 1.00
N ASP D 493 27.58 56.40 1.02
CA ASP D 493 28.88 57.04 1.16
C ASP D 493 29.41 56.88 2.58
N GLU D 494 28.53 56.97 3.58
CA GLU D 494 28.97 56.84 4.97
C GLU D 494 29.50 55.43 5.23
N ALA D 495 28.75 54.43 4.78
CA ALA D 495 29.15 53.05 5.01
C ALA D 495 30.42 52.70 4.22
N LEU D 496 30.55 53.20 2.99
CA LEU D 496 31.76 52.90 2.25
C LEU D 496 32.97 53.60 2.86
N ASN D 497 32.78 54.82 3.38
CA ASN D 497 33.88 55.53 4.01
C ASN D 497 34.30 54.85 5.31
N ASN D 498 33.36 54.18 5.98
CA ASN D 498 33.69 53.47 7.21
C ASN D 498 34.26 52.07 6.94
N ARG D 499 33.82 51.39 5.88
CA ARG D 499 34.38 50.07 5.58
C ARG D 499 35.79 50.19 5.06
N PHE D 500 36.03 51.10 4.13
CA PHE D 500 37.34 51.32 3.51
C PHE D 500 37.82 52.69 3.93
N GLN D 501 39.00 52.74 4.55
CA GLN D 501 39.51 53.96 5.19
C GLN D 501 39.93 54.94 4.10
N ILE D 502 38.93 55.67 3.60
CA ILE D 502 39.15 56.67 2.56
C ILE D 502 40.06 57.78 3.08
N ASN E 8 24.84 56.28 -20.40
CA ASN E 8 25.08 55.87 -19.02
C ASN E 8 26.48 55.30 -18.84
N SER E 9 27.02 55.46 -17.64
CA SER E 9 28.33 54.90 -17.30
C SER E 9 28.25 53.47 -16.79
N THR E 10 27.06 52.93 -16.62
CA THR E 10 26.83 51.57 -16.15
C THR E 10 25.96 50.82 -17.16
N ALA E 11 25.77 49.53 -16.88
CA ALA E 11 24.90 48.67 -17.67
C ALA E 11 24.17 47.74 -16.73
N THR E 12 23.01 47.25 -17.16
CA THR E 12 22.25 46.29 -16.36
C THR E 12 22.25 44.97 -17.12
N LEU E 13 22.67 43.89 -16.44
CA LEU E 13 22.65 42.55 -17.01
C LEU E 13 21.76 41.70 -16.12
N CYS E 14 20.61 41.30 -16.63
CA CYS E 14 19.63 40.52 -15.90
C CYS E 14 19.66 39.08 -16.37
N LEU E 15 19.50 38.18 -15.42
CA LEU E 15 19.42 36.75 -15.68
C LEU E 15 17.99 36.31 -15.41
N GLY E 16 17.54 35.32 -16.15
CA GLY E 16 16.18 34.88 -15.97
C GLY E 16 15.91 33.61 -16.71
N HIS E 17 14.63 33.25 -16.72
CA HIS E 17 14.20 32.00 -17.29
C HIS E 17 12.86 32.18 -17.98
N HIS E 18 12.54 31.22 -18.85
CA HIS E 18 11.36 31.35 -19.68
C HIS E 18 10.09 31.13 -18.86
N ALA E 19 8.97 31.52 -19.46
CA ALA E 19 7.65 31.31 -18.87
C ALA E 19 6.65 31.15 -20.00
N VAL E 20 5.51 30.58 -19.67
CA VAL E 20 4.45 30.29 -20.66
C VAL E 20 3.18 31.04 -20.26
N PRO E 21 2.32 31.43 -21.21
CA PRO E 21 1.06 32.07 -20.81
C PRO E 21 0.17 31.18 -19.95
N ASN E 22 0.17 29.87 -20.19
CA ASN E 22 -0.66 28.92 -19.46
C ASN E 22 0.18 27.70 -19.14
N GLY E 23 0.44 27.49 -17.85
CA GLY E 23 1.23 26.36 -17.38
C GLY E 23 0.36 25.19 -17.01
N THR E 24 0.95 24.26 -16.24
CA THR E 24 0.31 23.05 -15.79
C THR E 24 0.44 22.96 -14.28
N ILE E 25 -0.59 22.45 -13.61
CA ILE E 25 -0.58 22.33 -12.16
C ILE E 25 -0.06 20.93 -11.79
N VAL E 26 0.98 20.90 -10.96
CA VAL E 26 1.59 19.68 -10.48
C VAL E 26 1.64 19.73 -8.96
N LYS E 27 1.91 18.57 -8.36
CA LYS E 27 2.02 18.42 -6.91
C LYS E 27 3.48 18.26 -6.51
N THR E 28 3.83 18.85 -5.36
CA THR E 28 5.16 18.68 -4.77
C THR E 28 5.00 18.30 -3.30
N ILE E 29 6.13 18.25 -2.56
CA ILE E 29 6.08 17.80 -1.17
C ILE E 29 5.32 18.80 -0.32
N THR E 30 5.64 20.09 -0.44
CA THR E 30 5.05 21.13 0.39
C THR E 30 3.99 21.96 -0.34
N ASN E 31 3.65 21.61 -1.57
CA ASN E 31 2.68 22.38 -2.35
C ASN E 31 2.05 21.46 -3.38
N ASP E 32 0.74 21.22 -3.25
CA ASP E 32 0.02 20.34 -4.15
C ASP E 32 -0.63 21.06 -5.34
N GLN E 33 -0.43 22.38 -5.47
CA GLN E 33 -1.00 23.18 -6.54
C GLN E 33 0.03 24.15 -7.11
N ILE E 34 1.20 23.62 -7.50
CA ILE E 34 2.30 24.47 -7.98
C ILE E 34 2.30 24.44 -9.50
N GLU E 35 2.32 25.62 -10.12
CA GLU E 35 2.28 25.75 -11.57
C GLU E 35 3.69 25.63 -12.16
N VAL E 36 3.81 24.82 -13.21
CA VAL E 36 5.07 24.60 -13.91
C VAL E 36 4.87 24.92 -15.39
N THR E 37 5.99 25.15 -16.07
CA THR E 37 5.94 25.50 -17.49
C THR E 37 5.49 24.31 -18.34
N ASN E 38 5.89 23.10 -17.97
CA ASN E 38 5.56 21.92 -18.74
C ASN E 38 5.47 20.72 -17.81
N ALA E 39 4.69 19.73 -18.23
CA ALA E 39 4.52 18.51 -17.45
C ALA E 39 4.09 17.40 -18.40
N THR E 40 4.35 16.16 -17.99
CA THR E 40 3.94 14.98 -18.75
C THR E 40 3.06 14.09 -17.88
N GLU E 41 2.08 13.45 -18.52
CA GLU E 41 1.19 12.52 -17.82
C GLU E 41 1.93 11.21 -17.60
N LEU E 42 1.95 10.73 -16.36
CA LEU E 42 2.57 9.45 -16.01
C LEU E 42 1.55 8.33 -15.81
N VAL E 43 0.26 8.62 -15.92
CA VAL E 43 -0.81 7.62 -15.76
C VAL E 43 -1.51 7.48 -17.10
N GLN E 44 -1.45 6.29 -17.67
CA GLN E 44 -2.20 5.97 -18.88
C GLN E 44 -3.65 5.78 -18.48
N SER E 45 -4.51 6.71 -18.89
CA SER E 45 -5.91 6.73 -18.48
C SER E 45 -6.88 6.32 -19.59
N SER E 46 -6.38 5.96 -20.77
CA SER E 46 -7.23 5.57 -21.89
C SER E 46 -6.55 4.48 -22.70
N SER E 47 -7.38 3.63 -23.29
CA SER E 47 -6.94 2.54 -24.15
C SER E 47 -7.36 2.82 -25.59
N THR E 48 -6.85 1.98 -26.49
CA THR E 48 -7.22 2.08 -27.90
C THR E 48 -8.58 1.46 -28.20
N GLY E 49 -9.14 0.68 -27.27
CA GLY E 49 -10.40 0.01 -27.49
C GLY E 49 -10.30 -1.33 -28.21
N GLU E 50 -9.10 -1.71 -28.65
CA GLU E 50 -8.87 -2.97 -29.33
C GLU E 50 -7.65 -3.65 -28.73
N ILE E 51 -7.63 -4.98 -28.79
CA ILE E 51 -6.50 -5.77 -28.30
C ILE E 51 -5.61 -6.11 -29.48
N CYS E 52 -4.39 -5.59 -29.46
CA CYS E 52 -3.45 -5.82 -30.55
C CYS E 52 -3.02 -7.28 -30.58
N ASP E 53 -3.01 -7.86 -31.78
CA ASP E 53 -2.67 -9.27 -31.94
C ASP E 53 -1.16 -9.52 -32.00
N SER E 54 -0.33 -8.49 -31.86
CA SER E 54 1.11 -8.62 -31.83
C SER E 54 1.68 -7.85 -30.65
N PRO E 55 2.84 -8.28 -30.10
CA PRO E 55 3.67 -9.44 -30.45
C PRO E 55 3.19 -10.73 -29.80
N HIS E 56 2.17 -10.68 -28.95
CA HIS E 56 1.69 -11.85 -28.26
C HIS E 56 0.70 -12.62 -29.13
N GLN E 57 0.77 -13.94 -29.07
CA GLN E 57 -0.16 -14.80 -29.79
C GLN E 57 -1.46 -14.86 -29.00
N ILE E 58 -2.56 -14.39 -29.62
CA ILE E 58 -3.82 -14.20 -28.93
C ILE E 58 -4.88 -15.05 -29.64
N LEU E 59 -5.61 -15.83 -28.85
CA LEU E 59 -6.75 -16.61 -29.32
C LEU E 59 -8.03 -15.90 -28.90
N ASP E 60 -8.85 -15.55 -29.87
CA ASP E 60 -10.13 -14.90 -29.58
C ASP E 60 -11.13 -16.00 -29.25
N GLY E 61 -11.65 -15.98 -28.01
CA GLY E 61 -12.53 -17.05 -27.58
C GLY E 61 -13.87 -17.06 -28.27
N LYS E 62 -14.32 -15.91 -28.78
CA LYS E 62 -15.63 -15.82 -29.42
C LYS E 62 -16.73 -16.28 -28.45
N ASN E 63 -17.41 -17.39 -28.74
CA ASN E 63 -18.41 -17.93 -27.84
C ASN E 63 -17.86 -18.97 -26.87
N CYS E 64 -16.54 -19.19 -26.86
CA CYS E 64 -15.91 -20.27 -26.10
C CYS E 64 -15.22 -19.71 -24.86
N THR E 65 -15.44 -20.38 -23.73
CA THR E 65 -14.58 -20.21 -22.57
C THR E 65 -13.37 -21.14 -22.71
N LEU E 66 -12.37 -20.92 -21.87
CA LEU E 66 -11.16 -21.75 -21.94
C LEU E 66 -11.46 -23.19 -21.56
N ILE E 67 -12.34 -23.41 -20.58
CA ILE E 67 -12.66 -24.77 -20.18
C ILE E 67 -13.44 -25.48 -21.28
N ASP E 68 -14.35 -24.79 -21.95
CA ASP E 68 -15.05 -25.40 -23.08
C ASP E 68 -14.07 -25.75 -24.20
N ALA E 69 -13.07 -24.90 -24.43
CA ALA E 69 -12.04 -25.19 -25.40
C ALA E 69 -11.21 -26.41 -24.96
N LEU E 70 -10.97 -26.52 -23.66
CA LEU E 70 -10.22 -27.66 -23.11
C LEU E 70 -10.99 -28.96 -23.29
N LEU E 71 -12.28 -28.95 -23.01
CA LEU E 71 -13.05 -30.18 -23.07
C LEU E 71 -13.43 -30.55 -24.50
N GLY E 72 -13.60 -29.56 -25.37
CA GLY E 72 -13.97 -29.81 -26.75
C GLY E 72 -15.45 -29.61 -27.01
N ASP E 73 -15.98 -28.49 -26.54
CA ASP E 73 -17.36 -28.13 -26.84
C ASP E 73 -17.53 -28.02 -28.36
N PRO E 74 -18.68 -28.43 -28.93
CA PRO E 74 -18.81 -28.40 -30.40
C PRO E 74 -18.55 -27.03 -31.03
N GLN E 75 -18.86 -25.94 -30.34
CA GLN E 75 -18.58 -24.62 -30.91
C GLN E 75 -17.09 -24.29 -30.89
N CYS E 76 -16.27 -25.08 -30.18
CA CYS E 76 -14.87 -24.78 -29.95
C CYS E 76 -13.93 -25.61 -30.81
N ASP E 77 -14.45 -26.26 -31.86
CA ASP E 77 -13.61 -27.11 -32.71
C ASP E 77 -12.44 -26.34 -33.29
N GLY E 78 -12.59 -25.03 -33.51
CA GLY E 78 -11.52 -24.23 -34.05
C GLY E 78 -10.37 -23.96 -33.08
N PHE E 79 -10.51 -24.36 -31.82
CA PHE E 79 -9.48 -24.15 -30.80
C PHE E 79 -8.68 -25.41 -30.50
N GLN E 80 -8.91 -26.50 -31.23
CA GLN E 80 -8.22 -27.75 -30.95
C GLN E 80 -6.75 -27.65 -31.34
N ASN E 81 -5.88 -28.09 -30.43
CA ASN E 81 -4.43 -28.12 -30.66
C ASN E 81 -3.87 -26.73 -30.96
N LYS E 82 -4.49 -25.69 -30.42
CA LYS E 82 -4.03 -24.32 -30.60
C LYS E 82 -3.21 -23.87 -29.40
N LYS E 83 -2.37 -22.86 -29.63
CA LYS E 83 -1.52 -22.26 -28.62
C LYS E 83 -1.82 -20.77 -28.52
N TRP E 84 -1.49 -20.19 -27.36
CA TRP E 84 -1.71 -18.78 -27.16
C TRP E 84 -0.68 -18.26 -26.16
N ASP E 85 -0.42 -16.97 -26.26
CA ASP E 85 0.24 -16.22 -25.19
C ASP E 85 -0.77 -15.54 -24.28
N LEU E 86 -1.96 -15.23 -24.80
CA LEU E 86 -3.05 -14.72 -23.99
C LEU E 86 -4.36 -15.20 -24.59
N PHE E 87 -5.19 -15.85 -23.78
CA PHE E 87 -6.52 -16.30 -24.20
C PHE E 87 -7.49 -15.23 -23.73
N VAL E 88 -8.35 -14.77 -24.65
CA VAL E 88 -9.32 -13.72 -24.35
C VAL E 88 -10.69 -14.36 -24.27
N GLU E 89 -11.28 -14.33 -23.07
CA GLU E 89 -12.58 -14.91 -22.79
C GLU E 89 -13.63 -13.82 -22.90
N ARG E 90 -14.66 -14.07 -23.71
CA ARG E 90 -15.68 -13.06 -23.95
C ARG E 90 -16.84 -13.21 -22.97
N SER E 91 -17.45 -12.07 -22.63
CA SER E 91 -18.61 -12.08 -21.75
C SER E 91 -19.84 -12.66 -22.43
N LYS E 92 -19.85 -12.72 -23.76
CA LYS E 92 -20.93 -13.36 -24.50
C LYS E 92 -20.77 -14.88 -24.56
N ALA E 93 -19.68 -15.42 -24.04
CA ALA E 93 -19.43 -16.85 -24.14
C ALA E 93 -20.44 -17.64 -23.33
N TYR E 94 -20.85 -18.79 -23.87
CA TYR E 94 -21.83 -19.65 -23.25
C TYR E 94 -21.60 -21.05 -23.80
N SER E 95 -22.14 -22.04 -23.11
CA SER E 95 -21.95 -23.44 -23.50
C SER E 95 -23.09 -23.91 -24.39
N ASN E 96 -22.77 -24.83 -25.30
CA ASN E 96 -23.74 -25.53 -26.14
C ASN E 96 -23.47 -27.02 -26.12
N CYS E 97 -23.28 -27.57 -24.93
CA CYS E 97 -23.00 -28.99 -24.77
C CYS E 97 -23.57 -29.43 -23.42
N PHE E 98 -23.11 -30.58 -22.95
CA PHE E 98 -23.63 -31.11 -21.69
C PHE E 98 -23.32 -30.15 -20.55
N PRO E 99 -24.27 -29.86 -19.66
CA PRO E 99 -23.93 -29.03 -18.49
C PRO E 99 -22.87 -29.70 -17.64
N TYR E 100 -21.94 -28.89 -17.13
CA TYR E 100 -20.83 -29.40 -16.34
C TYR E 100 -20.51 -28.44 -15.20
N ASP E 101 -19.77 -28.96 -14.23
CA ASP E 101 -19.35 -28.21 -13.04
C ASP E 101 -17.94 -28.61 -12.69
N VAL E 102 -17.02 -27.64 -12.63
CA VAL E 102 -15.64 -27.90 -12.25
C VAL E 102 -15.49 -27.53 -10.78
N PRO E 103 -15.30 -28.50 -9.86
CA PRO E 103 -15.32 -28.16 -8.42
C PRO E 103 -14.26 -27.16 -8.00
N ASP E 104 -13.15 -27.05 -8.73
CA ASP E 104 -12.20 -25.95 -8.56
C ASP E 104 -12.00 -25.39 -9.97
N TYR E 105 -12.92 -24.53 -10.38
CA TYR E 105 -12.90 -23.95 -11.71
C TYR E 105 -11.69 -23.06 -11.90
N ALA E 106 -11.42 -22.21 -10.90
CA ALA E 106 -10.31 -21.26 -10.98
C ALA E 106 -8.97 -21.97 -11.10
N SER E 107 -8.79 -23.08 -10.38
CA SER E 107 -7.50 -23.78 -10.46
C SER E 107 -7.30 -24.46 -11.81
N LEU E 108 -8.33 -25.09 -12.36
CA LEU E 108 -8.17 -25.72 -13.67
C LEU E 108 -7.95 -24.68 -14.74
N ARG E 109 -8.71 -23.58 -14.65
CA ARG E 109 -8.57 -22.48 -15.60
C ARG E 109 -7.16 -21.90 -15.53
N SER E 110 -6.62 -21.75 -14.32
CA SER E 110 -5.25 -21.28 -14.15
C SER E 110 -4.22 -22.24 -14.72
N LEU E 111 -4.40 -23.54 -14.47
CA LEU E 111 -3.45 -24.52 -15.01
C LEU E 111 -3.45 -24.51 -16.54
N VAL E 112 -4.61 -24.40 -17.15
CA VAL E 112 -4.67 -24.42 -18.61
C VAL E 112 -4.16 -23.11 -19.17
N ALA E 113 -4.55 -21.99 -18.57
CA ALA E 113 -4.10 -20.68 -19.04
C ALA E 113 -2.58 -20.57 -18.95
N SER E 114 -1.98 -21.09 -17.88
CA SER E 114 -0.54 -21.02 -17.72
C SER E 114 0.18 -22.05 -18.56
N SER E 115 -0.49 -23.16 -18.93
CA SER E 115 0.14 -24.13 -19.81
C SER E 115 0.31 -23.54 -21.21
N GLY E 116 -0.63 -22.72 -21.65
CA GLY E 116 -0.50 -21.98 -22.87
C GLY E 116 -0.81 -22.73 -24.13
N THR E 117 -1.35 -23.94 -24.03
CA THR E 117 -1.61 -24.75 -25.20
C THR E 117 -2.74 -25.73 -24.93
N LEU E 118 -3.48 -26.05 -26.00
CA LEU E 118 -4.39 -27.18 -26.02
C LEU E 118 -3.87 -28.30 -26.91
N GLU E 119 -2.55 -28.40 -27.08
CA GLU E 119 -1.98 -29.52 -27.83
C GLU E 119 -2.35 -30.81 -27.13
N PHE E 120 -3.16 -31.62 -27.80
CA PHE E 120 -3.74 -32.82 -27.21
C PHE E 120 -3.19 -34.02 -27.98
N ASN E 121 -2.75 -35.04 -27.24
CA ASN E 121 -2.23 -36.26 -27.81
C ASN E 121 -3.10 -37.42 -27.40
N ASN E 122 -3.66 -38.12 -28.38
CA ASN E 122 -4.51 -39.26 -28.11
C ASN E 122 -3.66 -40.44 -27.64
N GLU E 123 -4.21 -41.23 -26.72
CA GLU E 123 -3.54 -42.41 -26.19
C GLU E 123 -4.43 -43.62 -26.36
N SER E 124 -3.78 -44.78 -26.56
CA SER E 124 -4.49 -46.04 -26.77
C SER E 124 -4.92 -46.61 -25.41
N PHE E 125 -5.90 -45.94 -24.81
CA PHE E 125 -6.47 -46.41 -23.56
C PHE E 125 -7.21 -47.72 -23.79
N ASN E 126 -7.08 -48.63 -22.84
CA ASN E 126 -7.73 -49.94 -22.94
C ASN E 126 -9.13 -49.88 -22.33
N TRP E 127 -10.03 -49.19 -23.05
CA TRP E 127 -11.44 -49.12 -22.67
C TRP E 127 -12.16 -50.34 -23.23
N THR E 128 -11.84 -51.49 -22.65
CA THR E 128 -12.39 -52.77 -23.06
C THR E 128 -13.58 -53.14 -22.17
N GLY E 129 -14.58 -53.78 -22.77
CA GLY E 129 -15.77 -54.17 -22.06
C GLY E 129 -16.83 -53.08 -21.93
N VAL E 130 -16.61 -51.90 -22.51
CA VAL E 130 -17.56 -50.80 -22.47
C VAL E 130 -17.70 -50.22 -23.87
N THR E 131 -18.81 -49.51 -24.08
CA THR E 131 -19.06 -48.82 -25.34
C THR E 131 -18.48 -47.41 -25.27
N GLN E 132 -17.67 -47.06 -26.26
CA GLN E 132 -17.05 -45.75 -26.32
C GLN E 132 -17.92 -44.77 -27.10
N ASN E 133 -17.56 -43.49 -27.02
CA ASN E 133 -18.15 -42.43 -27.83
C ASN E 133 -19.65 -42.28 -27.57
N GLY E 134 -19.98 -42.04 -26.30
CA GLY E 134 -21.33 -41.66 -25.96
C GLY E 134 -21.64 -40.26 -26.43
N THR E 135 -22.92 -40.01 -26.72
CA THR E 135 -23.38 -38.77 -27.32
C THR E 135 -24.48 -38.14 -26.47
N SER E 136 -24.76 -36.87 -26.75
CA SER E 136 -25.77 -36.11 -26.04
C SER E 136 -26.53 -35.23 -27.03
N SER E 137 -27.80 -34.97 -26.73
CA SER E 137 -28.60 -34.06 -27.54
C SER E 137 -28.23 -32.60 -27.29
N ALA E 138 -27.57 -32.28 -26.18
CA ALA E 138 -27.15 -30.92 -25.92
C ALA E 138 -25.90 -30.52 -26.67
N CYS E 139 -25.11 -31.48 -27.16
CA CYS E 139 -23.91 -31.23 -27.95
C CYS E 139 -24.19 -31.64 -29.39
N ILE E 140 -24.51 -30.65 -30.22
CA ILE E 140 -24.72 -30.85 -31.65
C ILE E 140 -23.50 -30.32 -32.38
N ARG E 141 -22.83 -31.19 -33.13
CA ARG E 141 -21.58 -30.88 -33.81
C ARG E 141 -21.76 -30.68 -35.31
N ARG E 142 -22.39 -31.64 -35.99
CA ARG E 142 -22.62 -31.60 -37.43
C ARG E 142 -24.06 -32.01 -37.73
N SER E 143 -24.99 -31.39 -37.00
CA SER E 143 -26.40 -31.78 -36.99
C SER E 143 -26.58 -33.23 -36.53
N LYS E 144 -25.69 -33.67 -35.64
CA LYS E 144 -25.76 -34.99 -35.03
C LYS E 144 -25.52 -34.87 -33.54
N ASN E 145 -26.07 -35.81 -32.78
CA ASN E 145 -25.76 -35.86 -31.35
C ASN E 145 -24.29 -36.20 -31.16
N SER E 146 -23.64 -35.50 -30.24
CA SER E 146 -22.21 -35.63 -30.06
C SER E 146 -21.89 -35.40 -28.58
N PHE E 147 -20.63 -35.16 -28.26
CA PHE E 147 -20.16 -34.98 -26.90
C PHE E 147 -18.87 -34.16 -26.98
N PHE E 148 -18.30 -33.83 -25.83
CA PHE E 148 -17.00 -33.19 -25.78
C PHE E 148 -15.97 -34.02 -26.54
N SER E 149 -15.20 -33.36 -27.41
CA SER E 149 -14.32 -34.08 -28.32
C SER E 149 -13.08 -34.63 -27.63
N ARG E 150 -12.71 -34.11 -26.46
CA ARG E 150 -11.55 -34.58 -25.71
C ARG E 150 -11.91 -35.54 -24.59
N LEU E 151 -13.19 -35.84 -24.40
CA LEU E 151 -13.65 -36.82 -23.43
C LEU E 151 -14.39 -37.94 -24.14
N ASN E 152 -14.35 -39.12 -23.54
CA ASN E 152 -14.97 -40.35 -24.04
C ASN E 152 -15.99 -40.82 -23.04
N TRP E 153 -17.27 -40.65 -23.38
CA TRP E 153 -18.37 -41.01 -22.48
C TRP E 153 -18.56 -42.53 -22.60
N LEU E 154 -17.99 -43.27 -21.65
CA LEU E 154 -18.13 -44.73 -21.64
C LEU E 154 -19.43 -45.08 -20.92
N THR E 155 -20.24 -45.93 -21.54
CA THR E 155 -21.56 -46.27 -21.00
C THR E 155 -21.65 -47.73 -20.57
N HIS E 156 -21.61 -48.68 -21.52
CA HIS E 156 -21.65 -50.11 -21.22
C HIS E 156 -21.60 -50.91 -22.51
N LEU E 157 -21.19 -52.17 -22.43
CA LEU E 157 -21.21 -53.08 -23.57
C LEU E 157 -22.07 -54.29 -23.23
N ASN E 158 -23.16 -54.46 -23.97
CA ASN E 158 -24.08 -55.60 -23.81
C ASN E 158 -24.60 -55.68 -22.38
N PHE E 159 -24.97 -54.52 -21.82
CA PHE E 159 -25.56 -54.40 -20.50
C PHE E 159 -24.61 -54.83 -19.38
N LYS E 160 -23.31 -54.82 -19.64
CA LYS E 160 -22.29 -55.07 -18.62
C LYS E 160 -21.34 -53.90 -18.54
N TYR E 161 -20.88 -53.61 -17.32
CA TYR E 161 -19.82 -52.64 -17.06
C TYR E 161 -18.82 -53.34 -16.15
N PRO E 162 -17.86 -54.07 -16.70
CA PRO E 162 -16.79 -54.60 -15.86
C PRO E 162 -15.97 -53.46 -15.27
N ALA E 163 -15.49 -53.67 -14.04
CA ALA E 163 -14.72 -52.64 -13.37
C ALA E 163 -13.44 -52.37 -14.15
N LEU E 164 -13.36 -51.21 -14.77
CA LEU E 164 -12.21 -50.84 -15.57
C LEU E 164 -11.04 -50.53 -14.65
N ASN E 165 -9.89 -51.15 -14.93
CA ASN E 165 -8.62 -50.93 -14.21
C ASN E 165 -7.57 -50.66 -15.29
N VAL E 166 -7.51 -49.40 -15.75
CA VAL E 166 -6.75 -49.04 -16.94
C VAL E 166 -5.49 -48.27 -16.54
N THR E 167 -4.34 -48.80 -16.98
CA THR E 167 -3.02 -48.26 -16.67
C THR E 167 -2.47 -47.52 -17.89
N MET E 168 -1.91 -46.32 -17.65
CA MET E 168 -1.32 -45.49 -18.70
C MET E 168 0.02 -44.93 -18.24
N PRO E 169 1.13 -45.59 -18.60
CA PRO E 169 2.44 -45.12 -18.12
C PRO E 169 2.83 -43.81 -18.79
N ASN E 170 3.65 -43.03 -18.08
CA ASN E 170 4.25 -41.80 -18.61
C ASN E 170 5.73 -42.10 -18.88
N ASN E 171 6.04 -42.35 -20.15
CA ASN E 171 7.39 -42.73 -20.57
C ASN E 171 8.15 -41.61 -21.27
N GLU E 172 7.60 -40.39 -21.28
CA GLU E 172 8.27 -39.23 -21.85
C GLU E 172 8.77 -38.32 -20.73
N GLN E 173 9.38 -37.19 -21.12
CA GLN E 173 10.11 -36.32 -20.22
C GLN E 173 9.31 -35.12 -19.74
N PHE E 174 7.99 -35.09 -20.00
CA PHE E 174 7.14 -33.97 -19.65
C PHE E 174 5.95 -34.43 -18.81
N ASP E 175 5.40 -33.50 -18.05
CA ASP E 175 4.17 -33.77 -17.30
C ASP E 175 3.01 -33.92 -18.27
N LYS E 176 2.11 -34.85 -17.97
CA LYS E 176 0.89 -35.05 -18.75
C LYS E 176 -0.31 -34.60 -17.94
N LEU E 177 -1.17 -33.80 -18.56
CA LEU E 177 -2.40 -33.33 -17.93
C LEU E 177 -3.56 -34.17 -18.47
N TYR E 178 -4.22 -34.91 -17.58
CA TYR E 178 -5.36 -35.75 -17.94
C TYR E 178 -6.61 -35.12 -17.40
N ILE E 179 -7.58 -34.89 -18.27
CA ILE E 179 -8.88 -34.32 -17.94
C ILE E 179 -9.90 -35.42 -18.03
N TRP E 180 -10.70 -35.59 -16.98
CA TRP E 180 -11.70 -36.64 -16.93
C TRP E 180 -12.85 -36.12 -16.11
N GLY E 181 -13.97 -36.85 -16.10
CA GLY E 181 -15.07 -36.43 -15.26
C GLY E 181 -15.92 -37.56 -14.75
N VAL E 182 -16.95 -37.17 -14.03
CA VAL E 182 -17.91 -38.07 -13.41
C VAL E 182 -19.31 -37.63 -13.81
N HIS E 183 -20.10 -38.56 -14.32
CA HIS E 183 -21.47 -38.23 -14.65
C HIS E 183 -22.32 -38.35 -13.39
N HIS E 184 -23.20 -37.37 -13.18
CA HIS E 184 -24.16 -37.32 -12.09
C HIS E 184 -25.53 -37.33 -12.76
N PRO E 185 -26.13 -38.50 -12.96
CA PRO E 185 -27.42 -38.54 -13.65
C PRO E 185 -28.54 -37.93 -12.81
N GLY E 186 -29.62 -37.58 -13.49
CA GLY E 186 -30.77 -37.00 -12.82
C GLY E 186 -31.71 -37.99 -12.17
N THR E 187 -31.49 -39.30 -12.37
CA THR E 187 -32.37 -40.30 -11.77
C THR E 187 -31.69 -41.66 -11.84
N ASP E 188 -32.20 -42.59 -11.03
CA ASP E 188 -31.67 -43.95 -11.02
C ASP E 188 -31.90 -44.66 -12.35
N LYS E 189 -32.98 -44.33 -13.06
CA LYS E 189 -33.23 -44.96 -14.34
C LYS E 189 -32.16 -44.58 -15.34
N ASP E 190 -31.63 -43.36 -15.24
CA ASP E 190 -30.57 -42.94 -16.15
C ASP E 190 -29.27 -43.66 -15.78
N GLN E 191 -29.05 -43.88 -14.48
CA GLN E 191 -27.86 -44.60 -14.03
C GLN E 191 -27.87 -46.03 -14.56
N ILE E 192 -29.03 -46.69 -14.53
CA ILE E 192 -29.11 -48.05 -15.03
C ILE E 192 -29.02 -48.07 -16.56
N PHE E 193 -29.74 -47.16 -17.21
CA PHE E 193 -29.71 -47.06 -18.67
C PHE E 193 -28.29 -46.87 -19.21
N LEU E 194 -27.52 -45.95 -18.62
CA LEU E 194 -26.17 -45.66 -19.10
C LEU E 194 -25.10 -46.62 -18.59
N TYR E 195 -25.17 -47.04 -17.32
CA TYR E 195 -24.08 -47.80 -16.72
C TYR E 195 -24.47 -49.18 -16.22
N ALA E 196 -25.74 -49.57 -16.29
CA ALA E 196 -26.25 -50.91 -15.98
C ALA E 196 -26.14 -51.29 -14.51
N GLN E 197 -25.62 -50.42 -13.64
CA GLN E 197 -25.53 -50.73 -12.22
C GLN E 197 -25.46 -49.42 -11.45
N ALA E 198 -26.01 -49.44 -10.25
CA ALA E 198 -26.18 -48.23 -9.46
C ALA E 198 -24.92 -47.87 -8.67
N SER E 199 -24.82 -46.60 -8.34
CA SER E 199 -23.83 -46.06 -7.38
C SER E 199 -22.42 -46.34 -7.93
N GLY E 200 -21.46 -46.71 -7.08
CA GLY E 200 -20.07 -46.88 -7.46
C GLY E 200 -19.23 -45.69 -7.04
N ARG E 201 -17.96 -45.75 -7.45
CA ARG E 201 -17.05 -44.63 -7.25
C ARG E 201 -15.91 -44.76 -8.25
N ILE E 202 -15.24 -43.64 -8.51
CA ILE E 202 -14.16 -43.55 -9.47
C ILE E 202 -12.90 -43.09 -8.75
N THR E 203 -11.82 -43.86 -8.87
CA THR E 203 -10.54 -43.50 -8.29
C THR E 203 -9.52 -43.36 -9.42
N VAL E 204 -8.88 -42.20 -9.48
CA VAL E 204 -7.83 -41.91 -10.45
C VAL E 204 -6.59 -41.58 -9.64
N SER E 205 -5.52 -42.34 -9.85
CA SER E 205 -4.35 -42.21 -9.00
C SER E 205 -3.04 -42.36 -9.77
N THR E 206 -1.99 -41.83 -9.16
CA THR E 206 -0.62 -41.95 -9.61
C THR E 206 0.21 -42.49 -8.44
N LYS E 207 1.53 -42.53 -8.62
CA LYS E 207 2.40 -42.98 -7.53
C LYS E 207 2.35 -42.02 -6.36
N ARG E 208 2.27 -40.72 -6.62
CA ARG E 208 2.41 -39.70 -5.58
C ARG E 208 1.08 -39.23 -5.01
N SER E 209 -0.02 -39.39 -5.73
CA SER E 209 -1.30 -38.81 -5.31
C SER E 209 -2.45 -39.65 -5.82
N GLN E 210 -3.63 -39.42 -5.24
CA GLN E 210 -4.84 -40.11 -5.64
C GLN E 210 -6.03 -39.17 -5.46
N GLN E 211 -7.06 -39.39 -6.27
CA GLN E 211 -8.33 -38.70 -6.16
C GLN E 211 -9.43 -39.75 -6.24
N THR E 212 -10.34 -39.73 -5.29
CA THR E 212 -11.50 -40.61 -5.31
C THR E 212 -12.75 -39.76 -5.22
N VAL E 213 -13.68 -40.02 -6.13
CA VAL E 213 -14.94 -39.29 -6.24
C VAL E 213 -16.08 -40.31 -6.32
N SER E 214 -17.28 -39.86 -5.98
CA SER E 214 -18.47 -40.70 -6.01
C SER E 214 -19.56 -40.02 -6.84
N PRO E 215 -20.31 -40.77 -7.66
CA PRO E 215 -21.50 -40.19 -8.28
C PRO E 215 -22.56 -39.84 -7.25
N ASN E 216 -23.33 -38.80 -7.55
CA ASN E 216 -24.39 -38.28 -6.70
C ASN E 216 -25.64 -38.21 -7.56
N ILE E 217 -26.41 -39.29 -7.58
CA ILE E 217 -27.58 -39.39 -8.44
C ILE E 217 -28.71 -38.56 -7.84
N GLY E 218 -29.32 -37.73 -8.66
CA GLY E 218 -30.45 -36.92 -8.23
C GLY E 218 -30.73 -35.81 -9.20
N SER E 219 -31.98 -35.35 -9.18
CA SER E 219 -32.41 -34.30 -10.10
C SER E 219 -31.76 -32.97 -9.75
N ARG E 220 -31.46 -32.19 -10.79
CA ARG E 220 -30.90 -30.86 -10.66
C ARG E 220 -31.66 -29.95 -11.62
N PRO E 221 -31.60 -28.63 -11.42
CA PRO E 221 -32.27 -27.73 -12.35
C PRO E 221 -31.78 -27.91 -13.78
N ARG E 222 -32.71 -27.89 -14.73
CA ARG E 222 -32.37 -28.22 -16.11
C ARG E 222 -31.62 -27.07 -16.76
N VAL E 223 -30.48 -27.40 -17.36
CA VAL E 223 -29.74 -26.50 -18.22
C VAL E 223 -29.73 -27.13 -19.60
N ARG E 224 -30.29 -26.42 -20.58
CA ARG E 224 -30.48 -26.96 -21.93
C ARG E 224 -31.29 -28.26 -21.88
N ASN E 225 -32.30 -28.28 -21.01
CA ASN E 225 -33.25 -29.40 -20.91
C ASN E 225 -32.57 -30.70 -20.48
N ILE E 226 -31.54 -30.61 -19.64
CA ILE E 226 -30.87 -31.79 -19.09
C ILE E 226 -30.77 -31.61 -17.57
N PRO E 227 -31.32 -32.51 -16.75
CA PRO E 227 -31.22 -32.36 -15.29
C PRO E 227 -29.99 -33.00 -14.64
N SER E 228 -29.03 -33.47 -15.43
CA SER E 228 -27.84 -34.16 -14.94
C SER E 228 -26.62 -33.27 -15.17
N ARG E 229 -25.51 -33.62 -14.51
CA ARG E 229 -24.29 -32.82 -14.58
C ARG E 229 -23.09 -33.73 -14.79
N ILE E 230 -22.05 -33.20 -15.42
CA ILE E 230 -20.74 -33.84 -15.48
C ILE E 230 -19.76 -33.02 -14.64
N SER E 231 -19.15 -33.65 -13.65
CA SER E 231 -18.13 -32.97 -12.85
C SER E 231 -16.79 -33.22 -13.52
N ILE E 232 -15.97 -32.18 -13.59
CA ILE E 232 -14.67 -32.24 -14.26
C ILE E 232 -13.55 -32.25 -13.24
N TYR E 233 -12.69 -33.25 -13.34
CA TYR E 233 -11.55 -33.48 -12.47
C TYR E 233 -10.33 -33.63 -13.37
N TRP E 234 -9.14 -33.42 -12.80
CA TRP E 234 -7.92 -33.55 -13.58
C TRP E 234 -6.81 -34.10 -12.70
N THR E 235 -5.80 -34.65 -13.37
CA THR E 235 -4.61 -35.12 -12.68
C THR E 235 -3.38 -34.84 -13.55
N ILE E 236 -2.25 -34.63 -12.88
CA ILE E 236 -0.97 -34.39 -13.54
C ILE E 236 -0.08 -35.58 -13.25
N VAL E 237 0.43 -36.20 -14.32
CA VAL E 237 1.27 -37.39 -14.25
C VAL E 237 2.68 -36.97 -14.59
N LYS E 238 3.61 -37.20 -13.65
CA LYS E 238 5.00 -36.82 -13.83
C LYS E 238 5.74 -37.83 -14.71
N PRO E 239 6.90 -37.46 -15.27
CA PRO E 239 7.73 -38.44 -15.98
C PRO E 239 8.13 -39.58 -15.06
N GLY E 240 8.07 -40.80 -15.59
CA GLY E 240 8.36 -41.99 -14.83
C GLY E 240 7.19 -42.55 -14.05
N ASP E 241 6.06 -41.86 -14.03
CA ASP E 241 4.90 -42.26 -13.26
C ASP E 241 3.92 -43.04 -14.12
N ILE E 242 2.93 -43.64 -13.47
CA ILE E 242 1.90 -44.44 -14.13
C ILE E 242 0.55 -43.97 -13.60
N LEU E 243 -0.40 -43.73 -14.51
CA LEU E 243 -1.74 -43.33 -14.14
C LEU E 243 -2.66 -44.54 -14.15
N LEU E 244 -3.38 -44.76 -13.06
CA LEU E 244 -4.38 -45.83 -12.98
C LEU E 244 -5.75 -45.20 -12.83
N ILE E 245 -6.65 -45.58 -13.72
CA ILE E 245 -8.04 -45.16 -13.67
C ILE E 245 -8.84 -46.40 -13.32
N ASN E 246 -9.44 -46.41 -12.13
CA ASN E 246 -10.23 -47.52 -11.62
C ASN E 246 -11.66 -47.02 -11.47
N SER E 247 -12.57 -47.58 -12.27
CA SER E 247 -13.94 -47.09 -12.30
C SER E 247 -14.91 -48.25 -12.45
N THR E 248 -15.98 -48.21 -11.64
CA THR E 248 -17.10 -49.12 -11.75
C THR E 248 -18.21 -48.56 -12.62
N GLY E 249 -18.23 -47.25 -12.84
CA GLY E 249 -19.26 -46.63 -13.65
C GLY E 249 -19.16 -45.12 -13.54
N ASN E 250 -20.02 -44.46 -14.31
CA ASN E 250 -20.15 -43.00 -14.29
C ASN E 250 -18.87 -42.29 -14.72
N LEU E 251 -18.04 -42.94 -15.53
CA LEU E 251 -16.75 -42.37 -15.92
C LEU E 251 -16.90 -41.62 -17.24
N ILE E 252 -16.57 -40.33 -17.22
CA ILE E 252 -16.32 -39.55 -18.43
C ILE E 252 -14.81 -39.63 -18.62
N ALA E 253 -14.39 -40.57 -19.44
CA ALA E 253 -13.01 -40.99 -19.57
C ALA E 253 -12.17 -40.00 -20.38
N PRO E 254 -10.86 -39.93 -20.13
CA PRO E 254 -10.01 -39.15 -21.04
C PRO E 254 -9.81 -39.89 -22.36
N ARG E 255 -9.56 -39.12 -23.42
CA ARG E 255 -9.14 -39.67 -24.70
C ARG E 255 -7.64 -39.55 -24.93
N GLY E 256 -6.91 -38.96 -23.99
CA GLY E 256 -5.51 -38.66 -24.17
C GLY E 256 -5.11 -37.60 -23.15
N TYR E 257 -3.98 -36.95 -23.43
CA TYR E 257 -3.44 -35.98 -22.49
C TYR E 257 -3.14 -34.64 -23.15
N PHE E 258 -3.15 -33.61 -22.31
CA PHE E 258 -2.75 -32.26 -22.66
C PHE E 258 -1.34 -32.04 -22.15
N LYS E 259 -0.52 -31.34 -22.91
CA LYS E 259 0.84 -31.05 -22.47
C LYS E 259 0.85 -29.83 -21.54
N ILE E 260 1.69 -29.89 -20.51
CA ILE E 260 1.87 -28.79 -19.57
C ILE E 260 3.23 -28.18 -19.85
N ARG E 261 3.25 -26.87 -20.12
CA ARG E 261 4.48 -26.11 -20.32
C ARG E 261 4.55 -25.01 -19.27
N SER E 262 5.76 -24.70 -18.84
CA SER E 262 6.03 -23.47 -18.09
C SER E 262 6.34 -22.37 -19.09
N GLY E 263 5.75 -21.20 -18.88
CA GLY E 263 5.89 -20.14 -19.85
C GLY E 263 5.08 -18.92 -19.47
N LYS E 264 4.80 -18.11 -20.50
CA LYS E 264 4.30 -16.76 -20.34
C LYS E 264 2.81 -16.63 -20.67
N SER E 265 2.06 -17.73 -20.62
CA SER E 265 0.67 -17.72 -21.03
C SER E 265 -0.27 -17.46 -19.85
N SER E 266 -1.43 -16.90 -20.15
CA SER E 266 -2.44 -16.59 -19.14
C SER E 266 -3.78 -16.40 -19.84
N ILE E 267 -4.81 -16.11 -19.04
CA ILE E 267 -6.16 -15.88 -19.52
C ILE E 267 -6.66 -14.52 -19.02
N MET E 268 -7.39 -13.82 -19.88
CA MET E 268 -7.99 -12.53 -19.55
C MET E 268 -9.44 -12.51 -20.03
N ARG E 269 -10.29 -11.82 -19.28
CA ARG E 269 -11.68 -11.61 -19.67
C ARG E 269 -11.80 -10.23 -20.31
N SER E 270 -12.34 -10.18 -21.53
CA SER E 270 -12.47 -8.92 -22.24
C SER E 270 -13.55 -9.05 -23.30
N ASP E 271 -14.13 -7.90 -23.66
CA ASP E 271 -15.08 -7.79 -24.76
C ASP E 271 -14.55 -6.95 -25.91
N ALA E 272 -13.29 -6.50 -25.85
CA ALA E 272 -12.75 -5.65 -26.90
C ALA E 272 -12.44 -6.48 -28.14
N PRO E 273 -12.65 -5.95 -29.35
CA PRO E 273 -12.24 -6.68 -30.56
C PRO E 273 -10.73 -6.75 -30.67
N ILE E 274 -10.27 -7.69 -31.51
CA ILE E 274 -8.84 -7.89 -31.72
C ILE E 274 -8.41 -7.06 -32.93
N GLY E 275 -7.42 -6.18 -32.72
CA GLY E 275 -6.96 -5.27 -33.74
C GLY E 275 -5.70 -5.76 -34.45
N LYS E 276 -5.47 -5.18 -35.63
CA LYS E 276 -4.23 -5.41 -36.39
C LYS E 276 -3.23 -4.32 -36.03
N CYS E 277 -2.62 -4.47 -34.85
CA CYS E 277 -1.67 -3.51 -34.33
C CYS E 277 -0.64 -4.25 -33.48
N ASN E 278 0.32 -3.49 -32.94
CA ASN E 278 1.40 -4.04 -32.12
C ASN E 278 1.46 -3.27 -30.82
N SER E 279 1.25 -3.96 -29.70
CA SER E 279 1.33 -3.35 -28.38
C SER E 279 1.63 -4.41 -27.34
N GLU E 280 2.57 -4.12 -26.45
CA GLU E 280 3.01 -5.10 -25.47
C GLU E 280 2.00 -5.30 -24.36
N CYS E 281 1.36 -4.23 -23.90
CA CYS E 281 0.48 -4.27 -22.73
C CYS E 281 -0.97 -4.39 -23.14
N ILE E 282 -1.62 -5.45 -22.66
CA ILE E 282 -3.02 -5.75 -22.94
C ILE E 282 -3.79 -5.63 -21.62
N THR E 283 -4.92 -4.93 -21.66
CA THR E 283 -5.84 -4.80 -20.54
C THR E 283 -7.22 -5.27 -21.02
N PRO E 284 -8.15 -5.51 -20.09
CA PRO E 284 -9.52 -5.87 -20.53
C PRO E 284 -10.19 -4.81 -21.38
N ASN E 285 -9.76 -3.55 -21.28
CA ASN E 285 -10.28 -2.48 -22.14
C ASN E 285 -9.59 -2.40 -23.49
N GLY E 286 -8.62 -3.28 -23.76
CA GLY E 286 -7.82 -3.22 -24.97
C GLY E 286 -6.35 -2.98 -24.65
N SER E 287 -5.55 -2.96 -25.70
CA SER E 287 -4.13 -2.69 -25.52
C SER E 287 -3.94 -1.24 -25.11
N ILE E 288 -2.88 -0.99 -24.34
CA ILE E 288 -2.53 0.37 -23.93
C ILE E 288 -1.06 0.65 -24.25
N PRO E 289 -0.66 1.90 -24.50
CA PRO E 289 0.77 2.20 -24.57
C PRO E 289 1.45 1.93 -23.24
N ASN E 290 2.69 1.45 -23.30
CA ASN E 290 3.47 1.10 -22.11
C ASN E 290 4.67 2.02 -21.93
N ASP E 291 4.52 3.29 -22.32
CA ASP E 291 5.59 4.27 -22.09
C ASP E 291 5.50 4.88 -20.70
N LYS E 292 4.29 5.17 -20.24
CA LYS E 292 4.13 5.81 -18.94
C LYS E 292 4.40 4.80 -17.82
N PRO E 293 4.95 5.25 -16.68
CA PRO E 293 5.23 4.31 -15.60
C PRO E 293 4.00 3.76 -14.90
N PHE E 294 2.84 4.42 -15.02
CA PHE E 294 1.62 4.02 -14.32
C PHE E 294 0.45 4.02 -15.30
N GLN E 295 -0.63 3.35 -14.88
CA GLN E 295 -1.86 3.30 -15.66
C GLN E 295 -3.05 3.33 -14.71
N ASN E 296 -4.20 3.75 -15.25
CA ASN E 296 -5.47 3.73 -14.54
C ASN E 296 -6.56 3.18 -15.46
N VAL E 297 -6.20 2.21 -16.30
CA VAL E 297 -7.14 1.61 -17.23
C VAL E 297 -7.81 0.42 -16.56
N ASN E 298 -7.01 -0.51 -16.05
CA ASN E 298 -7.55 -1.68 -15.38
C ASN E 298 -6.50 -2.26 -14.44
N ARG E 299 -6.96 -3.08 -13.50
CA ARG E 299 -6.06 -3.80 -12.61
C ARG E 299 -5.53 -5.06 -13.28
N ILE E 300 -6.28 -5.62 -14.21
CA ILE E 300 -5.92 -6.86 -14.90
C ILE E 300 -5.01 -6.49 -16.05
N THR E 301 -3.81 -7.08 -16.08
CA THR E 301 -2.78 -6.74 -17.05
C THR E 301 -2.15 -8.00 -17.64
N TYR E 302 -1.58 -7.83 -18.84
CA TYR E 302 -0.74 -8.85 -19.45
C TYR E 302 0.33 -8.16 -20.27
N GLY E 303 1.56 -8.65 -20.17
CA GLY E 303 2.68 -8.10 -20.92
C GLY E 303 3.45 -7.08 -20.11
N ALA E 304 4.21 -6.27 -20.84
CA ALA E 304 5.16 -5.29 -20.27
C ALA E 304 4.36 -4.05 -19.87
N CYS E 305 3.51 -4.25 -18.79
CA CYS E 305 2.58 -3.17 -18.46
C CYS E 305 3.14 -2.20 -17.43
N PRO E 306 2.58 -0.98 -17.40
CA PRO E 306 2.75 -0.12 -16.23
C PRO E 306 1.96 -0.63 -15.04
N ARG E 307 2.30 -0.09 -13.87
CA ARG E 307 1.61 -0.46 -12.64
C ARG E 307 0.28 0.27 -12.52
N TYR E 308 -0.73 -0.43 -12.02
CA TYR E 308 -2.04 0.18 -11.82
C TYR E 308 -2.04 1.01 -10.54
N VAL E 309 -2.62 2.22 -10.62
CA VAL E 309 -2.74 3.12 -9.50
C VAL E 309 -4.18 3.62 -9.42
N LYS E 310 -4.55 4.13 -8.24
CA LYS E 310 -5.87 4.72 -8.05
C LYS E 310 -6.00 6.12 -8.62
N GLN E 311 -4.88 6.76 -8.95
CA GLN E 311 -4.92 8.15 -9.39
C GLN E 311 -5.42 8.24 -10.82
N ASN E 312 -6.31 9.20 -11.07
CA ASN E 312 -6.74 9.45 -12.43
C ASN E 312 -5.65 10.15 -13.24
N THR E 313 -4.84 10.98 -12.59
CA THR E 313 -3.75 11.67 -13.26
C THR E 313 -2.63 11.92 -12.27
N LEU E 314 -1.40 11.84 -12.77
CA LEU E 314 -0.21 12.25 -12.05
C LEU E 314 0.71 12.92 -13.04
N LYS E 315 0.95 14.21 -12.85
CA LYS E 315 1.71 15.00 -13.81
C LYS E 315 3.12 15.22 -13.28
N LEU E 316 4.10 14.85 -14.08
CA LEU E 316 5.51 14.96 -13.75
C LEU E 316 6.06 16.24 -14.37
N ALA E 317 6.59 17.12 -13.53
CA ALA E 317 7.12 18.37 -14.03
C ALA E 317 8.32 18.09 -14.94
N THR E 318 8.18 18.47 -16.21
CA THR E 318 9.29 18.47 -17.17
C THR E 318 9.73 19.91 -17.44
N GLY E 319 9.67 20.75 -16.43
CA GLY E 319 9.96 22.15 -16.60
C GLY E 319 10.20 22.80 -15.25
N MET E 320 10.07 24.12 -15.26
CA MET E 320 10.40 24.97 -14.13
C MET E 320 9.13 25.62 -13.61
N ARG E 321 9.24 26.38 -12.52
CA ARG E 321 8.09 27.15 -12.03
C ARG E 321 7.67 28.16 -13.08
N ASN E 322 6.36 28.21 -13.35
CA ASN E 322 5.79 29.17 -14.29
C ASN E 322 5.39 30.42 -13.50
N VAL E 323 6.36 31.29 -13.31
CA VAL E 323 6.14 32.56 -12.62
C VAL E 323 5.68 33.58 -13.65
N PRO E 324 4.41 33.97 -13.68
CA PRO E 324 3.91 34.78 -14.79
C PRO E 324 4.23 36.26 -14.60
N GLU E 325 4.06 37.00 -15.69
CA GLU E 325 4.15 38.45 -15.66
C GLU E 325 3.36 39.04 -16.82
N ALA E 334 13.52 48.21 -14.99
CA ALA E 334 12.75 47.88 -16.19
C ALA E 334 12.74 46.38 -16.43
N ILE E 335 13.90 45.75 -16.26
CA ILE E 335 14.07 44.31 -16.43
C ILE E 335 14.11 43.67 -15.06
N ALA E 336 13.25 42.68 -14.83
CA ALA E 336 12.99 42.21 -13.47
C ALA E 336 13.97 41.13 -13.02
N GLY E 337 14.11 40.04 -13.78
CA GLY E 337 14.93 38.92 -13.39
C GLY E 337 14.15 37.80 -12.73
N PHE E 338 14.86 36.70 -12.47
CA PHE E 338 14.19 35.46 -12.04
C PHE E 338 13.58 35.56 -10.65
N ILE E 339 14.12 36.42 -9.78
CA ILE E 339 13.60 36.47 -8.42
C ILE E 339 12.19 37.05 -8.40
N GLU E 340 11.91 38.02 -9.26
CA GLU E 340 10.60 38.65 -9.28
C GLU E 340 9.60 37.90 -10.17
N ASN E 341 10.02 37.48 -11.35
CA ASN E 341 9.10 36.84 -12.29
C ASN E 341 9.91 36.06 -13.33
N GLY E 342 9.19 35.36 -14.21
CA GLY E 342 9.77 34.74 -15.38
C GLY E 342 9.65 35.64 -16.60
N TRP E 343 10.26 35.18 -17.69
CA TRP E 343 10.30 35.89 -18.96
C TRP E 343 9.41 35.16 -19.96
N GLU E 344 8.23 35.72 -20.25
CA GLU E 344 7.33 35.10 -21.20
C GLU E 344 7.80 35.25 -22.64
N GLY E 345 8.71 36.17 -22.91
CA GLY E 345 9.22 36.39 -24.25
C GLY E 345 10.34 35.47 -24.69
N MET E 346 10.75 34.53 -23.85
CA MET E 346 11.84 33.63 -24.17
C MET E 346 11.32 32.43 -24.94
N VAL E 347 11.90 32.20 -26.13
CA VAL E 347 11.54 31.06 -26.97
C VAL E 347 12.78 30.27 -27.38
N ASP E 348 13.97 30.85 -27.18
CA ASP E 348 15.20 30.19 -27.60
C ASP E 348 15.77 29.22 -26.58
N GLY E 349 15.32 29.29 -25.33
CA GLY E 349 15.83 28.39 -24.32
C GLY E 349 15.05 28.53 -23.03
N TRP E 350 15.55 27.85 -22.00
CA TRP E 350 14.93 27.86 -20.68
C TRP E 350 15.56 28.89 -19.76
N TYR E 351 16.86 29.12 -19.88
CA TYR E 351 17.60 30.08 -19.09
C TYR E 351 18.24 31.07 -20.03
N GLY E 352 18.39 32.32 -19.58
CA GLY E 352 19.00 33.28 -20.47
C GLY E 352 19.29 34.59 -19.79
N PHE E 353 19.62 35.56 -20.64
CA PHE E 353 20.06 36.88 -20.26
C PHE E 353 19.22 37.92 -20.98
N ARG E 354 19.05 39.04 -20.31
CA ARG E 354 18.48 40.26 -20.86
C ARG E 354 19.42 41.36 -20.42
N HIS E 355 19.60 42.37 -21.25
CA HIS E 355 20.52 43.43 -20.86
C HIS E 355 20.05 44.77 -21.37
N GLN E 356 20.52 45.81 -20.69
CA GLN E 356 20.38 47.20 -21.08
C GLN E 356 21.77 47.83 -21.05
N ASN E 357 22.20 48.38 -22.18
CA ASN E 357 23.50 49.02 -22.29
C ASN E 357 23.36 50.30 -23.11
N SER E 358 24.51 50.85 -23.52
CA SER E 358 24.54 52.11 -24.26
C SER E 358 24.04 51.98 -25.69
N GLU E 359 23.95 50.77 -26.23
CA GLU E 359 23.45 50.54 -27.57
C GLU E 359 21.96 50.26 -27.63
N GLY E 360 21.40 49.69 -26.57
CA GLY E 360 20.00 49.37 -26.51
C GLY E 360 19.79 48.17 -25.61
N ARG E 361 18.57 47.67 -25.59
CA ARG E 361 18.21 46.51 -24.79
C ARG E 361 18.22 45.27 -25.68
N GLY E 362 18.35 44.10 -25.04
CA GLY E 362 18.30 42.87 -25.80
C GLY E 362 18.12 41.66 -24.91
N GLN E 363 18.02 40.50 -25.56
CA GLN E 363 17.75 39.22 -24.92
C GLN E 363 18.46 38.10 -25.68
N ALA E 364 18.97 37.11 -24.94
CA ALA E 364 19.58 35.92 -25.53
C ALA E 364 19.41 34.75 -24.58
N ALA E 365 19.41 33.54 -25.14
CA ALA E 365 19.36 32.33 -24.33
C ALA E 365 20.75 31.84 -23.95
N ASP E 366 20.82 31.22 -22.78
CA ASP E 366 22.02 30.47 -22.35
C ASP E 366 21.73 28.99 -22.57
N LEU E 367 22.34 28.42 -23.60
CA LEU E 367 22.02 27.07 -24.02
C LEU E 367 22.71 26.00 -23.19
N LYS E 368 23.84 26.31 -22.54
CA LYS E 368 24.51 25.28 -21.74
C LYS E 368 23.78 25.00 -20.44
N SER E 369 23.26 26.04 -19.78
CA SER E 369 22.48 25.81 -18.56
C SER E 369 21.15 25.14 -18.90
N THR E 370 20.57 25.55 -20.03
CA THR E 370 19.32 24.97 -20.49
C THR E 370 19.51 23.49 -20.78
N GLN E 371 20.60 23.14 -21.47
CA GLN E 371 20.85 21.75 -21.80
C GLN E 371 21.19 20.95 -20.54
N ALA E 372 21.91 21.54 -19.59
CA ALA E 372 22.20 20.80 -18.35
C ALA E 372 20.91 20.46 -17.61
N ALA E 373 19.99 21.42 -17.53
CA ALA E 373 18.71 21.15 -16.87
C ALA E 373 17.92 20.11 -17.64
N ILE E 374 17.92 20.21 -18.97
CA ILE E 374 17.18 19.25 -19.78
C ILE E 374 17.79 17.86 -19.65
N ASP E 375 19.12 17.77 -19.66
CA ASP E 375 19.77 16.47 -19.53
C ASP E 375 19.41 15.81 -18.20
N GLN E 376 19.36 16.59 -17.12
CA GLN E 376 18.98 16.00 -15.84
C GLN E 376 17.50 15.58 -15.84
N ILE E 377 16.65 16.37 -16.49
CA ILE E 377 15.24 15.99 -16.60
C ILE E 377 15.09 14.72 -17.44
N ASN E 378 15.82 14.62 -18.55
CA ASN E 378 15.80 13.41 -19.37
C ASN E 378 16.33 12.22 -18.60
N GLY E 379 17.30 12.42 -17.72
CA GLY E 379 17.75 11.32 -16.88
C GLY E 379 16.60 10.82 -16.02
N LYS E 380 15.85 11.76 -15.43
CA LYS E 380 14.68 11.38 -14.64
C LYS E 380 13.64 10.66 -15.49
N LEU E 381 13.40 11.15 -16.70
CA LEU E 381 12.43 10.54 -17.59
C LEU E 381 12.88 9.15 -18.00
N ASN E 382 14.18 8.97 -18.22
CA ASN E 382 14.70 7.66 -18.60
C ASN E 382 14.57 6.68 -17.44
N ARG E 383 14.62 7.19 -16.20
CA ARG E 383 14.40 6.31 -15.06
C ARG E 383 12.94 5.95 -14.90
N LEU E 384 12.03 6.85 -15.29
CA LEU E 384 10.59 6.61 -15.14
C LEU E 384 9.96 6.02 -16.39
N ILE E 385 10.21 6.63 -17.55
CA ILE E 385 9.50 6.33 -18.78
C ILE E 385 10.30 5.30 -19.57
N GLY E 386 9.62 4.27 -20.07
CA GLY E 386 10.25 3.18 -20.77
C GLY E 386 10.66 2.01 -19.90
N LYS E 387 10.50 2.12 -18.58
CA LYS E 387 10.81 1.05 -17.63
C LYS E 387 9.48 0.55 -17.06
N THR E 388 8.94 -0.49 -17.69
CA THR E 388 7.70 -1.12 -17.28
C THR E 388 7.97 -2.57 -16.91
N ASN E 389 6.97 -3.21 -16.30
CA ASN E 389 7.16 -4.50 -15.63
C ASN E 389 6.32 -5.57 -16.31
N GLU E 390 7.00 -6.57 -16.85
CA GLU E 390 6.33 -7.61 -17.61
C GLU E 390 5.74 -8.68 -16.69
N LYS E 391 4.43 -8.84 -16.74
CA LYS E 391 3.70 -9.80 -15.92
C LYS E 391 2.81 -10.62 -16.85
N PHE E 392 2.72 -11.94 -16.62
CA PHE E 392 1.94 -12.81 -17.49
C PHE E 392 0.73 -13.40 -16.79
N HIS E 393 0.92 -14.21 -15.75
CA HIS E 393 -0.16 -14.89 -15.06
C HIS E 393 -0.21 -14.38 -13.63
N GLN E 394 -1.35 -13.81 -13.25
CA GLN E 394 -1.56 -13.22 -11.94
C GLN E 394 -2.87 -13.75 -11.38
N ILE E 395 -3.18 -13.32 -10.15
CA ILE E 395 -4.42 -13.76 -9.52
C ILE E 395 -5.62 -13.11 -10.22
N GLU E 396 -6.80 -13.70 -9.99
CA GLU E 396 -8.03 -13.09 -10.47
C GLU E 396 -8.33 -11.84 -9.66
N LYS E 397 -8.69 -10.77 -10.37
CA LYS E 397 -8.90 -9.45 -9.77
C LYS E 397 -10.34 -8.96 -9.89
N GLU E 398 -11.19 -9.63 -10.66
CA GLU E 398 -12.62 -9.36 -10.72
C GLU E 398 -13.36 -10.68 -10.61
N PHE E 399 -14.47 -10.68 -9.88
CA PHE E 399 -15.21 -11.90 -9.56
C PHE E 399 -16.69 -11.70 -9.85
N SER E 400 -17.31 -12.72 -10.45
CA SER E 400 -18.73 -12.70 -10.75
C SER E 400 -19.59 -13.25 -9.62
N GLU E 401 -18.99 -13.86 -8.60
CA GLU E 401 -19.72 -14.41 -7.48
C GLU E 401 -18.84 -14.27 -6.23
N VAL E 402 -19.49 -14.34 -5.07
CA VAL E 402 -18.80 -14.26 -3.78
C VAL E 402 -18.62 -15.67 -3.24
N GLU E 403 -17.37 -16.04 -2.95
CA GLU E 403 -17.01 -17.39 -2.55
C GLU E 403 -16.64 -17.53 -1.08
N GLY E 404 -15.91 -16.56 -0.53
CA GLY E 404 -15.49 -16.63 0.87
C GLY E 404 -14.13 -16.06 1.17
N ARG E 405 -13.41 -16.71 2.09
CA ARG E 405 -12.16 -16.15 2.60
C ARG E 405 -11.06 -16.10 1.54
N ILE E 406 -11.10 -17.02 0.56
CA ILE E 406 -10.06 -17.01 -0.47
C ILE E 406 -10.24 -15.81 -1.37
N GLN E 407 -11.48 -15.51 -1.76
CA GLN E 407 -11.74 -14.32 -2.56
C GLN E 407 -11.41 -13.07 -1.77
N ASP E 408 -11.73 -13.07 -0.47
CA ASP E 408 -11.41 -11.93 0.38
C ASP E 408 -9.90 -11.73 0.46
N LEU E 409 -9.13 -12.82 0.52
CA LEU E 409 -7.68 -12.71 0.55
C LEU E 409 -7.13 -12.22 -0.78
N GLU E 410 -7.67 -12.71 -1.90
CA GLU E 410 -7.20 -12.24 -3.20
C GLU E 410 -7.50 -10.75 -3.38
N LYS E 411 -8.68 -10.31 -2.94
CA LYS E 411 -9.00 -8.90 -3.01
C LYS E 411 -8.11 -8.09 -2.08
N TYR E 412 -7.85 -8.61 -0.88
CA TYR E 412 -6.99 -7.91 0.07
C TYR E 412 -5.58 -7.76 -0.49
N VAL E 413 -5.03 -8.83 -1.07
CA VAL E 413 -3.68 -8.77 -1.64
C VAL E 413 -3.61 -7.79 -2.81
N GLU E 414 -4.61 -7.83 -3.70
CA GLU E 414 -4.56 -6.92 -4.84
C GLU E 414 -4.77 -5.47 -4.39
N ASP E 415 -5.68 -5.25 -3.43
CA ASP E 415 -5.93 -3.91 -2.94
C ASP E 415 -4.72 -3.38 -2.19
N THR E 416 -4.02 -4.24 -1.45
CA THR E 416 -2.81 -3.84 -0.74
C THR E 416 -1.75 -3.43 -1.74
N LYS E 417 -1.58 -4.23 -2.80
CA LYS E 417 -0.61 -3.90 -3.84
C LYS E 417 -0.97 -2.56 -4.48
N ILE E 418 -2.25 -2.32 -4.75
CA ILE E 418 -2.65 -1.07 -5.39
C ILE E 418 -2.43 0.10 -4.45
N ASP E 419 -2.79 -0.03 -3.18
CA ASP E 419 -2.57 1.05 -2.23
C ASP E 419 -1.09 1.36 -2.06
N LEU E 420 -0.24 0.33 -2.02
CA LEU E 420 1.19 0.55 -1.87
C LEU E 420 1.80 1.15 -3.13
N TRP E 421 1.38 0.71 -4.31
CA TRP E 421 1.91 1.32 -5.52
C TRP E 421 1.33 2.71 -5.74
N SER E 422 0.11 2.99 -5.27
CA SER E 422 -0.44 4.33 -5.36
C SER E 422 0.30 5.27 -4.42
N TYR E 423 0.64 4.78 -3.22
CA TYR E 423 1.46 5.56 -2.31
C TYR E 423 2.82 5.83 -2.93
N ASN E 424 3.44 4.80 -3.50
CA ASN E 424 4.74 4.97 -4.13
C ASN E 424 4.65 5.94 -5.31
N ALA E 425 3.56 5.87 -6.07
CA ALA E 425 3.37 6.78 -7.19
C ALA E 425 3.21 8.22 -6.72
N GLU E 426 2.47 8.45 -5.64
CA GLU E 426 2.31 9.83 -5.16
C GLU E 426 3.61 10.33 -4.53
N LEU E 427 4.30 9.47 -3.79
CA LEU E 427 5.56 9.89 -3.17
C LEU E 427 6.61 10.13 -4.24
N LEU E 428 6.64 9.27 -5.26
CA LEU E 428 7.59 9.40 -6.35
C LEU E 428 7.34 10.67 -7.15
N VAL E 429 6.08 10.93 -7.48
CA VAL E 429 5.75 12.14 -8.24
C VAL E 429 6.04 13.39 -7.42
N ALA E 430 5.66 13.40 -6.13
CA ALA E 430 5.93 14.56 -5.31
C ALA E 430 7.42 14.79 -5.10
N LEU E 431 8.18 13.71 -4.90
CA LEU E 431 9.64 13.86 -4.74
C LEU E 431 10.31 14.26 -6.04
N GLU E 432 9.89 13.67 -7.17
CA GLU E 432 10.50 14.03 -8.44
C GLU E 432 10.14 15.44 -8.85
N ASN E 433 8.92 15.88 -8.54
CA ASN E 433 8.53 17.24 -8.89
C ASN E 433 9.22 18.24 -7.98
N GLN E 434 9.36 17.93 -6.69
CA GLN E 434 10.07 18.83 -5.80
C GLN E 434 11.55 18.89 -6.21
N HIS E 435 12.11 17.75 -6.59
CA HIS E 435 13.49 17.73 -7.04
C HIS E 435 13.63 18.52 -8.34
N THR E 436 12.69 18.36 -9.27
CA THR E 436 12.74 19.10 -10.53
C THR E 436 12.68 20.60 -10.29
N ILE E 437 11.83 21.05 -9.37
CA ILE E 437 11.78 22.47 -9.06
C ILE E 437 13.09 22.91 -8.44
N ASP E 438 13.61 22.12 -7.50
CA ASP E 438 14.89 22.44 -6.88
C ASP E 438 16.00 22.40 -7.92
N LEU E 439 15.89 21.49 -8.87
CA LEU E 439 16.87 21.34 -9.95
C LEU E 439 16.92 22.58 -10.83
N THR E 440 15.76 23.07 -11.27
CA THR E 440 15.78 24.22 -12.16
C THR E 440 16.07 25.50 -11.38
N ASP E 441 15.74 25.53 -10.09
CA ASP E 441 16.10 26.68 -9.28
C ASP E 441 17.60 26.66 -9.02
N SER E 442 18.15 25.46 -8.84
CA SER E 442 19.58 25.32 -8.63
C SER E 442 20.34 25.68 -9.88
N GLU E 443 19.84 25.30 -11.06
CA GLU E 443 20.53 25.66 -12.30
C GLU E 443 20.49 27.16 -12.53
N MET E 444 19.37 27.80 -12.16
CA MET E 444 19.33 29.25 -12.25
C MET E 444 20.34 29.86 -11.28
N ASN E 445 20.47 29.26 -10.10
CA ASN E 445 21.40 29.78 -9.10
C ASN E 445 22.84 29.54 -9.49
N LYS E 446 23.16 28.41 -10.13
CA LYS E 446 24.54 28.21 -10.59
C LYS E 446 24.86 29.18 -11.71
N LEU E 447 23.89 29.47 -12.59
CA LEU E 447 24.18 30.43 -13.65
C LEU E 447 24.39 31.83 -13.05
N PHE E 448 23.60 32.17 -12.03
CA PHE E 448 23.76 33.47 -11.37
C PHE E 448 25.11 33.56 -10.66
N GLU E 449 25.46 32.52 -9.90
CA GLU E 449 26.73 32.52 -9.20
C GLU E 449 27.90 32.50 -10.17
N LYS E 450 27.78 31.76 -11.27
CA LYS E 450 28.82 31.74 -12.28
C LYS E 450 29.03 33.13 -12.85
N THR E 451 27.93 33.83 -13.16
CA THR E 451 28.04 35.18 -13.71
C THR E 451 28.69 36.10 -12.69
N LYS E 452 28.32 35.94 -11.42
CA LYS E 452 28.92 36.75 -10.36
C LYS E 452 30.41 36.51 -10.29
N LYS E 453 30.83 35.25 -10.40
CA LYS E 453 32.25 34.92 -10.36
C LYS E 453 33.01 35.48 -11.56
N GLN E 454 32.41 35.50 -12.75
CA GLN E 454 33.11 36.13 -13.87
C GLN E 454 33.20 37.64 -13.69
N LEU E 455 32.16 38.24 -13.14
CA LEU E 455 32.14 39.69 -12.96
C LEU E 455 33.02 40.13 -11.81
N ARG E 456 33.27 39.26 -10.83
CA ARG E 456 34.19 39.52 -9.71
C ARG E 456 33.68 40.74 -8.95
N GLU E 457 34.45 41.83 -8.86
CA GLU E 457 34.04 43.05 -8.19
C GLU E 457 33.53 44.11 -9.15
N ASN E 458 33.35 43.76 -10.43
CA ASN E 458 32.90 44.71 -11.43
C ASN E 458 31.39 44.85 -11.50
N ALA E 459 30.64 44.15 -10.64
CA ALA E 459 29.20 44.23 -10.67
C ALA E 459 28.65 43.95 -9.28
N GLU E 460 27.43 44.43 -9.04
CA GLU E 460 26.70 44.19 -7.80
C GLU E 460 25.36 43.52 -8.05
N ASP E 461 24.97 42.63 -7.14
CA ASP E 461 23.65 42.01 -7.16
C ASP E 461 22.65 43.02 -6.63
N MET E 462 21.73 43.48 -7.49
CA MET E 462 20.75 44.48 -7.09
C MET E 462 19.49 43.86 -6.48
N GLY E 463 19.44 42.54 -6.32
CA GLY E 463 18.46 41.89 -5.48
C GLY E 463 17.26 41.30 -6.18
N ASN E 464 17.08 41.54 -7.48
CA ASN E 464 15.95 41.00 -8.23
C ASN E 464 16.37 39.96 -9.26
N GLY E 465 17.59 39.46 -9.19
CA GLY E 465 18.12 38.55 -10.20
C GLY E 465 18.97 39.22 -11.25
N CYS E 466 19.31 40.48 -11.08
CA CYS E 466 20.09 41.26 -12.03
C CYS E 466 21.39 41.72 -11.39
N PHE E 467 22.39 41.94 -12.24
CA PHE E 467 23.65 42.53 -11.85
C PHE E 467 23.72 43.92 -12.45
N LYS E 468 24.20 44.87 -11.67
CA LYS E 468 24.52 46.20 -12.18
C LYS E 468 26.02 46.17 -12.43
N ILE E 469 26.41 46.38 -13.68
CA ILE E 469 27.80 46.37 -14.11
C ILE E 469 28.26 47.82 -14.17
N TYR E 470 29.34 48.12 -13.46
CA TYR E 470 29.76 49.49 -13.24
C TYR E 470 30.80 49.97 -14.27
N HIS E 471 30.87 49.32 -15.43
CA HIS E 471 31.74 49.74 -16.51
C HIS E 471 30.98 49.70 -17.83
N LYS E 472 31.55 50.35 -18.84
CA LYS E 472 31.02 50.25 -20.18
C LYS E 472 31.06 48.80 -20.63
N CYS E 473 29.89 48.27 -21.02
CA CYS E 473 29.77 46.86 -21.42
C CYS E 473 28.84 46.84 -22.63
N ASP E 474 29.43 46.80 -23.82
CA ASP E 474 28.67 46.83 -25.07
C ASP E 474 28.15 45.42 -25.36
N ASN E 475 27.62 45.21 -26.57
CA ASN E 475 27.08 43.89 -26.90
C ASN E 475 28.18 42.85 -26.98
N ALA E 476 29.39 43.25 -27.39
CA ALA E 476 30.52 42.32 -27.39
C ALA E 476 30.87 41.91 -25.97
N CYS E 477 30.84 42.88 -25.04
CA CYS E 477 31.08 42.59 -23.62
C CYS E 477 30.02 41.63 -23.07
N ILE E 478 28.75 41.91 -23.34
CA ILE E 478 27.67 41.05 -22.85
C ILE E 478 27.84 39.64 -23.43
N GLY E 479 28.16 39.54 -24.72
CA GLY E 479 28.40 38.25 -25.33
C GLY E 479 29.56 37.51 -24.67
N SER E 480 30.63 38.24 -24.35
CA SER E 480 31.77 37.63 -23.67
C SER E 480 31.36 37.09 -22.32
N ILE E 481 30.49 37.81 -21.61
CA ILE E 481 29.99 37.35 -20.33
C ILE E 481 29.16 36.09 -20.51
N ARG E 482 28.27 36.09 -21.50
CA ARG E 482 27.36 34.95 -21.71
C ARG E 482 28.12 33.64 -21.94
N ASN E 483 29.17 33.66 -22.76
CA ASN E 483 29.88 32.44 -23.13
C ASN E 483 31.13 32.19 -22.31
N GLY E 484 31.35 32.94 -21.23
CA GLY E 484 32.42 32.63 -20.30
C GLY E 484 33.79 33.06 -20.70
N THR E 485 33.92 34.06 -21.57
CA THR E 485 35.21 34.62 -21.96
C THR E 485 35.45 36.00 -21.37
N TYR E 486 34.59 36.45 -20.46
CA TYR E 486 34.75 37.78 -19.87
C TYR E 486 35.96 37.83 -18.96
N ASP E 487 36.81 38.83 -19.19
CA ASP E 487 38.01 39.06 -18.38
C ASP E 487 37.77 40.28 -17.51
N HIS E 488 37.69 40.05 -16.19
CA HIS E 488 37.39 41.14 -15.27
C HIS E 488 38.56 42.11 -15.09
N ASP E 489 39.78 41.70 -15.44
CA ASP E 489 40.94 42.53 -15.16
C ASP E 489 40.95 43.78 -16.03
N VAL E 490 40.56 43.66 -17.30
CA VAL E 490 40.68 44.79 -18.22
C VAL E 490 39.65 45.88 -17.89
N TYR E 491 38.51 45.51 -17.30
CA TYR E 491 37.47 46.46 -16.93
C TYR E 491 37.52 46.83 -15.45
N ARG E 492 38.57 46.43 -14.73
CA ARG E 492 38.52 46.51 -13.28
C ARG E 492 38.65 47.94 -12.77
N ASP E 493 39.48 48.77 -13.42
CA ASP E 493 39.68 50.11 -12.89
C ASP E 493 38.44 50.97 -13.09
N GLU E 494 37.79 50.85 -14.24
CA GLU E 494 36.59 51.65 -14.49
C GLU E 494 35.47 51.21 -13.56
N ALA E 495 35.28 49.90 -13.41
CA ALA E 495 34.21 49.38 -12.58
C ALA E 495 34.43 49.73 -11.11
N LEU E 496 35.69 49.69 -10.65
CA LEU E 496 35.94 50.07 -9.26
C LEU E 496 35.77 51.57 -9.05
N ASN E 497 36.16 52.38 -10.04
CA ASN E 497 35.98 53.83 -9.89
C ASN E 497 34.51 54.21 -9.87
N ASN E 498 33.68 53.51 -10.62
CA ASN E 498 32.24 53.80 -10.64
C ASN E 498 31.50 53.15 -9.48
N ARG E 499 31.97 52.00 -9.01
CA ARG E 499 31.30 51.27 -7.93
C ARG E 499 31.61 51.86 -6.56
N PHE E 500 32.84 52.29 -6.34
CA PHE E 500 33.26 52.90 -5.08
C PHE E 500 33.71 54.32 -5.35
N GLN E 501 33.06 55.28 -4.70
CA GLN E 501 33.36 56.70 -4.89
C GLN E 501 33.23 57.10 -6.36
#